data_1T6A
# 
_entry.id   1T6A 
# 
_audit_conform.dict_name       mmcif_pdbx.dic 
_audit_conform.dict_version    5.398 
_audit_conform.dict_location   http://mmcif.pdb.org/dictionaries/ascii/mmcif_pdbx.dic 
# 
loop_
_database_2.database_id 
_database_2.database_code 
_database_2.pdbx_database_accession 
_database_2.pdbx_DOI 
PDB   1T6A         pdb_00001t6a 10.2210/pdb1t6a/pdb 
RCSB  RCSB022365   ?            ?                   
WWPDB D_1000022365 ?            ?                   
# 
loop_
_pdbx_audit_revision_history.ordinal 
_pdbx_audit_revision_history.data_content_type 
_pdbx_audit_revision_history.major_revision 
_pdbx_audit_revision_history.minor_revision 
_pdbx_audit_revision_history.revision_date 
1 'Structure model' 1 0 2004-07-06 
2 'Structure model' 1 1 2008-04-30 
3 'Structure model' 1 2 2011-07-13 
4 'Structure model' 1 3 2024-10-30 
# 
_pdbx_audit_revision_details.ordinal             1 
_pdbx_audit_revision_details.revision_ordinal    1 
_pdbx_audit_revision_details.data_content_type   'Structure model' 
_pdbx_audit_revision_details.provider            repository 
_pdbx_audit_revision_details.type                'Initial release' 
_pdbx_audit_revision_details.description         ? 
_pdbx_audit_revision_details.details             ? 
# 
loop_
_pdbx_audit_revision_group.ordinal 
_pdbx_audit_revision_group.revision_ordinal 
_pdbx_audit_revision_group.data_content_type 
_pdbx_audit_revision_group.group 
1 2 'Structure model' 'Version format compliance' 
2 3 'Structure model' 'Version format compliance' 
3 4 'Structure model' 'Data collection'           
4 4 'Structure model' 'Database references'       
5 4 'Structure model' 'Derived calculations'      
6 4 'Structure model' 'Structure summary'         
# 
loop_
_pdbx_audit_revision_category.ordinal 
_pdbx_audit_revision_category.revision_ordinal 
_pdbx_audit_revision_category.data_content_type 
_pdbx_audit_revision_category.category 
1 4 'Structure model' chem_comp_atom               
2 4 'Structure model' chem_comp_bond               
3 4 'Structure model' database_2                   
4 4 'Structure model' pdbx_entry_details           
5 4 'Structure model' pdbx_modification_feature    
6 4 'Structure model' pdbx_struct_special_symmetry 
7 4 'Structure model' struct_conn                  
8 4 'Structure model' struct_site                  
# 
loop_
_pdbx_audit_revision_item.ordinal 
_pdbx_audit_revision_item.revision_ordinal 
_pdbx_audit_revision_item.data_content_type 
_pdbx_audit_revision_item.item 
1 4 'Structure model' '_database_2.pdbx_DOI'                
2 4 'Structure model' '_database_2.pdbx_database_accession' 
3 4 'Structure model' '_struct_conn.pdbx_leaving_atom_flag' 
4 4 'Structure model' '_struct_site.pdbx_auth_asym_id'      
5 4 'Structure model' '_struct_site.pdbx_auth_comp_id'      
6 4 'Structure model' '_struct_site.pdbx_auth_seq_id'       
# 
_pdbx_database_status.status_code                     REL 
_pdbx_database_status.entry_id                        1T6A 
_pdbx_database_status.recvd_initial_deposition_date   2004-05-05 
_pdbx_database_status.deposit_site                    RCSB 
_pdbx_database_status.process_site                    RCSB 
_pdbx_database_status.SG_entry                        Y 
_pdbx_database_status.status_code_sf                  REL 
_pdbx_database_status.pdb_format_compatible           Y 
_pdbx_database_status.status_code_mr                  ? 
_pdbx_database_status.status_code_cs                  ? 
_pdbx_database_status.status_code_nmr_data            ? 
_pdbx_database_status.methods_development_category    ? 
# 
_pdbx_database_related.db_name        TargetDB 
_pdbx_database_related.db_id          APC35969 
_pdbx_database_related.details        . 
_pdbx_database_related.content_type   unspecified 
# 
loop_
_audit_author.name 
_audit_author.pdbx_ordinal 
'Osipiuk, J.'                                   1 
'Wu, R.'                                        2 
'Moy, S.'                                       3 
'Collart, F.'                                   4 
'Joachimiak, A.'                                5 
'Midwest Center for Structural Genomics (MCSG)' 6 
# 
_citation.id                        primary 
_citation.title                     
'X-ray crystal structure of hypothetical protein (RBSTP2229 gene product) from Bacillus stearothermophilus' 
_citation.journal_abbrev            'To be Published' 
_citation.journal_volume            ? 
_citation.page_first                ? 
_citation.page_last                 ? 
_citation.year                      ? 
_citation.journal_id_ASTM           ? 
_citation.country                   ? 
_citation.journal_id_ISSN           ? 
_citation.journal_id_CSD            0353 
_citation.book_publisher            ? 
_citation.pdbx_database_id_PubMed   ? 
_citation.pdbx_database_id_DOI      ? 
# 
loop_
_citation_author.citation_id 
_citation_author.name 
_citation_author.ordinal 
_citation_author.identifier_ORCID 
primary 'Osipiuk, J.'    1 ? 
primary 'Wu, R.'         2 ? 
primary 'Moy, S.'        3 ? 
primary 'Collart, F.'    4 ? 
primary 'Joachimiak, A.' 5 ? 
# 
loop_
_entity.id 
_entity.type 
_entity.src_method 
_entity.pdbx_description 
_entity.formula_weight 
_entity.pdbx_number_of_molecules 
_entity.pdbx_ec 
_entity.pdbx_mutation 
_entity.pdbx_fragment 
_entity.details 
1 polymer     man 'RBSTP2229 gene product' 14134.426 1  ? ? ? ? 
2 non-polymer syn 'NITRATE ION'            62.005    1  ? ? ? ? 
3 water       nat water                    18.015    99 ? ? ? ? 
# 
_entity_poly.entity_id                      1 
_entity_poly.type                           'polypeptide(L)' 
_entity_poly.nstd_linkage                   no 
_entity_poly.nstd_monomer                   yes 
_entity_poly.pdbx_seq_one_letter_code       
;A(MSE)NTDLKLPAGKT(MSE)TIEDVKQLLERYQ(MSE)ALKKTGEQLGWAYEQAAFPYTVRIHESVLYLQGDGRLYKG
(MSE)AISVRTAGEETFIDIALPPGATHGDKGKANEFSKWLAKTLGGELHLFSGRT(MSE)VFGSA
;
_entity_poly.pdbx_seq_one_letter_code_can   
;AMNTDLKLPAGKTMTIEDVKQLLERYQMALKKTGEQLGWAYEQAAFPYTVRIHESVLYLQGDGRLYKGMAISVRTAGEET
FIDIALPPGATHGDKGKANEFSKWLAKTLGGELHLFSGRTMVFGSA
;
_entity_poly.pdbx_strand_id                 A 
_entity_poly.pdbx_target_identifier         APC35969 
# 
loop_
_pdbx_entity_nonpoly.entity_id 
_pdbx_entity_nonpoly.name 
_pdbx_entity_nonpoly.comp_id 
2 'NITRATE ION' NO3 
3 water         HOH 
# 
loop_
_entity_poly_seq.entity_id 
_entity_poly_seq.num 
_entity_poly_seq.mon_id 
_entity_poly_seq.hetero 
1 1   ALA n 
1 2   MSE n 
1 3   ASN n 
1 4   THR n 
1 5   ASP n 
1 6   LEU n 
1 7   LYS n 
1 8   LEU n 
1 9   PRO n 
1 10  ALA n 
1 11  GLY n 
1 12  LYS n 
1 13  THR n 
1 14  MSE n 
1 15  THR n 
1 16  ILE n 
1 17  GLU n 
1 18  ASP n 
1 19  VAL n 
1 20  LYS n 
1 21  GLN n 
1 22  LEU n 
1 23  LEU n 
1 24  GLU n 
1 25  ARG n 
1 26  TYR n 
1 27  GLN n 
1 28  MSE n 
1 29  ALA n 
1 30  LEU n 
1 31  LYS n 
1 32  LYS n 
1 33  THR n 
1 34  GLY n 
1 35  GLU n 
1 36  GLN n 
1 37  LEU n 
1 38  GLY n 
1 39  TRP n 
1 40  ALA n 
1 41  TYR n 
1 42  GLU n 
1 43  GLN n 
1 44  ALA n 
1 45  ALA n 
1 46  PHE n 
1 47  PRO n 
1 48  TYR n 
1 49  THR n 
1 50  VAL n 
1 51  ARG n 
1 52  ILE n 
1 53  HIS n 
1 54  GLU n 
1 55  SER n 
1 56  VAL n 
1 57  LEU n 
1 58  TYR n 
1 59  LEU n 
1 60  GLN n 
1 61  GLY n 
1 62  ASP n 
1 63  GLY n 
1 64  ARG n 
1 65  LEU n 
1 66  TYR n 
1 67  LYS n 
1 68  GLY n 
1 69  MSE n 
1 70  ALA n 
1 71  ILE n 
1 72  SER n 
1 73  VAL n 
1 74  ARG n 
1 75  THR n 
1 76  ALA n 
1 77  GLY n 
1 78  GLU n 
1 79  GLU n 
1 80  THR n 
1 81  PHE n 
1 82  ILE n 
1 83  ASP n 
1 84  ILE n 
1 85  ALA n 
1 86  LEU n 
1 87  PRO n 
1 88  PRO n 
1 89  GLY n 
1 90  ALA n 
1 91  THR n 
1 92  HIS n 
1 93  GLY n 
1 94  ASP n 
1 95  LYS n 
1 96  GLY n 
1 97  LYS n 
1 98  ALA n 
1 99  ASN n 
1 100 GLU n 
1 101 PHE n 
1 102 SER n 
1 103 LYS n 
1 104 TRP n 
1 105 LEU n 
1 106 ALA n 
1 107 LYS n 
1 108 THR n 
1 109 LEU n 
1 110 GLY n 
1 111 GLY n 
1 112 GLU n 
1 113 LEU n 
1 114 HIS n 
1 115 LEU n 
1 116 PHE n 
1 117 SER n 
1 118 GLY n 
1 119 ARG n 
1 120 THR n 
1 121 MSE n 
1 122 VAL n 
1 123 PHE n 
1 124 GLY n 
1 125 SER n 
1 126 ALA n 
# 
_entity_src_gen.entity_id                          1 
_entity_src_gen.pdbx_src_id                        1 
_entity_src_gen.pdbx_alt_source_flag               sample 
_entity_src_gen.pdbx_seq_type                      ? 
_entity_src_gen.pdbx_beg_seq_num                   ? 
_entity_src_gen.pdbx_end_seq_num                   ? 
_entity_src_gen.gene_src_common_name               ? 
_entity_src_gen.gene_src_genus                     Geobacillus 
_entity_src_gen.pdbx_gene_src_gene                 ? 
_entity_src_gen.gene_src_species                   ? 
_entity_src_gen.gene_src_strain                    ? 
_entity_src_gen.gene_src_tissue                    ? 
_entity_src_gen.gene_src_tissue_fraction           ? 
_entity_src_gen.gene_src_details                   ? 
_entity_src_gen.pdbx_gene_src_fragment             ? 
_entity_src_gen.pdbx_gene_src_scientific_name      'Geobacillus stearothermophilus' 
_entity_src_gen.pdbx_gene_src_ncbi_taxonomy_id     1422 
_entity_src_gen.pdbx_gene_src_variant              ? 
_entity_src_gen.pdbx_gene_src_cell_line            ? 
_entity_src_gen.pdbx_gene_src_atcc                 ? 
_entity_src_gen.pdbx_gene_src_organ                ? 
_entity_src_gen.pdbx_gene_src_organelle            ? 
_entity_src_gen.pdbx_gene_src_cell                 ? 
_entity_src_gen.pdbx_gene_src_cellular_location    ? 
_entity_src_gen.host_org_common_name               ? 
_entity_src_gen.pdbx_host_org_scientific_name      'Escherichia coli' 
_entity_src_gen.pdbx_host_org_ncbi_taxonomy_id     562 
_entity_src_gen.host_org_genus                     Escherichia 
_entity_src_gen.pdbx_host_org_gene                 ? 
_entity_src_gen.pdbx_host_org_organ                ? 
_entity_src_gen.host_org_species                   ? 
_entity_src_gen.pdbx_host_org_tissue               ? 
_entity_src_gen.pdbx_host_org_tissue_fraction      ? 
_entity_src_gen.pdbx_host_org_strain               ? 
_entity_src_gen.pdbx_host_org_variant              ? 
_entity_src_gen.pdbx_host_org_cell_line            ? 
_entity_src_gen.pdbx_host_org_atcc                 ? 
_entity_src_gen.pdbx_host_org_culture_collection   ? 
_entity_src_gen.pdbx_host_org_cell                 ? 
_entity_src_gen.pdbx_host_org_organelle            ? 
_entity_src_gen.pdbx_host_org_cellular_location    ? 
_entity_src_gen.pdbx_host_org_vector_type          ? 
_entity_src_gen.pdbx_host_org_vector               pMCSG7 
_entity_src_gen.host_org_details                   ? 
_entity_src_gen.expression_system_id               ? 
_entity_src_gen.plasmid_name                       ? 
_entity_src_gen.plasmid_details                    ? 
_entity_src_gen.pdbx_description                   ? 
# 
loop_
_chem_comp.id 
_chem_comp.type 
_chem_comp.mon_nstd_flag 
_chem_comp.name 
_chem_comp.pdbx_synonyms 
_chem_comp.formula 
_chem_comp.formula_weight 
ALA 'L-peptide linking' y ALANINE          ? 'C3 H7 N O2'     89.093  
ARG 'L-peptide linking' y ARGININE         ? 'C6 H15 N4 O2 1' 175.209 
ASN 'L-peptide linking' y ASPARAGINE       ? 'C4 H8 N2 O3'    132.118 
ASP 'L-peptide linking' y 'ASPARTIC ACID'  ? 'C4 H7 N O4'     133.103 
GLN 'L-peptide linking' y GLUTAMINE        ? 'C5 H10 N2 O3'   146.144 
GLU 'L-peptide linking' y 'GLUTAMIC ACID'  ? 'C5 H9 N O4'     147.129 
GLY 'peptide linking'   y GLYCINE          ? 'C2 H5 N O2'     75.067  
HIS 'L-peptide linking' y HISTIDINE        ? 'C6 H10 N3 O2 1' 156.162 
HOH non-polymer         . WATER            ? 'H2 O'           18.015  
ILE 'L-peptide linking' y ISOLEUCINE       ? 'C6 H13 N O2'    131.173 
LEU 'L-peptide linking' y LEUCINE          ? 'C6 H13 N O2'    131.173 
LYS 'L-peptide linking' y LYSINE           ? 'C6 H15 N2 O2 1' 147.195 
MSE 'L-peptide linking' n SELENOMETHIONINE ? 'C5 H11 N O2 Se' 196.106 
NO3 non-polymer         . 'NITRATE ION'    ? 'N O3 -1'        62.005  
PHE 'L-peptide linking' y PHENYLALANINE    ? 'C9 H11 N O2'    165.189 
PRO 'L-peptide linking' y PROLINE          ? 'C5 H9 N O2'     115.130 
SER 'L-peptide linking' y SERINE           ? 'C3 H7 N O3'     105.093 
THR 'L-peptide linking' y THREONINE        ? 'C4 H9 N O3'     119.119 
TRP 'L-peptide linking' y TRYPTOPHAN       ? 'C11 H12 N2 O2'  204.225 
TYR 'L-peptide linking' y TYROSINE         ? 'C9 H11 N O3'    181.189 
VAL 'L-peptide linking' y VALINE           ? 'C5 H11 N O2'    117.146 
# 
loop_
_pdbx_poly_seq_scheme.asym_id 
_pdbx_poly_seq_scheme.entity_id 
_pdbx_poly_seq_scheme.seq_id 
_pdbx_poly_seq_scheme.mon_id 
_pdbx_poly_seq_scheme.ndb_seq_num 
_pdbx_poly_seq_scheme.pdb_seq_num 
_pdbx_poly_seq_scheme.auth_seq_num 
_pdbx_poly_seq_scheme.pdb_mon_id 
_pdbx_poly_seq_scheme.auth_mon_id 
_pdbx_poly_seq_scheme.pdb_strand_id 
_pdbx_poly_seq_scheme.pdb_ins_code 
_pdbx_poly_seq_scheme.hetero 
A 1 1   ALA 1   0   0   ALA ALA A . n 
A 1 2   MSE 2   1   1   MSE MSE A . n 
A 1 3   ASN 3   2   2   ASN ASN A . n 
A 1 4   THR 4   3   3   THR THR A . n 
A 1 5   ASP 5   4   4   ASP ASP A . n 
A 1 6   LEU 6   5   5   LEU LEU A . n 
A 1 7   LYS 7   6   6   LYS LYS A . n 
A 1 8   LEU 8   7   7   LEU LEU A . n 
A 1 9   PRO 9   8   8   PRO PRO A . n 
A 1 10  ALA 10  9   9   ALA ALA A . n 
A 1 11  GLY 11  10  10  GLY GLY A . n 
A 1 12  LYS 12  11  11  LYS LYS A . n 
A 1 13  THR 13  12  12  THR THR A . n 
A 1 14  MSE 14  13  13  MSE MSE A . n 
A 1 15  THR 15  14  14  THR THR A . n 
A 1 16  ILE 16  15  15  ILE ILE A . n 
A 1 17  GLU 17  16  16  GLU GLU A . n 
A 1 18  ASP 18  17  17  ASP ASP A . n 
A 1 19  VAL 19  18  18  VAL VAL A . n 
A 1 20  LYS 20  19  19  LYS LYS A . n 
A 1 21  GLN 21  20  20  GLN GLN A . n 
A 1 22  LEU 22  21  21  LEU LEU A . n 
A 1 23  LEU 23  22  22  LEU LEU A . n 
A 1 24  GLU 24  23  23  GLU GLU A . n 
A 1 25  ARG 25  24  24  ARG ARG A . n 
A 1 26  TYR 26  25  25  TYR TYR A . n 
A 1 27  GLN 27  26  26  GLN GLN A . n 
A 1 28  MSE 28  27  27  MSE MSE A . n 
A 1 29  ALA 29  28  28  ALA ALA A . n 
A 1 30  LEU 30  29  29  LEU LEU A . n 
A 1 31  LYS 31  30  30  LYS LYS A . n 
A 1 32  LYS 32  31  31  LYS LYS A . n 
A 1 33  THR 33  32  32  THR THR A . n 
A 1 34  GLY 34  33  33  GLY GLY A . n 
A 1 35  GLU 35  34  34  GLU GLU A . n 
A 1 36  GLN 36  35  35  GLN GLN A . n 
A 1 37  LEU 37  36  36  LEU LEU A . n 
A 1 38  GLY 38  37  37  GLY GLY A . n 
A 1 39  TRP 39  38  38  TRP TRP A . n 
A 1 40  ALA 40  39  39  ALA ALA A . n 
A 1 41  TYR 41  40  40  TYR TYR A . n 
A 1 42  GLU 42  41  41  GLU GLU A . n 
A 1 43  GLN 43  42  42  GLN GLN A . n 
A 1 44  ALA 44  43  43  ALA ALA A . n 
A 1 45  ALA 45  44  44  ALA ALA A . n 
A 1 46  PHE 46  45  45  PHE PHE A . n 
A 1 47  PRO 47  46  46  PRO PRO A . n 
A 1 48  TYR 48  47  47  TYR TYR A . n 
A 1 49  THR 49  48  48  THR THR A . n 
A 1 50  VAL 50  49  49  VAL VAL A . n 
A 1 51  ARG 51  50  50  ARG ARG A . n 
A 1 52  ILE 52  51  51  ILE ILE A . n 
A 1 53  HIS 53  52  52  HIS HIS A . n 
A 1 54  GLU 54  53  53  GLU GLU A . n 
A 1 55  SER 55  54  54  SER SER A . n 
A 1 56  VAL 56  55  55  VAL VAL A . n 
A 1 57  LEU 57  56  56  LEU LEU A . n 
A 1 58  TYR 58  57  57  TYR TYR A . n 
A 1 59  LEU 59  58  58  LEU LEU A . n 
A 1 60  GLN 60  59  59  GLN GLN A . n 
A 1 61  GLY 61  60  60  GLY GLY A . n 
A 1 62  ASP 62  61  61  ASP ASP A . n 
A 1 63  GLY 63  62  62  GLY GLY A . n 
A 1 64  ARG 64  63  63  ARG ARG A . n 
A 1 65  LEU 65  64  64  LEU LEU A . n 
A 1 66  TYR 66  65  65  TYR TYR A . n 
A 1 67  LYS 67  66  66  LYS LYS A . n 
A 1 68  GLY 68  67  67  GLY GLY A . n 
A 1 69  MSE 69  68  68  MSE MSE A . n 
A 1 70  ALA 70  69  69  ALA ALA A . n 
A 1 71  ILE 71  70  70  ILE ILE A . n 
A 1 72  SER 72  71  71  SER SER A . n 
A 1 73  VAL 73  72  72  VAL VAL A . n 
A 1 74  ARG 74  73  73  ARG ARG A . n 
A 1 75  THR 75  74  74  THR THR A . n 
A 1 76  ALA 76  75  75  ALA ALA A . n 
A 1 77  GLY 77  76  76  GLY GLY A . n 
A 1 78  GLU 78  77  77  GLU GLU A . n 
A 1 79  GLU 79  78  78  GLU GLU A . n 
A 1 80  THR 80  79  79  THR THR A . n 
A 1 81  PHE 81  80  80  PHE PHE A . n 
A 1 82  ILE 82  81  81  ILE ILE A . n 
A 1 83  ASP 83  82  82  ASP ASP A . n 
A 1 84  ILE 84  83  83  ILE ILE A . n 
A 1 85  ALA 85  84  84  ALA ALA A . n 
A 1 86  LEU 86  85  85  LEU LEU A . n 
A 1 87  PRO 87  86  86  PRO PRO A . n 
A 1 88  PRO 88  87  87  PRO PRO A . n 
A 1 89  GLY 89  88  88  GLY GLY A . n 
A 1 90  ALA 90  89  89  ALA ALA A . n 
A 1 91  THR 91  90  90  THR THR A . n 
A 1 92  HIS 92  91  91  HIS HIS A . n 
A 1 93  GLY 93  92  92  GLY GLY A . n 
A 1 94  ASP 94  93  93  ASP ASP A . n 
A 1 95  LYS 95  94  94  LYS LYS A . n 
A 1 96  GLY 96  95  95  GLY GLY A . n 
A 1 97  LYS 97  96  96  LYS LYS A . n 
A 1 98  ALA 98  97  97  ALA ALA A . n 
A 1 99  ASN 99  98  98  ASN ASN A . n 
A 1 100 GLU 100 99  99  GLU GLU A . n 
A 1 101 PHE 101 100 100 PHE PHE A . n 
A 1 102 SER 102 101 101 SER SER A . n 
A 1 103 LYS 103 102 102 LYS LYS A . n 
A 1 104 TRP 104 103 103 TRP TRP A . n 
A 1 105 LEU 105 104 104 LEU LEU A . n 
A 1 106 ALA 106 105 105 ALA ALA A . n 
A 1 107 LYS 107 106 106 LYS LYS A . n 
A 1 108 THR 108 107 107 THR THR A . n 
A 1 109 LEU 109 108 108 LEU LEU A . n 
A 1 110 GLY 110 109 109 GLY GLY A . n 
A 1 111 GLY 111 110 110 GLY GLY A . n 
A 1 112 GLU 112 111 111 GLU GLU A . n 
A 1 113 LEU 113 112 112 LEU LEU A . n 
A 1 114 HIS 114 113 113 HIS HIS A . n 
A 1 115 LEU 115 114 114 LEU LEU A . n 
A 1 116 PHE 116 115 115 PHE PHE A . n 
A 1 117 SER 117 116 116 SER SER A . n 
A 1 118 GLY 118 117 117 GLY GLY A . n 
A 1 119 ARG 119 118 118 ARG ARG A . n 
A 1 120 THR 120 119 119 THR THR A . n 
A 1 121 MSE 121 120 120 MSE MSE A . n 
A 1 122 VAL 122 121 121 VAL VAL A . n 
A 1 123 PHE 123 122 122 PHE PHE A . n 
A 1 124 GLY 124 123 123 GLY GLY A . n 
A 1 125 SER 125 124 ?   ?   ?   A . n 
A 1 126 ALA 126 125 ?   ?   ?   A . n 
# 
loop_
_pdbx_nonpoly_scheme.asym_id 
_pdbx_nonpoly_scheme.entity_id 
_pdbx_nonpoly_scheme.mon_id 
_pdbx_nonpoly_scheme.ndb_seq_num 
_pdbx_nonpoly_scheme.pdb_seq_num 
_pdbx_nonpoly_scheme.auth_seq_num 
_pdbx_nonpoly_scheme.pdb_mon_id 
_pdbx_nonpoly_scheme.auth_mon_id 
_pdbx_nonpoly_scheme.pdb_strand_id 
_pdbx_nonpoly_scheme.pdb_ins_code 
B 2 NO3 1  201 201 NO3 NO3 A . 
C 3 HOH 1  202 1   HOH HOH A . 
C 3 HOH 2  203 2   HOH HOH A . 
C 3 HOH 3  204 3   HOH HOH A . 
C 3 HOH 4  205 4   HOH HOH A . 
C 3 HOH 5  206 5   HOH HOH A . 
C 3 HOH 6  207 6   HOH HOH A . 
C 3 HOH 7  208 7   HOH HOH A . 
C 3 HOH 8  209 8   HOH HOH A . 
C 3 HOH 9  210 9   HOH HOH A . 
C 3 HOH 10 211 10  HOH HOH A . 
C 3 HOH 11 212 11  HOH HOH A . 
C 3 HOH 12 213 12  HOH HOH A . 
C 3 HOH 13 214 13  HOH HOH A . 
C 3 HOH 14 215 14  HOH HOH A . 
C 3 HOH 15 216 15  HOH HOH A . 
C 3 HOH 16 217 16  HOH HOH A . 
C 3 HOH 17 218 17  HOH HOH A . 
C 3 HOH 18 219 18  HOH HOH A . 
C 3 HOH 19 220 19  HOH HOH A . 
C 3 HOH 20 221 20  HOH HOH A . 
C 3 HOH 21 222 21  HOH HOH A . 
C 3 HOH 22 223 22  HOH HOH A . 
C 3 HOH 23 224 23  HOH HOH A . 
C 3 HOH 24 225 24  HOH HOH A . 
C 3 HOH 25 226 25  HOH HOH A . 
C 3 HOH 26 227 26  HOH HOH A . 
C 3 HOH 27 228 27  HOH HOH A . 
C 3 HOH 28 229 28  HOH HOH A . 
C 3 HOH 29 230 29  HOH HOH A . 
C 3 HOH 30 231 30  HOH HOH A . 
C 3 HOH 31 232 31  HOH HOH A . 
C 3 HOH 32 233 32  HOH HOH A . 
C 3 HOH 33 234 33  HOH HOH A . 
C 3 HOH 34 235 34  HOH HOH A . 
C 3 HOH 35 236 35  HOH HOH A . 
C 3 HOH 36 237 36  HOH HOH A . 
C 3 HOH 37 238 37  HOH HOH A . 
C 3 HOH 38 239 38  HOH HOH A . 
C 3 HOH 39 240 39  HOH HOH A . 
C 3 HOH 40 241 40  HOH HOH A . 
C 3 HOH 41 242 41  HOH HOH A . 
C 3 HOH 42 243 42  HOH HOH A . 
C 3 HOH 43 244 43  HOH HOH A . 
C 3 HOH 44 245 44  HOH HOH A . 
C 3 HOH 45 246 45  HOH HOH A . 
C 3 HOH 46 247 46  HOH HOH A . 
C 3 HOH 47 248 47  HOH HOH A . 
C 3 HOH 48 249 48  HOH HOH A . 
C 3 HOH 49 250 49  HOH HOH A . 
C 3 HOH 50 251 50  HOH HOH A . 
C 3 HOH 51 252 51  HOH HOH A . 
C 3 HOH 52 253 52  HOH HOH A . 
C 3 HOH 53 254 53  HOH HOH A . 
C 3 HOH 54 255 54  HOH HOH A . 
C 3 HOH 55 256 55  HOH HOH A . 
C 3 HOH 56 257 56  HOH HOH A . 
C 3 HOH 57 258 57  HOH HOH A . 
C 3 HOH 58 259 58  HOH HOH A . 
C 3 HOH 59 260 59  HOH HOH A . 
C 3 HOH 60 261 60  HOH HOH A . 
C 3 HOH 61 262 61  HOH HOH A . 
C 3 HOH 62 263 62  HOH HOH A . 
C 3 HOH 63 264 63  HOH HOH A . 
C 3 HOH 64 265 64  HOH HOH A . 
C 3 HOH 65 266 65  HOH HOH A . 
C 3 HOH 66 267 66  HOH HOH A . 
C 3 HOH 67 268 67  HOH HOH A . 
C 3 HOH 68 269 68  HOH HOH A . 
C 3 HOH 69 270 69  HOH HOH A . 
C 3 HOH 70 271 70  HOH HOH A . 
C 3 HOH 71 272 71  HOH HOH A . 
C 3 HOH 72 273 72  HOH HOH A . 
C 3 HOH 73 274 73  HOH HOH A . 
C 3 HOH 74 275 74  HOH HOH A . 
C 3 HOH 75 276 75  HOH HOH A . 
C 3 HOH 76 277 76  HOH HOH A . 
C 3 HOH 77 278 77  HOH HOH A . 
C 3 HOH 78 279 78  HOH HOH A . 
C 3 HOH 79 280 79  HOH HOH A . 
C 3 HOH 80 281 80  HOH HOH A . 
C 3 HOH 81 282 81  HOH HOH A . 
C 3 HOH 82 283 82  HOH HOH A . 
C 3 HOH 83 284 83  HOH HOH A . 
C 3 HOH 84 285 84  HOH HOH A . 
C 3 HOH 85 286 85  HOH HOH A . 
C 3 HOH 86 287 86  HOH HOH A . 
C 3 HOH 87 288 87  HOH HOH A . 
C 3 HOH 88 289 88  HOH HOH A . 
C 3 HOH 89 290 89  HOH HOH A . 
C 3 HOH 90 291 90  HOH HOH A . 
C 3 HOH 91 292 91  HOH HOH A . 
C 3 HOH 92 293 92  HOH HOH A . 
C 3 HOH 93 294 93  HOH HOH A . 
C 3 HOH 94 295 94  HOH HOH A . 
C 3 HOH 95 296 95  HOH HOH A . 
C 3 HOH 96 297 96  HOH HOH A . 
C 3 HOH 97 298 97  HOH HOH A . 
C 3 HOH 98 299 98  HOH HOH A . 
C 3 HOH 99 300 99  HOH HOH A . 
# 
loop_
_software.name 
_software.classification 
_software.version 
_software.citation_id 
_software.pdbx_ordinal 
REFMAC    refinement       5.1.24 ? 1 
HKL-2000  'data reduction' .      ? 2 
SCALEPACK 'data scaling'   .      ? 3 
SHELXD    phasing          .      ? 4 
SOLVE     phasing          .      ? 5 
RESOLVE   phasing          .      ? 6 
# 
_cell.entry_id           1T6A 
_cell.length_a           77.307 
_cell.length_b           77.307 
_cell.length_c           200.410 
_cell.angle_alpha        90.00 
_cell.angle_beta         90.00 
_cell.angle_gamma        120.00 
_cell.Z_PDB              18 
_cell.pdbx_unique_axis   ? 
# 
_symmetry.entry_id                         1T6A 
_symmetry.space_group_name_H-M             'H 3 2' 
_symmetry.pdbx_full_space_group_name_H-M   ? 
_symmetry.cell_setting                     ? 
_symmetry.Int_Tables_number                155 
_symmetry.space_group_name_Hall            ? 
# 
_exptl.entry_id          1T6A 
_exptl.method            'X-RAY DIFFRACTION' 
_exptl.crystals_number   1 
# 
_exptl_crystal.id                    1 
_exptl_crystal.density_meas          ? 
_exptl_crystal.density_percent_sol   69.7 
_exptl_crystal.description           ? 
_exptl_crystal.density_Matthews      4.1 
_exptl_crystal.F_000                 ? 
_exptl_crystal.preparation           ? 
# 
_exptl_crystal_grow.crystal_id      1 
_exptl_crystal_grow.method          'VAPOR DIFFUSION, SITTING DROP' 
_exptl_crystal_grow.temp            294 
_exptl_crystal_grow.temp_details    ? 
_exptl_crystal_grow.pH              7.0 
_exptl_crystal_grow.pdbx_details    'Bis-Tris-Propane, Sodium Nitrate, pH 7.0, VAPOR DIFFUSION, SITTING DROP, temperature 294K' 
_exptl_crystal_grow.pdbx_pH_range   . 
# 
_diffrn.id                     1 
_diffrn.ambient_temp           100 
_diffrn.ambient_temp_details   ? 
_diffrn.crystal_id             1 
# 
_diffrn_detector.diffrn_id              1 
_diffrn_detector.detector               CCD 
_diffrn_detector.type                   SBC-2 
_diffrn_detector.pdbx_collection_date   2004-04-12 
_diffrn_detector.details                ? 
# 
_diffrn_radiation.diffrn_id                        1 
_diffrn_radiation.wavelength_id                    1 
_diffrn_radiation.pdbx_monochromatic_or_laue_m_l   M 
_diffrn_radiation.monochromator                    'double crystal monochromator' 
_diffrn_radiation.pdbx_diffrn_protocol             'SINGLE WAVELENGTH' 
_diffrn_radiation.pdbx_scattering_type             x-ray 
# 
_diffrn_radiation_wavelength.id           1 
_diffrn_radiation_wavelength.wavelength   0.97952 
_diffrn_radiation_wavelength.wt           1.0 
# 
_diffrn_source.diffrn_id                   1 
_diffrn_source.source                      SYNCHROTRON 
_diffrn_source.type                        'APS BEAMLINE 19-BM' 
_diffrn_source.pdbx_synchrotron_site       APS 
_diffrn_source.pdbx_synchrotron_beamline   19-BM 
_diffrn_source.pdbx_wavelength             ? 
_diffrn_source.pdbx_wavelength_list        0.97952 
# 
_reflns.entry_id                     1T6A 
_reflns.observed_criterion_sigma_F   0 
_reflns.observed_criterion_sigma_I   0 
_reflns.d_resolution_high            2.05 
_reflns.d_resolution_low             40 
_reflns.number_all                   14861 
_reflns.number_obs                   14757 
_reflns.percent_possible_obs         99.3 
_reflns.pdbx_Rmerge_I_obs            0.088 
_reflns.pdbx_Rsym_value              ? 
_reflns.pdbx_netI_over_sigmaI        22.4 
_reflns.B_iso_Wilson_estimate        ? 
_reflns.pdbx_redundancy              9.9 
_reflns.R_free_details               ? 
_reflns.limit_h_max                  ? 
_reflns.limit_h_min                  ? 
_reflns.limit_k_max                  ? 
_reflns.limit_k_min                  ? 
_reflns.limit_l_max                  ? 
_reflns.limit_l_min                  ? 
_reflns.observed_criterion_F_max     ? 
_reflns.observed_criterion_F_min     ? 
_reflns.pdbx_chi_squared             ? 
_reflns.pdbx_scaling_rejects         ? 
_reflns.pdbx_diffrn_id               1 
_reflns.pdbx_ordinal                 1 
# 
_reflns_shell.d_res_high             2.05 
_reflns_shell.d_res_low              2.10 
_reflns_shell.percent_possible_all   94.3 
_reflns_shell.Rmerge_I_obs           0.432 
_reflns_shell.pdbx_Rsym_value        ? 
_reflns_shell.meanI_over_sigI_obs    2.07 
_reflns_shell.pdbx_redundancy        5.8 
_reflns_shell.percent_possible_obs   ? 
_reflns_shell.number_unique_all      1010 
_reflns_shell.number_measured_all    ? 
_reflns_shell.number_measured_obs    ? 
_reflns_shell.number_unique_obs      ? 
_reflns_shell.pdbx_chi_squared       ? 
_reflns_shell.pdbx_diffrn_id         ? 
_reflns_shell.pdbx_ordinal           1 
# 
_refine.entry_id                                 1T6A 
_refine.ls_number_reflns_obs                     14008 
_refine.ls_number_reflns_all                     14754 
_refine.pdbx_ls_sigma_I                          ? 
_refine.pdbx_ls_sigma_F                          0 
_refine.pdbx_data_cutoff_high_absF               ? 
_refine.pdbx_data_cutoff_low_absF                ? 
_refine.pdbx_data_cutoff_high_rms_absF           ? 
_refine.ls_d_res_low                             40.00 
_refine.ls_d_res_high                            2.05 
_refine.ls_percent_reflns_obs                    99.71 
_refine.ls_R_factor_obs                          0.19618 
_refine.ls_R_factor_all                          0.19618 
_refine.ls_R_factor_R_work                       0.19429 
_refine.ls_R_factor_R_free                       0.22462 
_refine.ls_R_factor_R_free_error                 ? 
_refine.ls_R_factor_R_free_error_details         ? 
_refine.ls_percent_reflns_R_free                 ? 
_refine.ls_number_reflns_R_free                  746 
_refine.ls_number_parameters                     ? 
_refine.ls_number_restraints                     ? 
_refine.occupancy_min                            ? 
_refine.occupancy_max                            ? 
_refine.correlation_coeff_Fo_to_Fc               0.953 
_refine.correlation_coeff_Fo_to_Fc_free          ? 
_refine.B_iso_mean                               30.926 
_refine.aniso_B[1][1]                            1.77 
_refine.aniso_B[2][2]                            1.77 
_refine.aniso_B[3][3]                            -2.65 
_refine.aniso_B[1][2]                            0.88 
_refine.aniso_B[1][3]                            0.00 
_refine.aniso_B[2][3]                            0.00 
_refine.solvent_model_details                    'BABINET MODEL WITH MASK' 
_refine.solvent_model_param_ksol                 ? 
_refine.solvent_model_param_bsol                 ? 
_refine.pdbx_solvent_vdw_probe_radii             1.40 
_refine.pdbx_solvent_ion_probe_radii             0.80 
_refine.pdbx_solvent_shrinkage_radii             0.80 
_refine.pdbx_ls_cross_valid_method               ? 
_refine.details                                  'HYDROGENS HAVE BEEN ADDED IN THE RIDING POSITIONS' 
_refine.pdbx_starting_model                      ? 
_refine.pdbx_method_to_determine_struct          SAD 
_refine.pdbx_isotropic_thermal_model             ? 
_refine.pdbx_stereochemistry_target_values       'MAXIMUM LIKELIHOOD' 
_refine.pdbx_stereochem_target_val_spec_case     ? 
_refine.pdbx_R_Free_selection_details            random 
_refine.pdbx_overall_ESU_R                       0.131 
_refine.pdbx_overall_ESU_R_Free                  ? 
_refine.overall_SU_ML                            0.075 
_refine.overall_SU_B                             2.831 
_refine.ls_redundancy_reflns_obs                 ? 
_refine.B_iso_min                                ? 
_refine.B_iso_max                                ? 
_refine.overall_SU_R_Cruickshank_DPI             ? 
_refine.overall_SU_R_free                        ? 
_refine.ls_wR_factor_R_free                      ? 
_refine.ls_wR_factor_R_work                      ? 
_refine.overall_FOM_free_R_set                   ? 
_refine.overall_FOM_work_R_set                   ? 
_refine.pdbx_refine_id                           'X-RAY DIFFRACTION' 
_refine.pdbx_diffrn_id                           1 
_refine.pdbx_TLS_residual_ADP_flag               ? 
_refine.pdbx_overall_phase_error                 ? 
_refine.pdbx_overall_SU_R_free_Cruickshank_DPI   ? 
_refine.pdbx_overall_SU_R_Blow_DPI               ? 
_refine.pdbx_overall_SU_R_free_Blow_DPI          ? 
# 
_refine_hist.pdbx_refine_id                   'X-RAY DIFFRACTION' 
_refine_hist.cycle_id                         LAST 
_refine_hist.pdbx_number_atoms_protein        997 
_refine_hist.pdbx_number_atoms_nucleic_acid   0 
_refine_hist.pdbx_number_atoms_ligand         4 
_refine_hist.number_atoms_solvent             100 
_refine_hist.number_atoms_total               1101 
_refine_hist.d_res_high                       2.05 
_refine_hist.d_res_low                        40.00 
# 
loop_
_refine_ls_restr.type 
_refine_ls_restr.dev_ideal 
_refine_ls_restr.dev_ideal_target 
_refine_ls_restr.weight 
_refine_ls_restr.number 
_refine_ls_restr.pdbx_refine_id 
_refine_ls_restr.pdbx_restraint_function 
r_bond_refined_d         0.011 0.022 ? 1020 'X-RAY DIFFRACTION' ? 
r_bond_other_d           0.002 0.020 ? 943  'X-RAY DIFFRACTION' ? 
r_angle_refined_deg      1.232 1.965 ? 1371 'X-RAY DIFFRACTION' ? 
r_angle_other_deg        1.305 3.000 ? 2201 'X-RAY DIFFRACTION' ? 
r_dihedral_angle_1_deg   5.624 5.000 ? 123  'X-RAY DIFFRACTION' ? 
r_chiral_restr           0.070 0.200 ? 150  'X-RAY DIFFRACTION' ? 
r_gen_planes_refined     0.004 0.020 ? 1109 'X-RAY DIFFRACTION' ? 
r_gen_planes_other       0.002 0.020 ? 208  'X-RAY DIFFRACTION' ? 
r_nbd_refined            0.192 0.200 ? 171  'X-RAY DIFFRACTION' ? 
r_nbd_other              0.231 0.200 ? 952  'X-RAY DIFFRACTION' ? 
r_nbtor_other            0.081 0.200 ? 578  'X-RAY DIFFRACTION' ? 
r_xyhbond_nbd_refined    0.216 0.200 ? 61   'X-RAY DIFFRACTION' ? 
r_symmetry_vdw_refined   0.139 0.200 ? 10   'X-RAY DIFFRACTION' ? 
r_symmetry_vdw_other     0.307 0.200 ? 76   'X-RAY DIFFRACTION' ? 
r_symmetry_hbond_refined 0.184 0.200 ? 13   'X-RAY DIFFRACTION' ? 
r_mcbond_it              0.834 1.500 ? 620  'X-RAY DIFFRACTION' ? 
r_mcangle_it             1.639 2.000 ? 987  'X-RAY DIFFRACTION' ? 
r_scbond_it              2.592 3.000 ? 400  'X-RAY DIFFRACTION' ? 
r_scangle_it             4.435 4.500 ? 384  'X-RAY DIFFRACTION' ? 
# 
_refine_ls_shell.pdbx_total_number_of_bins_used   20 
_refine_ls_shell.d_res_high                       2.053 
_refine_ls_shell.d_res_low                        2.106 
_refine_ls_shell.number_reflns_R_work             1051 
_refine_ls_shell.R_factor_R_work                  0.275 
_refine_ls_shell.percent_reflns_obs               ? 
_refine_ls_shell.R_factor_R_free                  0.314 
_refine_ls_shell.R_factor_R_free_error            ? 
_refine_ls_shell.percent_reflns_R_free            ? 
_refine_ls_shell.number_reflns_R_free             55 
_refine_ls_shell.number_reflns_obs                996 
_refine_ls_shell.redundancy_reflns_obs            ? 
_refine_ls_shell.number_reflns_all                ? 
_refine_ls_shell.pdbx_refine_id                   'X-RAY DIFFRACTION' 
_refine_ls_shell.R_factor_all                     ? 
# 
_struct.entry_id                  1T6A 
_struct.title                     'Crystal Structure of Protein of Unknown Function from Bacillus stearothermophilus' 
_struct.pdbx_model_details        ? 
_struct.pdbx_CASP_flag            ? 
_struct.pdbx_model_type_details   ? 
# 
_struct_keywords.entry_id        1T6A 
_struct_keywords.pdbx_keywords   'STRUCTURAL GENOMICS, UNKNOWN FUNCTION' 
_struct_keywords.text            
;structural genomics, hypothetical protein, Bacillus stearothermophilus, PSI, Protein Structure Initiative, Midwest Center for Structural Genomics, MCSG, UNKNOWN FUNCTION
;
# 
loop_
_struct_asym.id 
_struct_asym.pdbx_blank_PDB_chainid_flag 
_struct_asym.pdbx_modified 
_struct_asym.entity_id 
_struct_asym.details 
A N N 1 ? 
B N N 2 ? 
C N N 3 ? 
# 
_struct_ref.id                         1 
_struct_ref.db_name                    UNP 
_struct_ref.db_code                    P84137_BACST 
_struct_ref.pdbx_db_accession          P84137 
_struct_ref.entity_id                  1 
_struct_ref.pdbx_align_begin           1 
_struct_ref.pdbx_db_isoform            ? 
_struct_ref.pdbx_seq_one_letter_code   ? 
# 
_struct_ref_seq.align_id                      1 
_struct_ref_seq.ref_id                        1 
_struct_ref_seq.pdbx_PDB_id_code              1T6A 
_struct_ref_seq.pdbx_strand_id                A 
_struct_ref_seq.seq_align_beg                 1 
_struct_ref_seq.pdbx_seq_align_beg_ins_code   ? 
_struct_ref_seq.seq_align_end                 126 
_struct_ref_seq.pdbx_seq_align_end_ins_code   ? 
_struct_ref_seq.pdbx_db_accession             P84137 
_struct_ref_seq.db_align_beg                  1 
_struct_ref_seq.pdbx_db_align_beg_ins_code    ? 
_struct_ref_seq.db_align_end                  126 
_struct_ref_seq.pdbx_db_align_end_ins_code    ? 
_struct_ref_seq.pdbx_auth_seq_align_beg       0 
_struct_ref_seq.pdbx_auth_seq_align_end       125 
# 
_pdbx_struct_assembly.id                   1 
_pdbx_struct_assembly.details              author_defined_assembly 
_pdbx_struct_assembly.method_details       ? 
_pdbx_struct_assembly.oligomeric_details   monomeric 
_pdbx_struct_assembly.oligomeric_count     1 
# 
_pdbx_struct_assembly_gen.assembly_id       1 
_pdbx_struct_assembly_gen.oper_expression   1 
_pdbx_struct_assembly_gen.asym_id_list      A,B,C 
# 
_pdbx_struct_oper_list.id                   1 
_pdbx_struct_oper_list.type                 'identity operation' 
_pdbx_struct_oper_list.name                 1_555 
_pdbx_struct_oper_list.symmetry_operation   x,y,z 
_pdbx_struct_oper_list.matrix[1][1]         1.0000000000 
_pdbx_struct_oper_list.matrix[1][2]         0.0000000000 
_pdbx_struct_oper_list.matrix[1][3]         0.0000000000 
_pdbx_struct_oper_list.vector[1]            0.0000000000 
_pdbx_struct_oper_list.matrix[2][1]         0.0000000000 
_pdbx_struct_oper_list.matrix[2][2]         1.0000000000 
_pdbx_struct_oper_list.matrix[2][3]         0.0000000000 
_pdbx_struct_oper_list.vector[2]            0.0000000000 
_pdbx_struct_oper_list.matrix[3][1]         0.0000000000 
_pdbx_struct_oper_list.matrix[3][2]         0.0000000000 
_pdbx_struct_oper_list.matrix[3][3]         1.0000000000 
_pdbx_struct_oper_list.vector[3]            0.0000000000 
# 
_struct_biol.id                    1 
_struct_biol.details               'the biological assembly unknown' 
_struct_biol.pdbx_parent_biol_id   ? 
# 
loop_
_struct_conf.conf_type_id 
_struct_conf.id 
_struct_conf.pdbx_PDB_helix_id 
_struct_conf.beg_label_comp_id 
_struct_conf.beg_label_asym_id 
_struct_conf.beg_label_seq_id 
_struct_conf.pdbx_beg_PDB_ins_code 
_struct_conf.end_label_comp_id 
_struct_conf.end_label_asym_id 
_struct_conf.end_label_seq_id 
_struct_conf.pdbx_end_PDB_ins_code 
_struct_conf.beg_auth_comp_id 
_struct_conf.beg_auth_asym_id 
_struct_conf.beg_auth_seq_id 
_struct_conf.end_auth_comp_id 
_struct_conf.end_auth_asym_id 
_struct_conf.end_auth_seq_id 
_struct_conf.pdbx_PDB_helix_class 
_struct_conf.details 
_struct_conf.pdbx_PDB_helix_length 
HELX_P HELX_P1 1 THR A 15 ? PHE A 46  ? THR A 14 PHE A 45  1 ? 32 
HELX_P HELX_P2 2 THR A 91 ? GLY A 110 ? THR A 90 GLY A 109 1 ? 20 
# 
_struct_conf_type.id          HELX_P 
_struct_conf_type.criteria    ? 
_struct_conf_type.reference   ? 
# 
loop_
_struct_conn.id 
_struct_conn.conn_type_id 
_struct_conn.pdbx_leaving_atom_flag 
_struct_conn.pdbx_PDB_id 
_struct_conn.ptnr1_label_asym_id 
_struct_conn.ptnr1_label_comp_id 
_struct_conn.ptnr1_label_seq_id 
_struct_conn.ptnr1_label_atom_id 
_struct_conn.pdbx_ptnr1_label_alt_id 
_struct_conn.pdbx_ptnr1_PDB_ins_code 
_struct_conn.pdbx_ptnr1_standard_comp_id 
_struct_conn.ptnr1_symmetry 
_struct_conn.ptnr2_label_asym_id 
_struct_conn.ptnr2_label_comp_id 
_struct_conn.ptnr2_label_seq_id 
_struct_conn.ptnr2_label_atom_id 
_struct_conn.pdbx_ptnr2_label_alt_id 
_struct_conn.pdbx_ptnr2_PDB_ins_code 
_struct_conn.ptnr1_auth_asym_id 
_struct_conn.ptnr1_auth_comp_id 
_struct_conn.ptnr1_auth_seq_id 
_struct_conn.ptnr2_auth_asym_id 
_struct_conn.ptnr2_auth_comp_id 
_struct_conn.ptnr2_auth_seq_id 
_struct_conn.ptnr2_symmetry 
_struct_conn.pdbx_ptnr3_label_atom_id 
_struct_conn.pdbx_ptnr3_label_seq_id 
_struct_conn.pdbx_ptnr3_label_comp_id 
_struct_conn.pdbx_ptnr3_label_asym_id 
_struct_conn.pdbx_ptnr3_label_alt_id 
_struct_conn.pdbx_ptnr3_PDB_ins_code 
_struct_conn.details 
_struct_conn.pdbx_dist_value 
_struct_conn.pdbx_value_order 
_struct_conn.pdbx_role 
covale1  covale both ? A ALA 1   C ? ? ? 1_555 A MSE 2   N ? ? A ALA 0   A MSE 1   1_555 ? ? ? ? ? ? ? 1.343 ? ? 
covale2  covale both ? A MSE 2   C ? ? ? 1_555 A ASN 3   N ? ? A MSE 1   A ASN 2   1_555 ? ? ? ? ? ? ? 1.330 ? ? 
covale3  covale both ? A THR 13  C ? ? ? 1_555 A MSE 14  N ? ? A THR 12  A MSE 13  1_555 ? ? ? ? ? ? ? 1.319 ? ? 
covale4  covale both ? A MSE 14  C ? ? ? 1_555 A THR 15  N ? ? A MSE 13  A THR 14  1_555 ? ? ? ? ? ? ? 1.325 ? ? 
covale5  covale both ? A GLN 27  C ? ? ? 1_555 A MSE 28  N ? ? A GLN 26  A MSE 27  1_555 ? ? ? ? ? ? ? 1.329 ? ? 
covale6  covale both ? A MSE 28  C ? ? ? 1_555 A ALA 29  N ? ? A MSE 27  A ALA 28  1_555 ? ? ? ? ? ? ? 1.333 ? ? 
covale7  covale both ? A GLY 68  C ? ? ? 1_555 A MSE 69  N ? ? A GLY 67  A MSE 68  1_555 ? ? ? ? ? ? ? 1.325 ? ? 
covale8  covale both ? A MSE 69  C ? ? ? 1_555 A ALA 70  N ? ? A MSE 68  A ALA 69  1_555 ? ? ? ? ? ? ? 1.326 ? ? 
covale9  covale both ? A THR 120 C ? ? ? 1_555 A MSE 121 N ? ? A THR 119 A MSE 120 1_555 ? ? ? ? ? ? ? 1.329 ? ? 
covale10 covale both ? A MSE 121 C ? ? ? 1_555 A VAL 122 N ? ? A MSE 120 A VAL 121 1_555 ? ? ? ? ? ? ? 1.329 ? ? 
# 
_struct_conn_type.id          covale 
_struct_conn_type.criteria    ? 
_struct_conn_type.reference   ? 
# 
loop_
_pdbx_modification_feature.ordinal 
_pdbx_modification_feature.label_comp_id 
_pdbx_modification_feature.label_asym_id 
_pdbx_modification_feature.label_seq_id 
_pdbx_modification_feature.label_alt_id 
_pdbx_modification_feature.modified_residue_label_comp_id 
_pdbx_modification_feature.modified_residue_label_asym_id 
_pdbx_modification_feature.modified_residue_label_seq_id 
_pdbx_modification_feature.modified_residue_label_alt_id 
_pdbx_modification_feature.auth_comp_id 
_pdbx_modification_feature.auth_asym_id 
_pdbx_modification_feature.auth_seq_id 
_pdbx_modification_feature.PDB_ins_code 
_pdbx_modification_feature.symmetry 
_pdbx_modification_feature.modified_residue_auth_comp_id 
_pdbx_modification_feature.modified_residue_auth_asym_id 
_pdbx_modification_feature.modified_residue_auth_seq_id 
_pdbx_modification_feature.modified_residue_PDB_ins_code 
_pdbx_modification_feature.modified_residue_symmetry 
_pdbx_modification_feature.comp_id_linking_atom 
_pdbx_modification_feature.modified_residue_id_linking_atom 
_pdbx_modification_feature.modified_residue_id 
_pdbx_modification_feature.ref_pcm_id 
_pdbx_modification_feature.ref_comp_id 
_pdbx_modification_feature.type 
_pdbx_modification_feature.category 
1 MSE A 2   ? . . . . MSE A 1   ? 1_555 . . . . . . . MET 1 MSE Selenomethionine 'Named protein modification' 
2 MSE A 14  ? . . . . MSE A 13  ? 1_555 . . . . . . . MET 1 MSE Selenomethionine 'Named protein modification' 
3 MSE A 28  ? . . . . MSE A 27  ? 1_555 . . . . . . . MET 1 MSE Selenomethionine 'Named protein modification' 
4 MSE A 69  ? . . . . MSE A 68  ? 1_555 . . . . . . . MET 1 MSE Selenomethionine 'Named protein modification' 
5 MSE A 121 ? . . . . MSE A 120 ? 1_555 . . . . . . . MET 1 MSE Selenomethionine 'Named protein modification' 
# 
loop_
_struct_sheet.id 
_struct_sheet.type 
_struct_sheet.number_strands 
_struct_sheet.details 
A ? 4 ? 
B ? 2 ? 
# 
loop_
_struct_sheet_order.sheet_id 
_struct_sheet_order.range_id_1 
_struct_sheet_order.range_id_2 
_struct_sheet_order.offset 
_struct_sheet_order.sense 
A 1 2 ? anti-parallel 
A 2 3 ? anti-parallel 
A 3 4 ? anti-parallel 
B 1 2 ? anti-parallel 
# 
loop_
_struct_sheet_range.sheet_id 
_struct_sheet_range.id 
_struct_sheet_range.beg_label_comp_id 
_struct_sheet_range.beg_label_asym_id 
_struct_sheet_range.beg_label_seq_id 
_struct_sheet_range.pdbx_beg_PDB_ins_code 
_struct_sheet_range.end_label_comp_id 
_struct_sheet_range.end_label_asym_id 
_struct_sheet_range.end_label_seq_id 
_struct_sheet_range.pdbx_end_PDB_ins_code 
_struct_sheet_range.beg_auth_comp_id 
_struct_sheet_range.beg_auth_asym_id 
_struct_sheet_range.beg_auth_seq_id 
_struct_sheet_range.end_auth_comp_id 
_struct_sheet_range.end_auth_asym_id 
_struct_sheet_range.end_auth_seq_id 
A 1 TYR A 48  ? HIS A 53  ? TYR A 47  HIS A 52  
A 2 VAL A 56  ? GLY A 61  ? VAL A 55  GLY A 60  
A 3 GLY A 68  ? ALA A 76  ? GLY A 67  ALA A 75  
A 4 GLU A 79  ? ALA A 85  ? GLU A 78  ALA A 84  
B 1 GLY A 111 ? HIS A 114 ? GLY A 110 HIS A 113 
B 2 THR A 120 ? PHE A 123 ? THR A 119 PHE A 122 
# 
loop_
_pdbx_struct_sheet_hbond.sheet_id 
_pdbx_struct_sheet_hbond.range_id_1 
_pdbx_struct_sheet_hbond.range_id_2 
_pdbx_struct_sheet_hbond.range_1_label_atom_id 
_pdbx_struct_sheet_hbond.range_1_label_comp_id 
_pdbx_struct_sheet_hbond.range_1_label_asym_id 
_pdbx_struct_sheet_hbond.range_1_label_seq_id 
_pdbx_struct_sheet_hbond.range_1_PDB_ins_code 
_pdbx_struct_sheet_hbond.range_1_auth_atom_id 
_pdbx_struct_sheet_hbond.range_1_auth_comp_id 
_pdbx_struct_sheet_hbond.range_1_auth_asym_id 
_pdbx_struct_sheet_hbond.range_1_auth_seq_id 
_pdbx_struct_sheet_hbond.range_2_label_atom_id 
_pdbx_struct_sheet_hbond.range_2_label_comp_id 
_pdbx_struct_sheet_hbond.range_2_label_asym_id 
_pdbx_struct_sheet_hbond.range_2_label_seq_id 
_pdbx_struct_sheet_hbond.range_2_PDB_ins_code 
_pdbx_struct_sheet_hbond.range_2_auth_atom_id 
_pdbx_struct_sheet_hbond.range_2_auth_comp_id 
_pdbx_struct_sheet_hbond.range_2_auth_asym_id 
_pdbx_struct_sheet_hbond.range_2_auth_seq_id 
A 1 2 N ARG A 51  ? N ARG A 50  O TYR A 58  ? O TYR A 57  
A 2 3 N LEU A 57  ? N LEU A 56  O ILE A 71  ? O ILE A 70  
A 3 4 N ALA A 70  ? N ALA A 69  O ALA A 85  ? O ALA A 84  
B 1 2 N GLY A 111 ? N GLY A 110 O PHE A 123 ? O PHE A 122 
# 
_struct_site.id                   AC1 
_struct_site.pdbx_evidence_code   Software 
_struct_site.pdbx_auth_asym_id    A 
_struct_site.pdbx_auth_comp_id    NO3 
_struct_site.pdbx_auth_seq_id     201 
_struct_site.pdbx_auth_ins_code   ? 
_struct_site.pdbx_num_residues    8 
_struct_site.details              'BINDING SITE FOR RESIDUE NO3 A 201' 
# 
loop_
_struct_site_gen.id 
_struct_site_gen.site_id 
_struct_site_gen.pdbx_num_res 
_struct_site_gen.label_comp_id 
_struct_site_gen.label_asym_id 
_struct_site_gen.label_seq_id 
_struct_site_gen.pdbx_auth_ins_code 
_struct_site_gen.auth_comp_id 
_struct_site_gen.auth_asym_id 
_struct_site_gen.auth_seq_id 
_struct_site_gen.label_atom_id 
_struct_site_gen.label_alt_id 
_struct_site_gen.symmetry 
_struct_site_gen.details 
1 AC1 8 ASN A 99  ? ASN A 98  . ? 1_555 ? 
2 AC1 8 LYS A 103 ? LYS A 102 . ? 1_555 ? 
3 AC1 8 LYS A 107 ? LYS A 106 . ? 3_555 ? 
4 AC1 8 LEU A 115 ? LEU A 114 . ? 1_555 ? 
5 AC1 8 SER A 117 ? SER A 116 . ? 1_555 ? 
6 AC1 8 ARG A 119 ? ARG A 118 . ? 1_555 ? 
7 AC1 8 PHE A 123 ? PHE A 122 . ? 3_555 ? 
8 AC1 8 HOH C .   ? HOH A 222 . ? 1_555 ? 
# 
_pdbx_entry_details.entry_id                   1T6A 
_pdbx_entry_details.compound_details           ? 
_pdbx_entry_details.source_details             ? 
_pdbx_entry_details.nonpolymer_details         ? 
_pdbx_entry_details.sequence_details           ? 
_pdbx_entry_details.has_ligand_of_interest     ? 
_pdbx_entry_details.has_protein_modification   Y 
# 
loop_
_pdbx_validate_close_contact.id 
_pdbx_validate_close_contact.PDB_model_num 
_pdbx_validate_close_contact.auth_atom_id_1 
_pdbx_validate_close_contact.auth_asym_id_1 
_pdbx_validate_close_contact.auth_comp_id_1 
_pdbx_validate_close_contact.auth_seq_id_1 
_pdbx_validate_close_contact.PDB_ins_code_1 
_pdbx_validate_close_contact.label_alt_id_1 
_pdbx_validate_close_contact.auth_atom_id_2 
_pdbx_validate_close_contact.auth_asym_id_2 
_pdbx_validate_close_contact.auth_comp_id_2 
_pdbx_validate_close_contact.auth_seq_id_2 
_pdbx_validate_close_contact.PDB_ins_code_2 
_pdbx_validate_close_contact.label_alt_id_2 
_pdbx_validate_close_contact.dist 
1 1 NZ  A LYS 66 ? ? O A HOH 239 ? ? 2.13 
2 1 OE2 A GLU 99 ? ? O A HOH 270 ? ? 2.19 
# 
loop_
_pdbx_validate_rmsd_angle.id 
_pdbx_validate_rmsd_angle.PDB_model_num 
_pdbx_validate_rmsd_angle.auth_atom_id_1 
_pdbx_validate_rmsd_angle.auth_asym_id_1 
_pdbx_validate_rmsd_angle.auth_comp_id_1 
_pdbx_validate_rmsd_angle.auth_seq_id_1 
_pdbx_validate_rmsd_angle.PDB_ins_code_1 
_pdbx_validate_rmsd_angle.label_alt_id_1 
_pdbx_validate_rmsd_angle.auth_atom_id_2 
_pdbx_validate_rmsd_angle.auth_asym_id_2 
_pdbx_validate_rmsd_angle.auth_comp_id_2 
_pdbx_validate_rmsd_angle.auth_seq_id_2 
_pdbx_validate_rmsd_angle.PDB_ins_code_2 
_pdbx_validate_rmsd_angle.label_alt_id_2 
_pdbx_validate_rmsd_angle.auth_atom_id_3 
_pdbx_validate_rmsd_angle.auth_asym_id_3 
_pdbx_validate_rmsd_angle.auth_comp_id_3 
_pdbx_validate_rmsd_angle.auth_seq_id_3 
_pdbx_validate_rmsd_angle.PDB_ins_code_3 
_pdbx_validate_rmsd_angle.label_alt_id_3 
_pdbx_validate_rmsd_angle.angle_value 
_pdbx_validate_rmsd_angle.angle_target_value 
_pdbx_validate_rmsd_angle.angle_deviation 
_pdbx_validate_rmsd_angle.angle_standard_deviation 
_pdbx_validate_rmsd_angle.linker_flag 
1 1 CB A ASP 61  ? ? CG A ASP 61  ? ? OD2 A ASP 61  ? ? 123.94 118.30 5.64   0.90 N 
2 1 N  A GLY 123 ? ? CA A GLY 123 ? ? C   A GLY 123 ? A 97.73  113.10 -15.37 2.50 N 
# 
_pdbx_SG_project.id                    1 
_pdbx_SG_project.project_name          'PSI, Protein Structure Initiative' 
_pdbx_SG_project.full_name_of_center   'Midwest Center for Structural Genomics' 
_pdbx_SG_project.initial_of_center     MCSG 
# 
loop_
_pdbx_struct_mod_residue.id 
_pdbx_struct_mod_residue.label_asym_id 
_pdbx_struct_mod_residue.label_comp_id 
_pdbx_struct_mod_residue.label_seq_id 
_pdbx_struct_mod_residue.auth_asym_id 
_pdbx_struct_mod_residue.auth_comp_id 
_pdbx_struct_mod_residue.auth_seq_id 
_pdbx_struct_mod_residue.PDB_ins_code 
_pdbx_struct_mod_residue.parent_comp_id 
_pdbx_struct_mod_residue.details 
1 A MSE 2   A MSE 1   ? MET SELENOMETHIONINE 
2 A MSE 14  A MSE 13  ? MET SELENOMETHIONINE 
3 A MSE 28  A MSE 27  ? MET SELENOMETHIONINE 
4 A MSE 69  A MSE 68  ? MET SELENOMETHIONINE 
5 A MSE 121 A MSE 120 ? MET SELENOMETHIONINE 
# 
loop_
_pdbx_struct_special_symmetry.id 
_pdbx_struct_special_symmetry.PDB_model_num 
_pdbx_struct_special_symmetry.auth_asym_id 
_pdbx_struct_special_symmetry.auth_comp_id 
_pdbx_struct_special_symmetry.auth_seq_id 
_pdbx_struct_special_symmetry.PDB_ins_code 
_pdbx_struct_special_symmetry.label_asym_id 
_pdbx_struct_special_symmetry.label_comp_id 
_pdbx_struct_special_symmetry.label_seq_id 
1 1 A HOH 299 ? C HOH . 
2 1 A HOH 300 ? C HOH . 
# 
loop_
_pdbx_database_remark.id 
_pdbx_database_remark.text 
999 
;SEQUENCE
The sequence of the protein was not deposited into any 
sequence database.
;
300 
;BIOMOLECULE: 1
THIS ENTRY CONTAINS THE CRYSTALLOGRAPHIC ASYMMETRIC UNIT
WHICH CONSISTS OF 1 CHAIN(S).
The biological molecule for the protein is not known.
;
# 
loop_
_pdbx_unobs_or_zero_occ_residues.id 
_pdbx_unobs_or_zero_occ_residues.PDB_model_num 
_pdbx_unobs_or_zero_occ_residues.polymer_flag 
_pdbx_unobs_or_zero_occ_residues.occupancy_flag 
_pdbx_unobs_or_zero_occ_residues.auth_asym_id 
_pdbx_unobs_or_zero_occ_residues.auth_comp_id 
_pdbx_unobs_or_zero_occ_residues.auth_seq_id 
_pdbx_unobs_or_zero_occ_residues.PDB_ins_code 
_pdbx_unobs_or_zero_occ_residues.label_asym_id 
_pdbx_unobs_or_zero_occ_residues.label_comp_id 
_pdbx_unobs_or_zero_occ_residues.label_seq_id 
1 1 Y 1 A SER 124 ? A SER 125 
2 1 Y 1 A ALA 125 ? A ALA 126 
# 
loop_
_chem_comp_atom.comp_id 
_chem_comp_atom.atom_id 
_chem_comp_atom.type_symbol 
_chem_comp_atom.pdbx_aromatic_flag 
_chem_comp_atom.pdbx_stereo_config 
_chem_comp_atom.pdbx_ordinal 
ALA N    N  N N 1   
ALA CA   C  N S 2   
ALA C    C  N N 3   
ALA O    O  N N 4   
ALA CB   C  N N 5   
ALA OXT  O  N N 6   
ALA H    H  N N 7   
ALA H2   H  N N 8   
ALA HA   H  N N 9   
ALA HB1  H  N N 10  
ALA HB2  H  N N 11  
ALA HB3  H  N N 12  
ALA HXT  H  N N 13  
ARG N    N  N N 14  
ARG CA   C  N S 15  
ARG C    C  N N 16  
ARG O    O  N N 17  
ARG CB   C  N N 18  
ARG CG   C  N N 19  
ARG CD   C  N N 20  
ARG NE   N  N N 21  
ARG CZ   C  N N 22  
ARG NH1  N  N N 23  
ARG NH2  N  N N 24  
ARG OXT  O  N N 25  
ARG H    H  N N 26  
ARG H2   H  N N 27  
ARG HA   H  N N 28  
ARG HB2  H  N N 29  
ARG HB3  H  N N 30  
ARG HG2  H  N N 31  
ARG HG3  H  N N 32  
ARG HD2  H  N N 33  
ARG HD3  H  N N 34  
ARG HE   H  N N 35  
ARG HH11 H  N N 36  
ARG HH12 H  N N 37  
ARG HH21 H  N N 38  
ARG HH22 H  N N 39  
ARG HXT  H  N N 40  
ASN N    N  N N 41  
ASN CA   C  N S 42  
ASN C    C  N N 43  
ASN O    O  N N 44  
ASN CB   C  N N 45  
ASN CG   C  N N 46  
ASN OD1  O  N N 47  
ASN ND2  N  N N 48  
ASN OXT  O  N N 49  
ASN H    H  N N 50  
ASN H2   H  N N 51  
ASN HA   H  N N 52  
ASN HB2  H  N N 53  
ASN HB3  H  N N 54  
ASN HD21 H  N N 55  
ASN HD22 H  N N 56  
ASN HXT  H  N N 57  
ASP N    N  N N 58  
ASP CA   C  N S 59  
ASP C    C  N N 60  
ASP O    O  N N 61  
ASP CB   C  N N 62  
ASP CG   C  N N 63  
ASP OD1  O  N N 64  
ASP OD2  O  N N 65  
ASP OXT  O  N N 66  
ASP H    H  N N 67  
ASP H2   H  N N 68  
ASP HA   H  N N 69  
ASP HB2  H  N N 70  
ASP HB3  H  N N 71  
ASP HD2  H  N N 72  
ASP HXT  H  N N 73  
GLN N    N  N N 74  
GLN CA   C  N S 75  
GLN C    C  N N 76  
GLN O    O  N N 77  
GLN CB   C  N N 78  
GLN CG   C  N N 79  
GLN CD   C  N N 80  
GLN OE1  O  N N 81  
GLN NE2  N  N N 82  
GLN OXT  O  N N 83  
GLN H    H  N N 84  
GLN H2   H  N N 85  
GLN HA   H  N N 86  
GLN HB2  H  N N 87  
GLN HB3  H  N N 88  
GLN HG2  H  N N 89  
GLN HG3  H  N N 90  
GLN HE21 H  N N 91  
GLN HE22 H  N N 92  
GLN HXT  H  N N 93  
GLU N    N  N N 94  
GLU CA   C  N S 95  
GLU C    C  N N 96  
GLU O    O  N N 97  
GLU CB   C  N N 98  
GLU CG   C  N N 99  
GLU CD   C  N N 100 
GLU OE1  O  N N 101 
GLU OE2  O  N N 102 
GLU OXT  O  N N 103 
GLU H    H  N N 104 
GLU H2   H  N N 105 
GLU HA   H  N N 106 
GLU HB2  H  N N 107 
GLU HB3  H  N N 108 
GLU HG2  H  N N 109 
GLU HG3  H  N N 110 
GLU HE2  H  N N 111 
GLU HXT  H  N N 112 
GLY N    N  N N 113 
GLY CA   C  N N 114 
GLY C    C  N N 115 
GLY O    O  N N 116 
GLY OXT  O  N N 117 
GLY H    H  N N 118 
GLY H2   H  N N 119 
GLY HA2  H  N N 120 
GLY HA3  H  N N 121 
GLY HXT  H  N N 122 
HIS N    N  N N 123 
HIS CA   C  N S 124 
HIS C    C  N N 125 
HIS O    O  N N 126 
HIS CB   C  N N 127 
HIS CG   C  Y N 128 
HIS ND1  N  Y N 129 
HIS CD2  C  Y N 130 
HIS CE1  C  Y N 131 
HIS NE2  N  Y N 132 
HIS OXT  O  N N 133 
HIS H    H  N N 134 
HIS H2   H  N N 135 
HIS HA   H  N N 136 
HIS HB2  H  N N 137 
HIS HB3  H  N N 138 
HIS HD1  H  N N 139 
HIS HD2  H  N N 140 
HIS HE1  H  N N 141 
HIS HE2  H  N N 142 
HIS HXT  H  N N 143 
HOH O    O  N N 144 
HOH H1   H  N N 145 
HOH H2   H  N N 146 
ILE N    N  N N 147 
ILE CA   C  N S 148 
ILE C    C  N N 149 
ILE O    O  N N 150 
ILE CB   C  N S 151 
ILE CG1  C  N N 152 
ILE CG2  C  N N 153 
ILE CD1  C  N N 154 
ILE OXT  O  N N 155 
ILE H    H  N N 156 
ILE H2   H  N N 157 
ILE HA   H  N N 158 
ILE HB   H  N N 159 
ILE HG12 H  N N 160 
ILE HG13 H  N N 161 
ILE HG21 H  N N 162 
ILE HG22 H  N N 163 
ILE HG23 H  N N 164 
ILE HD11 H  N N 165 
ILE HD12 H  N N 166 
ILE HD13 H  N N 167 
ILE HXT  H  N N 168 
LEU N    N  N N 169 
LEU CA   C  N S 170 
LEU C    C  N N 171 
LEU O    O  N N 172 
LEU CB   C  N N 173 
LEU CG   C  N N 174 
LEU CD1  C  N N 175 
LEU CD2  C  N N 176 
LEU OXT  O  N N 177 
LEU H    H  N N 178 
LEU H2   H  N N 179 
LEU HA   H  N N 180 
LEU HB2  H  N N 181 
LEU HB3  H  N N 182 
LEU HG   H  N N 183 
LEU HD11 H  N N 184 
LEU HD12 H  N N 185 
LEU HD13 H  N N 186 
LEU HD21 H  N N 187 
LEU HD22 H  N N 188 
LEU HD23 H  N N 189 
LEU HXT  H  N N 190 
LYS N    N  N N 191 
LYS CA   C  N S 192 
LYS C    C  N N 193 
LYS O    O  N N 194 
LYS CB   C  N N 195 
LYS CG   C  N N 196 
LYS CD   C  N N 197 
LYS CE   C  N N 198 
LYS NZ   N  N N 199 
LYS OXT  O  N N 200 
LYS H    H  N N 201 
LYS H2   H  N N 202 
LYS HA   H  N N 203 
LYS HB2  H  N N 204 
LYS HB3  H  N N 205 
LYS HG2  H  N N 206 
LYS HG3  H  N N 207 
LYS HD2  H  N N 208 
LYS HD3  H  N N 209 
LYS HE2  H  N N 210 
LYS HE3  H  N N 211 
LYS HZ1  H  N N 212 
LYS HZ2  H  N N 213 
LYS HZ3  H  N N 214 
LYS HXT  H  N N 215 
MSE N    N  N N 216 
MSE CA   C  N S 217 
MSE C    C  N N 218 
MSE O    O  N N 219 
MSE OXT  O  N N 220 
MSE CB   C  N N 221 
MSE CG   C  N N 222 
MSE SE   SE N N 223 
MSE CE   C  N N 224 
MSE H    H  N N 225 
MSE H2   H  N N 226 
MSE HA   H  N N 227 
MSE HXT  H  N N 228 
MSE HB2  H  N N 229 
MSE HB3  H  N N 230 
MSE HG2  H  N N 231 
MSE HG3  H  N N 232 
MSE HE1  H  N N 233 
MSE HE2  H  N N 234 
MSE HE3  H  N N 235 
NO3 N    N  N N 236 
NO3 O1   O  N N 237 
NO3 O2   O  N N 238 
NO3 O3   O  N N 239 
PHE N    N  N N 240 
PHE CA   C  N S 241 
PHE C    C  N N 242 
PHE O    O  N N 243 
PHE CB   C  N N 244 
PHE CG   C  Y N 245 
PHE CD1  C  Y N 246 
PHE CD2  C  Y N 247 
PHE CE1  C  Y N 248 
PHE CE2  C  Y N 249 
PHE CZ   C  Y N 250 
PHE OXT  O  N N 251 
PHE H    H  N N 252 
PHE H2   H  N N 253 
PHE HA   H  N N 254 
PHE HB2  H  N N 255 
PHE HB3  H  N N 256 
PHE HD1  H  N N 257 
PHE HD2  H  N N 258 
PHE HE1  H  N N 259 
PHE HE2  H  N N 260 
PHE HZ   H  N N 261 
PHE HXT  H  N N 262 
PRO N    N  N N 263 
PRO CA   C  N S 264 
PRO C    C  N N 265 
PRO O    O  N N 266 
PRO CB   C  N N 267 
PRO CG   C  N N 268 
PRO CD   C  N N 269 
PRO OXT  O  N N 270 
PRO H    H  N N 271 
PRO HA   H  N N 272 
PRO HB2  H  N N 273 
PRO HB3  H  N N 274 
PRO HG2  H  N N 275 
PRO HG3  H  N N 276 
PRO HD2  H  N N 277 
PRO HD3  H  N N 278 
PRO HXT  H  N N 279 
SER N    N  N N 280 
SER CA   C  N S 281 
SER C    C  N N 282 
SER O    O  N N 283 
SER CB   C  N N 284 
SER OG   O  N N 285 
SER OXT  O  N N 286 
SER H    H  N N 287 
SER H2   H  N N 288 
SER HA   H  N N 289 
SER HB2  H  N N 290 
SER HB3  H  N N 291 
SER HG   H  N N 292 
SER HXT  H  N N 293 
THR N    N  N N 294 
THR CA   C  N S 295 
THR C    C  N N 296 
THR O    O  N N 297 
THR CB   C  N R 298 
THR OG1  O  N N 299 
THR CG2  C  N N 300 
THR OXT  O  N N 301 
THR H    H  N N 302 
THR H2   H  N N 303 
THR HA   H  N N 304 
THR HB   H  N N 305 
THR HG1  H  N N 306 
THR HG21 H  N N 307 
THR HG22 H  N N 308 
THR HG23 H  N N 309 
THR HXT  H  N N 310 
TRP N    N  N N 311 
TRP CA   C  N S 312 
TRP C    C  N N 313 
TRP O    O  N N 314 
TRP CB   C  N N 315 
TRP CG   C  Y N 316 
TRP CD1  C  Y N 317 
TRP CD2  C  Y N 318 
TRP NE1  N  Y N 319 
TRP CE2  C  Y N 320 
TRP CE3  C  Y N 321 
TRP CZ2  C  Y N 322 
TRP CZ3  C  Y N 323 
TRP CH2  C  Y N 324 
TRP OXT  O  N N 325 
TRP H    H  N N 326 
TRP H2   H  N N 327 
TRP HA   H  N N 328 
TRP HB2  H  N N 329 
TRP HB3  H  N N 330 
TRP HD1  H  N N 331 
TRP HE1  H  N N 332 
TRP HE3  H  N N 333 
TRP HZ2  H  N N 334 
TRP HZ3  H  N N 335 
TRP HH2  H  N N 336 
TRP HXT  H  N N 337 
TYR N    N  N N 338 
TYR CA   C  N S 339 
TYR C    C  N N 340 
TYR O    O  N N 341 
TYR CB   C  N N 342 
TYR CG   C  Y N 343 
TYR CD1  C  Y N 344 
TYR CD2  C  Y N 345 
TYR CE1  C  Y N 346 
TYR CE2  C  Y N 347 
TYR CZ   C  Y N 348 
TYR OH   O  N N 349 
TYR OXT  O  N N 350 
TYR H    H  N N 351 
TYR H2   H  N N 352 
TYR HA   H  N N 353 
TYR HB2  H  N N 354 
TYR HB3  H  N N 355 
TYR HD1  H  N N 356 
TYR HD2  H  N N 357 
TYR HE1  H  N N 358 
TYR HE2  H  N N 359 
TYR HH   H  N N 360 
TYR HXT  H  N N 361 
VAL N    N  N N 362 
VAL CA   C  N S 363 
VAL C    C  N N 364 
VAL O    O  N N 365 
VAL CB   C  N N 366 
VAL CG1  C  N N 367 
VAL CG2  C  N N 368 
VAL OXT  O  N N 369 
VAL H    H  N N 370 
VAL H2   H  N N 371 
VAL HA   H  N N 372 
VAL HB   H  N N 373 
VAL HG11 H  N N 374 
VAL HG12 H  N N 375 
VAL HG13 H  N N 376 
VAL HG21 H  N N 377 
VAL HG22 H  N N 378 
VAL HG23 H  N N 379 
VAL HXT  H  N N 380 
# 
loop_
_chem_comp_bond.comp_id 
_chem_comp_bond.atom_id_1 
_chem_comp_bond.atom_id_2 
_chem_comp_bond.value_order 
_chem_comp_bond.pdbx_aromatic_flag 
_chem_comp_bond.pdbx_stereo_config 
_chem_comp_bond.pdbx_ordinal 
ALA N   CA   sing N N 1   
ALA N   H    sing N N 2   
ALA N   H2   sing N N 3   
ALA CA  C    sing N N 4   
ALA CA  CB   sing N N 5   
ALA CA  HA   sing N N 6   
ALA C   O    doub N N 7   
ALA C   OXT  sing N N 8   
ALA CB  HB1  sing N N 9   
ALA CB  HB2  sing N N 10  
ALA CB  HB3  sing N N 11  
ALA OXT HXT  sing N N 12  
ARG N   CA   sing N N 13  
ARG N   H    sing N N 14  
ARG N   H2   sing N N 15  
ARG CA  C    sing N N 16  
ARG CA  CB   sing N N 17  
ARG CA  HA   sing N N 18  
ARG C   O    doub N N 19  
ARG C   OXT  sing N N 20  
ARG CB  CG   sing N N 21  
ARG CB  HB2  sing N N 22  
ARG CB  HB3  sing N N 23  
ARG CG  CD   sing N N 24  
ARG CG  HG2  sing N N 25  
ARG CG  HG3  sing N N 26  
ARG CD  NE   sing N N 27  
ARG CD  HD2  sing N N 28  
ARG CD  HD3  sing N N 29  
ARG NE  CZ   sing N N 30  
ARG NE  HE   sing N N 31  
ARG CZ  NH1  sing N N 32  
ARG CZ  NH2  doub N N 33  
ARG NH1 HH11 sing N N 34  
ARG NH1 HH12 sing N N 35  
ARG NH2 HH21 sing N N 36  
ARG NH2 HH22 sing N N 37  
ARG OXT HXT  sing N N 38  
ASN N   CA   sing N N 39  
ASN N   H    sing N N 40  
ASN N   H2   sing N N 41  
ASN CA  C    sing N N 42  
ASN CA  CB   sing N N 43  
ASN CA  HA   sing N N 44  
ASN C   O    doub N N 45  
ASN C   OXT  sing N N 46  
ASN CB  CG   sing N N 47  
ASN CB  HB2  sing N N 48  
ASN CB  HB3  sing N N 49  
ASN CG  OD1  doub N N 50  
ASN CG  ND2  sing N N 51  
ASN ND2 HD21 sing N N 52  
ASN ND2 HD22 sing N N 53  
ASN OXT HXT  sing N N 54  
ASP N   CA   sing N N 55  
ASP N   H    sing N N 56  
ASP N   H2   sing N N 57  
ASP CA  C    sing N N 58  
ASP CA  CB   sing N N 59  
ASP CA  HA   sing N N 60  
ASP C   O    doub N N 61  
ASP C   OXT  sing N N 62  
ASP CB  CG   sing N N 63  
ASP CB  HB2  sing N N 64  
ASP CB  HB3  sing N N 65  
ASP CG  OD1  doub N N 66  
ASP CG  OD2  sing N N 67  
ASP OD2 HD2  sing N N 68  
ASP OXT HXT  sing N N 69  
GLN N   CA   sing N N 70  
GLN N   H    sing N N 71  
GLN N   H2   sing N N 72  
GLN CA  C    sing N N 73  
GLN CA  CB   sing N N 74  
GLN CA  HA   sing N N 75  
GLN C   O    doub N N 76  
GLN C   OXT  sing N N 77  
GLN CB  CG   sing N N 78  
GLN CB  HB2  sing N N 79  
GLN CB  HB3  sing N N 80  
GLN CG  CD   sing N N 81  
GLN CG  HG2  sing N N 82  
GLN CG  HG3  sing N N 83  
GLN CD  OE1  doub N N 84  
GLN CD  NE2  sing N N 85  
GLN NE2 HE21 sing N N 86  
GLN NE2 HE22 sing N N 87  
GLN OXT HXT  sing N N 88  
GLU N   CA   sing N N 89  
GLU N   H    sing N N 90  
GLU N   H2   sing N N 91  
GLU CA  C    sing N N 92  
GLU CA  CB   sing N N 93  
GLU CA  HA   sing N N 94  
GLU C   O    doub N N 95  
GLU C   OXT  sing N N 96  
GLU CB  CG   sing N N 97  
GLU CB  HB2  sing N N 98  
GLU CB  HB3  sing N N 99  
GLU CG  CD   sing N N 100 
GLU CG  HG2  sing N N 101 
GLU CG  HG3  sing N N 102 
GLU CD  OE1  doub N N 103 
GLU CD  OE2  sing N N 104 
GLU OE2 HE2  sing N N 105 
GLU OXT HXT  sing N N 106 
GLY N   CA   sing N N 107 
GLY N   H    sing N N 108 
GLY N   H2   sing N N 109 
GLY CA  C    sing N N 110 
GLY CA  HA2  sing N N 111 
GLY CA  HA3  sing N N 112 
GLY C   O    doub N N 113 
GLY C   OXT  sing N N 114 
GLY OXT HXT  sing N N 115 
HIS N   CA   sing N N 116 
HIS N   H    sing N N 117 
HIS N   H2   sing N N 118 
HIS CA  C    sing N N 119 
HIS CA  CB   sing N N 120 
HIS CA  HA   sing N N 121 
HIS C   O    doub N N 122 
HIS C   OXT  sing N N 123 
HIS CB  CG   sing N N 124 
HIS CB  HB2  sing N N 125 
HIS CB  HB3  sing N N 126 
HIS CG  ND1  sing Y N 127 
HIS CG  CD2  doub Y N 128 
HIS ND1 CE1  doub Y N 129 
HIS ND1 HD1  sing N N 130 
HIS CD2 NE2  sing Y N 131 
HIS CD2 HD2  sing N N 132 
HIS CE1 NE2  sing Y N 133 
HIS CE1 HE1  sing N N 134 
HIS NE2 HE2  sing N N 135 
HIS OXT HXT  sing N N 136 
HOH O   H1   sing N N 137 
HOH O   H2   sing N N 138 
ILE N   CA   sing N N 139 
ILE N   H    sing N N 140 
ILE N   H2   sing N N 141 
ILE CA  C    sing N N 142 
ILE CA  CB   sing N N 143 
ILE CA  HA   sing N N 144 
ILE C   O    doub N N 145 
ILE C   OXT  sing N N 146 
ILE CB  CG1  sing N N 147 
ILE CB  CG2  sing N N 148 
ILE CB  HB   sing N N 149 
ILE CG1 CD1  sing N N 150 
ILE CG1 HG12 sing N N 151 
ILE CG1 HG13 sing N N 152 
ILE CG2 HG21 sing N N 153 
ILE CG2 HG22 sing N N 154 
ILE CG2 HG23 sing N N 155 
ILE CD1 HD11 sing N N 156 
ILE CD1 HD12 sing N N 157 
ILE CD1 HD13 sing N N 158 
ILE OXT HXT  sing N N 159 
LEU N   CA   sing N N 160 
LEU N   H    sing N N 161 
LEU N   H2   sing N N 162 
LEU CA  C    sing N N 163 
LEU CA  CB   sing N N 164 
LEU CA  HA   sing N N 165 
LEU C   O    doub N N 166 
LEU C   OXT  sing N N 167 
LEU CB  CG   sing N N 168 
LEU CB  HB2  sing N N 169 
LEU CB  HB3  sing N N 170 
LEU CG  CD1  sing N N 171 
LEU CG  CD2  sing N N 172 
LEU CG  HG   sing N N 173 
LEU CD1 HD11 sing N N 174 
LEU CD1 HD12 sing N N 175 
LEU CD1 HD13 sing N N 176 
LEU CD2 HD21 sing N N 177 
LEU CD2 HD22 sing N N 178 
LEU CD2 HD23 sing N N 179 
LEU OXT HXT  sing N N 180 
LYS N   CA   sing N N 181 
LYS N   H    sing N N 182 
LYS N   H2   sing N N 183 
LYS CA  C    sing N N 184 
LYS CA  CB   sing N N 185 
LYS CA  HA   sing N N 186 
LYS C   O    doub N N 187 
LYS C   OXT  sing N N 188 
LYS CB  CG   sing N N 189 
LYS CB  HB2  sing N N 190 
LYS CB  HB3  sing N N 191 
LYS CG  CD   sing N N 192 
LYS CG  HG2  sing N N 193 
LYS CG  HG3  sing N N 194 
LYS CD  CE   sing N N 195 
LYS CD  HD2  sing N N 196 
LYS CD  HD3  sing N N 197 
LYS CE  NZ   sing N N 198 
LYS CE  HE2  sing N N 199 
LYS CE  HE3  sing N N 200 
LYS NZ  HZ1  sing N N 201 
LYS NZ  HZ2  sing N N 202 
LYS NZ  HZ3  sing N N 203 
LYS OXT HXT  sing N N 204 
MSE N   CA   sing N N 205 
MSE N   H    sing N N 206 
MSE N   H2   sing N N 207 
MSE CA  C    sing N N 208 
MSE CA  CB   sing N N 209 
MSE CA  HA   sing N N 210 
MSE C   O    doub N N 211 
MSE C   OXT  sing N N 212 
MSE OXT HXT  sing N N 213 
MSE CB  CG   sing N N 214 
MSE CB  HB2  sing N N 215 
MSE CB  HB3  sing N N 216 
MSE CG  SE   sing N N 217 
MSE CG  HG2  sing N N 218 
MSE CG  HG3  sing N N 219 
MSE SE  CE   sing N N 220 
MSE CE  HE1  sing N N 221 
MSE CE  HE2  sing N N 222 
MSE CE  HE3  sing N N 223 
NO3 N   O1   doub N N 224 
NO3 N   O2   sing N N 225 
NO3 N   O3   sing N N 226 
PHE N   CA   sing N N 227 
PHE N   H    sing N N 228 
PHE N   H2   sing N N 229 
PHE CA  C    sing N N 230 
PHE CA  CB   sing N N 231 
PHE CA  HA   sing N N 232 
PHE C   O    doub N N 233 
PHE C   OXT  sing N N 234 
PHE CB  CG   sing N N 235 
PHE CB  HB2  sing N N 236 
PHE CB  HB3  sing N N 237 
PHE CG  CD1  doub Y N 238 
PHE CG  CD2  sing Y N 239 
PHE CD1 CE1  sing Y N 240 
PHE CD1 HD1  sing N N 241 
PHE CD2 CE2  doub Y N 242 
PHE CD2 HD2  sing N N 243 
PHE CE1 CZ   doub Y N 244 
PHE CE1 HE1  sing N N 245 
PHE CE2 CZ   sing Y N 246 
PHE CE2 HE2  sing N N 247 
PHE CZ  HZ   sing N N 248 
PHE OXT HXT  sing N N 249 
PRO N   CA   sing N N 250 
PRO N   CD   sing N N 251 
PRO N   H    sing N N 252 
PRO CA  C    sing N N 253 
PRO CA  CB   sing N N 254 
PRO CA  HA   sing N N 255 
PRO C   O    doub N N 256 
PRO C   OXT  sing N N 257 
PRO CB  CG   sing N N 258 
PRO CB  HB2  sing N N 259 
PRO CB  HB3  sing N N 260 
PRO CG  CD   sing N N 261 
PRO CG  HG2  sing N N 262 
PRO CG  HG3  sing N N 263 
PRO CD  HD2  sing N N 264 
PRO CD  HD3  sing N N 265 
PRO OXT HXT  sing N N 266 
SER N   CA   sing N N 267 
SER N   H    sing N N 268 
SER N   H2   sing N N 269 
SER CA  C    sing N N 270 
SER CA  CB   sing N N 271 
SER CA  HA   sing N N 272 
SER C   O    doub N N 273 
SER C   OXT  sing N N 274 
SER CB  OG   sing N N 275 
SER CB  HB2  sing N N 276 
SER CB  HB3  sing N N 277 
SER OG  HG   sing N N 278 
SER OXT HXT  sing N N 279 
THR N   CA   sing N N 280 
THR N   H    sing N N 281 
THR N   H2   sing N N 282 
THR CA  C    sing N N 283 
THR CA  CB   sing N N 284 
THR CA  HA   sing N N 285 
THR C   O    doub N N 286 
THR C   OXT  sing N N 287 
THR CB  OG1  sing N N 288 
THR CB  CG2  sing N N 289 
THR CB  HB   sing N N 290 
THR OG1 HG1  sing N N 291 
THR CG2 HG21 sing N N 292 
THR CG2 HG22 sing N N 293 
THR CG2 HG23 sing N N 294 
THR OXT HXT  sing N N 295 
TRP N   CA   sing N N 296 
TRP N   H    sing N N 297 
TRP N   H2   sing N N 298 
TRP CA  C    sing N N 299 
TRP CA  CB   sing N N 300 
TRP CA  HA   sing N N 301 
TRP C   O    doub N N 302 
TRP C   OXT  sing N N 303 
TRP CB  CG   sing N N 304 
TRP CB  HB2  sing N N 305 
TRP CB  HB3  sing N N 306 
TRP CG  CD1  doub Y N 307 
TRP CG  CD2  sing Y N 308 
TRP CD1 NE1  sing Y N 309 
TRP CD1 HD1  sing N N 310 
TRP CD2 CE2  doub Y N 311 
TRP CD2 CE3  sing Y N 312 
TRP NE1 CE2  sing Y N 313 
TRP NE1 HE1  sing N N 314 
TRP CE2 CZ2  sing Y N 315 
TRP CE3 CZ3  doub Y N 316 
TRP CE3 HE3  sing N N 317 
TRP CZ2 CH2  doub Y N 318 
TRP CZ2 HZ2  sing N N 319 
TRP CZ3 CH2  sing Y N 320 
TRP CZ3 HZ3  sing N N 321 
TRP CH2 HH2  sing N N 322 
TRP OXT HXT  sing N N 323 
TYR N   CA   sing N N 324 
TYR N   H    sing N N 325 
TYR N   H2   sing N N 326 
TYR CA  C    sing N N 327 
TYR CA  CB   sing N N 328 
TYR CA  HA   sing N N 329 
TYR C   O    doub N N 330 
TYR C   OXT  sing N N 331 
TYR CB  CG   sing N N 332 
TYR CB  HB2  sing N N 333 
TYR CB  HB3  sing N N 334 
TYR CG  CD1  doub Y N 335 
TYR CG  CD2  sing Y N 336 
TYR CD1 CE1  sing Y N 337 
TYR CD1 HD1  sing N N 338 
TYR CD2 CE2  doub Y N 339 
TYR CD2 HD2  sing N N 340 
TYR CE1 CZ   doub Y N 341 
TYR CE1 HE1  sing N N 342 
TYR CE2 CZ   sing Y N 343 
TYR CE2 HE2  sing N N 344 
TYR CZ  OH   sing N N 345 
TYR OH  HH   sing N N 346 
TYR OXT HXT  sing N N 347 
VAL N   CA   sing N N 348 
VAL N   H    sing N N 349 
VAL N   H2   sing N N 350 
VAL CA  C    sing N N 351 
VAL CA  CB   sing N N 352 
VAL CA  HA   sing N N 353 
VAL C   O    doub N N 354 
VAL C   OXT  sing N N 355 
VAL CB  CG1  sing N N 356 
VAL CB  CG2  sing N N 357 
VAL CB  HB   sing N N 358 
VAL CG1 HG11 sing N N 359 
VAL CG1 HG12 sing N N 360 
VAL CG1 HG13 sing N N 361 
VAL CG2 HG21 sing N N 362 
VAL CG2 HG22 sing N N 363 
VAL CG2 HG23 sing N N 364 
VAL OXT HXT  sing N N 365 
# 
_atom_sites.entry_id                    1T6A 
_atom_sites.fract_transf_matrix[1][1]   -0.00636424 
_atom_sites.fract_transf_matrix[1][2]   0.01117906 
_atom_sites.fract_transf_matrix[1][3]   0.00759014 
_atom_sites.fract_transf_matrix[2][1]   0.00106139 
_atom_sites.fract_transf_matrix[2][2]   0.00047176 
_atom_sites.fract_transf_matrix[2][3]   0.01489177 
_atom_sites.fract_transf_matrix[3][1]   0.00420707 
_atom_sites.fract_transf_matrix[3][2]   0.00265580 
_atom_sites.fract_transf_matrix[3][3]   -0.00038399 
_atom_sites.fract_transf_vector[1]      0.180173 
_atom_sites.fract_transf_vector[2]      0.070363 
_atom_sites.fract_transf_vector[3]      0.461953 
# 
loop_
_atom_type.symbol 
C  
N  
O  
SE 
# 
loop_
_atom_site.group_PDB 
_atom_site.id 
_atom_site.type_symbol 
_atom_site.label_atom_id 
_atom_site.label_alt_id 
_atom_site.label_comp_id 
_atom_site.label_asym_id 
_atom_site.label_entity_id 
_atom_site.label_seq_id 
_atom_site.pdbx_PDB_ins_code 
_atom_site.Cartn_x 
_atom_site.Cartn_y 
_atom_site.Cartn_z 
_atom_site.occupancy 
_atom_site.B_iso_or_equiv 
_atom_site.pdbx_formal_charge 
_atom_site.auth_seq_id 
_atom_site.auth_comp_id 
_atom_site.auth_asym_id 
_atom_site.auth_atom_id 
_atom_site.pdbx_PDB_model_num 
ATOM   1    N  N   . ALA A 1 1   ? 42.884  -11.752 3.687   1.00 49.78 ? 0   ALA A N   1 
ATOM   2    C  CA  . ALA A 1 1   ? 43.557  -11.492 2.385   1.00 49.48 ? 0   ALA A CA  1 
ATOM   3    C  C   . ALA A 1 1   ? 43.610  -9.991  2.048   1.00 48.74 ? 0   ALA A C   1 
ATOM   4    O  O   . ALA A 1 1   ? 44.644  -9.532  1.540   1.00 49.74 ? 0   ALA A O   1 
ATOM   5    C  CB  . ALA A 1 1   ? 42.889  -12.287 1.251   1.00 49.47 ? 0   ALA A CB  1 
HETATM 6    N  N   . MSE A 1 2   ? 42.544  -9.225  2.335   1.00 47.04 ? 1   MSE A N   1 
HETATM 7    C  CA  . MSE A 1 2   ? 42.516  -7.790  1.951   1.00 45.49 ? 1   MSE A CA  1 
HETATM 8    C  C   . MSE A 1 2   ? 41.911  -6.771  2.944   1.00 42.61 ? 1   MSE A C   1 
HETATM 9    O  O   . MSE A 1 2   ? 41.208  -7.114  3.897   1.00 41.13 ? 1   MSE A O   1 
HETATM 10   C  CB  . MSE A 1 2   ? 41.864  -7.632  0.585   1.00 46.18 ? 1   MSE A CB  1 
HETATM 11   C  CG  . MSE A 1 2   ? 40.379  -7.855  0.588   1.00 49.73 ? 1   MSE A CG  1 
HETATM 12   SE SE  . MSE A 1 2   ? 39.681  -8.408  -1.145  0.54 57.40 ? 1   MSE A SE  1 
HETATM 13   C  CE  . MSE A 1 2   ? 41.101  -7.854  -2.317  1.00 58.25 ? 1   MSE A CE  1 
ATOM   14   N  N   . ASN A 1 3   ? 42.235  -5.502  2.705   1.00 39.22 ? 2   ASN A N   1 
ATOM   15   C  CA  . ASN A 1 3   ? 42.054  -4.464  3.699   1.00 37.39 ? 2   ASN A CA  1 
ATOM   16   C  C   . ASN A 1 3   ? 41.672  -3.105  3.078   1.00 34.86 ? 2   ASN A C   1 
ATOM   17   O  O   . ASN A 1 3   ? 42.215  -2.699  2.049   1.00 33.62 ? 2   ASN A O   1 
ATOM   18   C  CB  . ASN A 1 3   ? 43.344  -4.338  4.557   1.00 37.69 ? 2   ASN A CB  1 
ATOM   19   C  CG  . ASN A 1 3   ? 43.822  -5.711  5.161   1.00 41.40 ? 2   ASN A CG  1 
ATOM   20   O  OD1 . ASN A 1 3   ? 44.504  -6.517  4.488   1.00 44.56 ? 2   ASN A OD1 1 
ATOM   21   N  ND2 . ASN A 1 3   ? 43.471  -5.958  6.431   1.00 44.09 ? 2   ASN A ND2 1 
ATOM   22   N  N   . THR A 1 4   ? 40.730  -2.419  3.713   1.00 32.00 ? 3   THR A N   1 
ATOM   23   C  CA  . THR A 1 4   ? 40.373  -1.050  3.368   1.00 31.26 ? 3   THR A CA  1 
ATOM   24   C  C   . THR A 1 4   ? 40.649  -0.201  4.593   1.00 30.30 ? 3   THR A C   1 
ATOM   25   O  O   . THR A 1 4   ? 40.443  -0.648  5.712   1.00 30.34 ? 3   THR A O   1 
ATOM   26   C  CB  . THR A 1 4   ? 38.861  -0.951  2.967   1.00 30.96 ? 3   THR A CB  1 
ATOM   27   O  OG1 . THR A 1 4   ? 38.674  -1.424  1.625   1.00 31.25 ? 3   THR A OG1 1 
ATOM   28   C  CG2 . THR A 1 4   ? 38.395  0.489   2.889   1.00 30.22 ? 3   THR A CG2 1 
ATOM   29   N  N   . ASP A 1 5   ? 41.137  1.012   4.402   1.00 29.74 ? 4   ASP A N   1 
ATOM   30   C  CA  . ASP A 1 5   ? 41.299  1.913   5.523   1.00 30.23 ? 4   ASP A CA  1 
ATOM   31   C  C   . ASP A 1 5   ? 40.822  3.318   5.234   1.00 29.12 ? 4   ASP A C   1 
ATOM   32   O  O   . ASP A 1 5   ? 40.946  3.821   4.123   1.00 27.96 ? 4   ASP A O   1 
ATOM   33   C  CB  . ASP A 1 5   ? 42.761  1.912   6.014   1.00 31.17 ? 4   ASP A CB  1 
ATOM   34   C  CG  . ASP A 1 5   ? 43.719  2.472   4.999   1.00 33.86 ? 4   ASP A CG  1 
ATOM   35   O  OD1 . ASP A 1 5   ? 44.133  1.736   4.091   1.00 40.23 ? 4   ASP A OD1 1 
ATOM   36   O  OD2 . ASP A 1 5   ? 44.094  3.659   5.010   1.00 42.02 ? 4   ASP A OD2 1 
ATOM   37   N  N   . LEU A 1 6   ? 40.282  3.951   6.265   1.00 27.71 ? 5   LEU A N   1 
ATOM   38   C  CA  . LEU A 1 6   ? 39.950  5.355   6.219   1.00 27.28 ? 5   LEU A CA  1 
ATOM   39   C  C   . LEU A 1 6   ? 40.935  6.151   7.074   1.00 27.47 ? 5   LEU A C   1 
ATOM   40   O  O   . LEU A 1 6   ? 40.971  5.982   8.296   1.00 26.04 ? 5   LEU A O   1 
ATOM   41   C  CB  . LEU A 1 6   ? 38.531  5.560   6.771   1.00 26.62 ? 5   LEU A CB  1 
ATOM   42   C  CG  . LEU A 1 6   ? 38.042  6.988   6.940   1.00 26.69 ? 5   LEU A CG  1 
ATOM   43   C  CD1 . LEU A 1 6   ? 38.017  7.779   5.638   1.00 27.36 ? 5   LEU A CD1 1 
ATOM   44   C  CD2 . LEU A 1 6   ? 36.663  6.966   7.558   1.00 28.17 ? 5   LEU A CD2 1 
ATOM   45   N  N   . LYS A 1 7   ? 41.679  7.054   6.452   1.00 27.39 ? 6   LYS A N   1 
ATOM   46   C  CA  . LYS A 1 7   ? 42.479  8.004   7.208   1.00 28.69 ? 6   LYS A CA  1 
ATOM   47   C  C   . LYS A 1 7   ? 41.638  9.200   7.656   1.00 28.63 ? 6   LYS A C   1 
ATOM   48   O  O   . LYS A 1 7   ? 41.178  10.000  6.847   1.00 28.41 ? 6   LYS A O   1 
ATOM   49   C  CB  . LYS A 1 7   ? 43.678  8.481   6.399   1.00 29.16 ? 6   LYS A CB  1 
ATOM   50   C  CG  . LYS A 1 7   ? 44.497  9.540   7.144   1.00 32.37 ? 6   LYS A CG  1 
ATOM   51   C  CD  . LYS A 1 7   ? 45.956  9.505   6.763   1.00 38.33 ? 6   LYS A CD  1 
ATOM   52   C  CE  . LYS A 1 7   ? 46.256  10.273  5.502   1.00 41.85 ? 6   LYS A CE  1 
ATOM   53   N  NZ  . LYS A 1 7   ? 47.753  10.315  5.284   1.00 45.57 ? 6   LYS A NZ  1 
ATOM   54   N  N   . LEU A 1 8   ? 41.453  9.318   8.962   1.00 28.37 ? 7   LEU A N   1 
ATOM   55   C  CA  . LEU A 1 8   ? 40.612  10.353  9.543   1.00 28.63 ? 7   LEU A CA  1 
ATOM   56   C  C   . LEU A 1 8   ? 41.210  11.751  9.333   1.00 29.50 ? 7   LEU A C   1 
ATOM   57   O  O   . LEU A 1 8   ? 42.409  11.883  9.122   1.00 27.52 ? 7   LEU A O   1 
ATOM   58   C  CB  . LEU A 1 8   ? 40.395  10.082  11.033  1.00 28.36 ? 7   LEU A CB  1 
ATOM   59   C  CG  . LEU A 1 8   ? 39.710  8.745   11.305  1.00 29.04 ? 7   LEU A CG  1 
ATOM   60   C  CD1 . LEU A 1 8   ? 39.528  8.522   12.796  1.00 28.92 ? 7   LEU A CD1 1 
ATOM   61   C  CD2 . LEU A 1 8   ? 38.364  8.675   10.569  1.00 29.91 ? 7   LEU A CD2 1 
ATOM   62   N  N   . PRO A 1 9   ? 40.373  12.791  9.349   1.00 30.96 ? 8   PRO A N   1 
ATOM   63   C  CA  . PRO A 1 9   ? 40.884  14.164  9.250   1.00 32.45 ? 8   PRO A CA  1 
ATOM   64   C  C   . PRO A 1 9   ? 41.863  14.488  10.382  1.00 33.95 ? 8   PRO A C   1 
ATOM   65   O  O   . PRO A 1 9   ? 41.725  13.967  11.493  1.00 32.91 ? 8   PRO A O   1 
ATOM   66   C  CB  . PRO A 1 9   ? 39.625  15.026  9.353   1.00 32.49 ? 8   PRO A CB  1 
ATOM   67   C  CG  . PRO A 1 9   ? 38.513  14.111  8.917   1.00 32.82 ? 8   PRO A CG  1 
ATOM   68   C  CD  . PRO A 1 9   ? 38.903  12.749  9.458   1.00 31.29 ? 8   PRO A CD  1 
ATOM   69   N  N   . ALA A 1 10  ? 42.838  15.341  10.089  1.00 36.09 ? 9   ALA A N   1 
ATOM   70   C  CA  . ALA A 1 10  ? 43.873  15.702  11.067  1.00 37.87 ? 9   ALA A CA  1 
ATOM   71   C  C   . ALA A 1 10  ? 43.244  16.119  12.375  1.00 39.27 ? 9   ALA A C   1 
ATOM   72   O  O   . ALA A 1 10  ? 42.272  16.880  12.386  1.00 40.16 ? 9   ALA A O   1 
ATOM   73   C  CB  . ALA A 1 10  ? 44.741  16.823  10.529  1.00 38.14 ? 9   ALA A CB  1 
ATOM   74   N  N   . GLY A 1 11  ? 43.766  15.596  13.481  1.00 40.76 ? 10  GLY A N   1 
ATOM   75   C  CA  . GLY A 1 11  ? 43.313  15.990  14.801  1.00 41.60 ? 10  GLY A CA  1 
ATOM   76   C  C   . GLY A 1 11  ? 42.152  15.179  15.339  1.00 42.73 ? 10  GLY A C   1 
ATOM   77   O  O   . GLY A 1 11  ? 41.829  15.268  16.526  1.00 43.69 ? 10  GLY A O   1 
ATOM   78   N  N   . LYS A 1 12  ? 41.522  14.382  14.484  1.00 43.29 ? 11  LYS A N   1 
ATOM   79   C  CA  . LYS A 1 12  ? 40.384  13.567  14.881  1.00 43.69 ? 11  LYS A CA  1 
ATOM   80   C  C   . LYS A 1 12  ? 40.874  12.322  15.593  1.00 44.02 ? 11  LYS A C   1 
ATOM   81   O  O   . LYS A 1 12  ? 41.790  11.644  15.104  1.00 44.89 ? 11  LYS A O   1 
ATOM   82   C  CB  . LYS A 1 12  ? 39.576  13.164  13.649  1.00 43.93 ? 11  LYS A CB  1 
ATOM   83   C  CG  . LYS A 1 12  ? 38.417  12.237  13.908  1.00 44.63 ? 11  LYS A CG  1 
ATOM   84   C  CD  . LYS A 1 12  ? 37.305  12.924  14.635  1.00 45.89 ? 11  LYS A CD  1 
ATOM   85   C  CE  . LYS A 1 12  ? 36.036  12.083  14.585  1.00 46.74 ? 11  LYS A CE  1 
ATOM   86   N  NZ  . LYS A 1 12  ? 34.967  12.750  15.357  1.00 47.95 ? 11  LYS A NZ  1 
ATOM   87   N  N   . THR A 1 13  ? 40.270  12.028  16.743  1.00 43.81 ? 12  THR A N   1 
ATOM   88   C  CA  . THR A 1 13  ? 40.571  10.813  17.493  1.00 44.17 ? 12  THR A CA  1 
ATOM   89   C  C   . THR A 1 13  ? 39.377  9.877   17.463  1.00 43.19 ? 12  THR A C   1 
ATOM   90   O  O   . THR A 1 13  ? 38.249  10.278  17.176  1.00 44.20 ? 12  THR A O   1 
ATOM   91   C  CB  . THR A 1 13  ? 40.911  11.121  18.973  1.00 44.47 ? 12  THR A CB  1 
ATOM   92   O  OG1 . THR A 1 13  ? 39.811  11.808  19.582  1.00 46.08 ? 12  THR A OG1 1 
ATOM   93   C  CG2 . THR A 1 13  ? 42.098  12.090  19.090  1.00 45.27 ? 12  THR A CG2 1 
HETATM 94   N  N   . MSE A 1 14  ? 39.636  8.630   17.806  1.00 41.88 ? 13  MSE A N   1 
HETATM 95   C  CA  . MSE A 1 14  ? 38.681  7.562   17.586  1.00 40.64 ? 13  MSE A CA  1 
HETATM 96   C  C   . MSE A 1 14  ? 39.037  6.431   18.519  1.00 38.96 ? 13  MSE A C   1 
HETATM 97   O  O   . MSE A 1 14  ? 40.197  6.044   18.615  1.00 38.52 ? 13  MSE A O   1 
HETATM 98   C  CB  . MSE A 1 14  ? 38.777  7.100   16.120  1.00 40.65 ? 13  MSE A CB  1 
HETATM 99   C  CG  . MSE A 1 14  ? 37.742  6.077   15.698  1.00 42.38 ? 13  MSE A CG  1 
HETATM 100  SE SE  . MSE A 1 14  ? 35.916  6.831   15.700  0.84 46.41 ? 13  MSE A SE  1 
HETATM 101  C  CE  . MSE A 1 14  ? 36.188  8.352   14.618  1.00 43.41 ? 13  MSE A CE  1 
ATOM   102  N  N   . THR A 1 15  ? 38.038  5.906   19.214  1.00 37.40 ? 14  THR A N   1 
ATOM   103  C  CA  . THR A 1 15  ? 38.197  4.702   20.011  1.00 35.99 ? 14  THR A CA  1 
ATOM   104  C  C   . THR A 1 15  ? 37.374  3.603   19.390  1.00 35.30 ? 14  THR A C   1 
ATOM   105  O  O   . THR A 1 15  ? 36.496  3.875   18.580  1.00 33.97 ? 14  THR A O   1 
ATOM   106  C  CB  . THR A 1 15  ? 37.713  4.916   21.467  1.00 36.56 ? 14  THR A CB  1 
ATOM   107  O  OG1 . THR A 1 15  ? 36.317  5.281   21.483  1.00 35.05 ? 14  THR A OG1 1 
ATOM   108  C  CG2 . THR A 1 15  ? 38.445  6.098   22.117  1.00 36.87 ? 14  THR A CG2 1 
ATOM   109  N  N   . ILE A 1 16  ? 37.618  2.365   19.812  1.00 34.73 ? 15  ILE A N   1 
ATOM   110  C  CA  . ILE A 1 16  ? 36.838  1.249   19.316  1.00 35.04 ? 15  ILE A CA  1 
ATOM   111  C  C   . ILE A 1 16  ? 35.345  1.366   19.699  1.00 35.15 ? 15  ILE A C   1 
ATOM   112  O  O   . ILE A 1 16  ? 34.482  0.936   18.948  1.00 33.61 ? 15  ILE A O   1 
ATOM   113  C  CB  . ILE A 1 16  ? 37.453  -0.076  19.743  1.00 34.87 ? 15  ILE A CB  1 
ATOM   114  C  CG1 . ILE A 1 16  ? 36.912  -1.208  18.879  1.00 35.36 ? 15  ILE A CG1 1 
ATOM   115  C  CG2 . ILE A 1 16  ? 37.211  -0.361  21.245  1.00 36.36 ? 15  ILE A CG2 1 
ATOM   116  C  CD1 . ILE A 1 16  ? 37.298  -1.099  17.434  1.00 34.76 ? 15  ILE A CD1 1 
ATOM   117  N  N   . GLU A 1 17  ? 35.060  1.964   20.855  1.00 35.46 ? 16  GLU A N   1 
ATOM   118  C  CA  . GLU A 1 17  ? 33.680  2.158   21.314  1.00 36.22 ? 16  GLU A CA  1 
ATOM   119  C  C   . GLU A 1 17  ? 32.966  3.201   20.419  1.00 35.39 ? 16  GLU A C   1 
ATOM   120  O  O   . GLU A 1 17  ? 31.790  3.062   20.121  1.00 35.18 ? 16  GLU A O   1 
ATOM   121  C  CB  A GLU A 1 17  ? 33.683  2.623   22.784  0.67 36.57 ? 16  GLU A CB  1 
ATOM   122  C  CB  B GLU A 1 17  ? 33.606  2.576   22.791  0.33 36.43 ? 16  GLU A CB  1 
ATOM   123  C  CG  A GLU A 1 17  ? 34.249  1.614   23.794  0.67 38.09 ? 16  GLU A CG  1 
ATOM   124  C  CG  B GLU A 1 17  ? 34.283  1.630   23.783  0.33 37.97 ? 16  GLU A CG  1 
ATOM   125  C  CD  A GLU A 1 17  ? 35.790  1.583   23.918  0.67 39.84 ? 16  GLU A CD  1 
ATOM   126  C  CD  B GLU A 1 17  ? 33.681  0.231   23.846  0.33 39.73 ? 16  GLU A CD  1 
ATOM   127  O  OE1 A GLU A 1 17  ? 36.490  2.582   23.617  0.67 39.00 ? 16  GLU A OE1 1 
ATOM   128  O  OE1 B GLU A 1 17  ? 32.524  0.033   23.416  0.33 41.24 ? 16  GLU A OE1 1 
ATOM   129  O  OE2 A GLU A 1 17  ? 36.308  0.519   24.332  0.67 41.47 ? 16  GLU A OE2 1 
ATOM   130  O  OE2 B GLU A 1 17  ? 34.376  -0.685  24.348  0.33 41.35 ? 16  GLU A OE2 1 
ATOM   131  N  N   . ASP A 1 18  ? 33.687  4.229   19.979  1.00 34.62 ? 17  ASP A N   1 
ATOM   132  C  CA  . ASP A 1 18  ? 33.152  5.192   19.019  1.00 34.43 ? 17  ASP A CA  1 
ATOM   133  C  C   . ASP A 1 18  ? 32.818  4.499   17.686  1.00 33.29 ? 17  ASP A C   1 
ATOM   134  O  O   . ASP A 1 18  ? 31.781  4.787   17.083  1.00 32.53 ? 17  ASP A O   1 
ATOM   135  C  CB  . ASP A 1 18  ? 34.133  6.324   18.724  1.00 35.01 ? 17  ASP A CB  1 
ATOM   136  C  CG  . ASP A 1 18  ? 34.437  7.182   19.924  1.00 37.73 ? 17  ASP A CG  1 
ATOM   137  O  OD1 . ASP A 1 18  ? 33.553  7.351   20.784  1.00 39.78 ? 17  ASP A OD1 1 
ATOM   138  O  OD2 . ASP A 1 18  ? 35.546  7.757   20.060  1.00 41.06 ? 17  ASP A OD2 1 
ATOM   139  N  N   . VAL A 1 19  ? 33.691  3.602   17.233  1.00 31.67 ? 18  VAL A N   1 
ATOM   140  C  CA  . VAL A 1 19  ? 33.429  2.827   16.025  1.00 31.31 ? 18  VAL A CA  1 
ATOM   141  C  C   . VAL A 1 19  ? 32.183  1.944   16.187  1.00 31.67 ? 18  VAL A C   1 
ATOM   142  O  O   . VAL A 1 19  ? 31.428  1.768   15.225  1.00 29.99 ? 18  VAL A O   1 
ATOM   143  C  CB  . VAL A 1 19  ? 34.616  1.949   15.593  1.00 31.34 ? 18  VAL A CB  1 
ATOM   144  C  CG1 . VAL A 1 19  ? 34.271  1.169   14.350  1.00 31.04 ? 18  VAL A CG1 1 
ATOM   145  C  CG2 . VAL A 1 19  ? 35.866  2.793   15.335  1.00 31.01 ? 18  VAL A CG2 1 
ATOM   146  N  N   . LYS A 1 20  ? 31.981  1.372   17.374  1.00 32.13 ? 19  LYS A N   1 
ATOM   147  C  CA  . LYS A 1 20  ? 30.784  0.566   17.630  1.00 33.63 ? 19  LYS A CA  1 
ATOM   148  C  C   . LYS A 1 20  ? 29.532  1.421   17.495  1.00 33.36 ? 19  LYS A C   1 
ATOM   149  O  O   . LYS A 1 20  ? 28.556  0.973   16.936  1.00 33.57 ? 19  LYS A O   1 
ATOM   150  C  CB  . LYS A 1 20  ? 30.774  -0.092  19.014  1.00 34.48 ? 19  LYS A CB  1 
ATOM   151  C  CG  . LYS A 1 20  ? 29.839  -1.322  19.068  1.00 37.27 ? 19  LYS A CG  1 
ATOM   152  C  CD  . LYS A 1 20  ? 29.046  -1.407  20.338  1.00 42.57 ? 19  LYS A CD  1 
ATOM   153  C  CE  . LYS A 1 20  ? 27.994  -2.534  20.258  1.00 44.82 ? 19  LYS A CE  1 
ATOM   154  N  NZ  . LYS A 1 20  ? 26.902  -2.229  19.263  1.00 46.59 ? 19  LYS A NZ  1 
ATOM   155  N  N   . GLN A 1 21  ? 29.581  2.643   18.006  1.00 33.67 ? 20  GLN A N   1 
ATOM   156  C  CA  . GLN A 1 21  ? 28.473  3.578   17.888  1.00 34.50 ? 20  GLN A CA  1 
ATOM   157  C  C   . GLN A 1 21  ? 28.240  3.950   16.420  1.00 33.84 ? 20  GLN A C   1 
ATOM   158  O  O   . GLN A 1 21  ? 27.089  4.143   16.017  1.00 33.52 ? 20  GLN A O   1 
ATOM   159  C  CB  A GLN A 1 21  ? 28.712  4.835   18.725  0.60 34.60 ? 20  GLN A CB  1 
ATOM   160  C  CB  B GLN A 1 21  ? 28.706  4.824   18.771  0.40 34.52 ? 20  GLN A CB  1 
ATOM   161  C  CG  A GLN A 1 21  ? 28.541  4.635   20.225  0.60 37.10 ? 20  GLN A CG  1 
ATOM   162  C  CG  B GLN A 1 21  ? 27.908  6.100   18.412  0.40 36.41 ? 20  GLN A CG  1 
ATOM   163  C  CD  A GLN A 1 21  ? 29.045  5.828   21.013  0.60 40.58 ? 20  GLN A CD  1 
ATOM   164  C  CD  B GLN A 1 21  ? 26.603  6.269   19.195  0.40 38.28 ? 20  GLN A CD  1 
ATOM   165  O  OE1 A GLN A 1 21  ? 28.704  6.972   20.698  0.60 42.87 ? 20  GLN A OE1 1 
ATOM   166  O  OE1 B GLN A 1 21  ? 26.621  6.672   20.364  0.40 40.04 ? 20  GLN A OE1 1 
ATOM   167  N  NE2 A GLN A 1 21  ? 29.866  5.570   22.031  0.60 43.99 ? 20  GLN A NE2 1 
ATOM   168  N  NE2 B GLN A 1 21  ? 25.473  5.986   18.543  0.40 38.42 ? 20  GLN A NE2 1 
ATOM   169  N  N   . LEU A 1 22  ? 29.311  4.049   15.626  1.00 32.19 ? 21  LEU A N   1 
ATOM   170  C  CA  . LEU A 1 22  ? 29.155  4.347   14.213  1.00 31.78 ? 21  LEU A CA  1 
ATOM   171  C  C   . LEU A 1 22  ? 28.472  3.189   13.474  1.00 31.44 ? 21  LEU A C   1 
ATOM   172  O  O   . LEU A 1 22  ? 27.666  3.442   12.575  1.00 30.84 ? 21  LEU A O   1 
ATOM   173  C  CB  . LEU A 1 22  ? 30.488  4.711   13.548  1.00 31.95 ? 21  LEU A CB  1 
ATOM   174  C  CG  . LEU A 1 22  ? 31.058  6.074   13.940  1.00 32.34 ? 21  LEU A CG  1 
ATOM   175  C  CD1 . LEU A 1 22  ? 32.553  6.127   13.667  1.00 32.77 ? 21  LEU A CD1 1 
ATOM   176  C  CD2 . LEU A 1 22  ? 30.355  7.187   13.181  1.00 32.41 ? 21  LEU A CD2 1 
ATOM   177  N  N   . LEU A 1 23  ? 28.743  1.947   13.868  1.00 30.65 ? 22  LEU A N   1 
ATOM   178  C  CA  . LEU A 1 23  ? 28.070  0.806   13.258  1.00 31.88 ? 22  LEU A CA  1 
ATOM   179  C  C   . LEU A 1 23  ? 26.573  0.815   13.597  1.00 32.21 ? 22  LEU A C   1 
ATOM   180  O  O   . LEU A 1 23  ? 25.758  0.417   12.773  1.00 31.34 ? 22  LEU A O   1 
ATOM   181  C  CB  . LEU A 1 23  ? 28.662  -0.539  13.710  1.00 32.16 ? 22  LEU A CB  1 
ATOM   182  C  CG  . LEU A 1 23  ? 29.947  -1.046  13.070  1.00 34.13 ? 22  LEU A CG  1 
ATOM   183  C  CD1 . LEU A 1 23  ? 30.474  -2.253  13.831  1.00 34.88 ? 22  LEU A CD1 1 
ATOM   184  C  CD2 . LEU A 1 23  ? 29.714  -1.448  11.633  1.00 37.03 ? 22  LEU A CD2 1 
ATOM   185  N  N   . GLU A 1 24  ? 26.234  1.254   14.809  1.00 32.54 ? 23  GLU A N   1 
ATOM   186  C  CA  . GLU A 1 24  ? 24.831  1.369   15.227  1.00 33.37 ? 23  GLU A CA  1 
ATOM   187  C  C   . GLU A 1 24  ? 24.141  2.461   14.434  1.00 32.18 ? 23  GLU A C   1 
ATOM   188  O  O   . GLU A 1 24  ? 23.021  2.276   13.964  1.00 31.89 ? 23  GLU A O   1 
ATOM   189  C  CB  . GLU A 1 24  ? 24.722  1.661   16.728  1.00 33.95 ? 23  GLU A CB  1 
ATOM   190  C  CG  . GLU A 1 24  ? 25.144  0.463   17.556  1.00 38.38 ? 23  GLU A CG  1 
ATOM   191  C  CD  . GLU A 1 24  ? 25.307  0.749   19.046  1.00 44.05 ? 23  GLU A CD  1 
ATOM   192  O  OE1 . GLU A 1 24  ? 25.586  1.905   19.468  1.00 47.46 ? 23  GLU A OE1 1 
ATOM   193  O  OE2 . GLU A 1 24  ? 25.177  -0.230  19.803  1.00 50.21 ? 23  GLU A OE2 1 
ATOM   194  N  N   . ARG A 1 25  ? 24.816  3.594   14.287  1.00 31.38 ? 24  ARG A N   1 
ATOM   195  C  CA  . ARG A 1 25  ? 24.329  4.674   13.451  1.00 31.24 ? 24  ARG A CA  1 
ATOM   196  C  C   . ARG A 1 25  ? 24.108  4.242   11.994  1.00 30.68 ? 24  ARG A C   1 
ATOM   197  O  O   . ARG A 1 25  ? 23.161  4.703   11.343  1.00 30.59 ? 24  ARG A O   1 
ATOM   198  C  CB  . ARG A 1 25  ? 25.266  5.878   13.502  1.00 31.71 ? 24  ARG A CB  1 
ATOM   199  C  CG  . ARG A 1 25  ? 25.095  6.735   14.747  1.00 34.18 ? 24  ARG A CG  1 
ATOM   200  C  CD  . ARG A 1 25  ? 26.230  7.747   14.933  1.00 37.02 ? 24  ARG A CD  1 
ATOM   201  N  NE  . ARG A 1 25  ? 26.241  8.757   13.878  1.00 38.92 ? 24  ARG A NE  1 
ATOM   202  C  CZ  . ARG A 1 25  ? 27.205  9.666   13.724  1.00 40.94 ? 24  ARG A CZ  1 
ATOM   203  N  NH1 . ARG A 1 25  ? 28.249  9.694   14.555  1.00 40.85 ? 24  ARG A NH1 1 
ATOM   204  N  NH2 . ARG A 1 25  ? 27.123  10.566  12.746  1.00 40.58 ? 24  ARG A NH2 1 
ATOM   205  N  N   . TYR A 1 26  ? 24.973  3.368   11.491  1.00 29.73 ? 25  TYR A N   1 
ATOM   206  C  CA  . TYR A 1 26  ? 24.848  2.850   10.140  1.00 29.19 ? 25  TYR A CA  1 
ATOM   207  C  C   . TYR A 1 26  ? 23.569  2.029   10.025  1.00 29.36 ? 25  TYR A C   1 
ATOM   208  O  O   . TYR A 1 26  ? 22.843  2.156   9.033   1.00 28.42 ? 25  TYR A O   1 
ATOM   209  C  CB  . TYR A 1 26  ? 26.062  1.998   9.744   1.00 29.06 ? 25  TYR A CB  1 
ATOM   210  C  CG  . TYR A 1 26  ? 25.976  1.468   8.348   1.00 27.51 ? 25  TYR A CG  1 
ATOM   211  C  CD1 . TYR A 1 26  ? 25.819  2.328   7.262   1.00 27.34 ? 25  TYR A CD1 1 
ATOM   212  C  CD2 . TYR A 1 26  ? 26.079  0.112   8.099   1.00 28.39 ? 25  TYR A CD2 1 
ATOM   213  C  CE1 . TYR A 1 26  ? 25.752  1.834   5.954   1.00 27.57 ? 25  TYR A CE1 1 
ATOM   214  C  CE2 . TYR A 1 26  ? 26.014  -0.391  6.799   1.00 27.95 ? 25  TYR A CE2 1 
ATOM   215  C  CZ  . TYR A 1 26  ? 25.829  0.466   5.739   1.00 28.83 ? 25  TYR A CZ  1 
ATOM   216  O  OH  . TYR A 1 26  ? 25.773  -0.062  4.459   1.00 30.78 ? 25  TYR A OH  1 
ATOM   217  N  N   . GLN A 1 27  ? 23.292  1.200   11.030  1.00 29.05 ? 26  GLN A N   1 
ATOM   218  C  CA  . GLN A 1 27  ? 22.068  0.406   11.029  1.00 30.01 ? 26  GLN A CA  1 
ATOM   219  C  C   . GLN A 1 27  ? 20.806  1.283   11.141  1.00 30.33 ? 26  GLN A C   1 
ATOM   220  O  O   . GLN A 1 27  ? 19.753  0.912   10.645  1.00 29.75 ? 26  GLN A O   1 
ATOM   221  C  CB  . GLN A 1 27  ? 22.107  -0.671  12.125  1.00 30.31 ? 26  GLN A CB  1 
ATOM   222  C  CG  . GLN A 1 27  ? 23.063  -1.818  11.805  1.00 30.11 ? 26  GLN A CG  1 
ATOM   223  C  CD  . GLN A 1 27  ? 23.487  -2.592  13.039  1.00 31.39 ? 26  GLN A CD  1 
ATOM   224  O  OE1 . GLN A 1 27  ? 22.826  -3.542  13.422  1.00 30.65 ? 26  GLN A OE1 1 
ATOM   225  N  NE2 . GLN A 1 27  ? 24.593  -2.190  13.650  1.00 31.62 ? 26  GLN A NE2 1 
HETATM 226  N  N   . MSE A 1 28  ? 20.931  2.432   11.798  1.00 31.36 ? 27  MSE A N   1 
HETATM 227  C  CA  . MSE A 1 28  ? 19.853  3.420   11.872  1.00 32.71 ? 27  MSE A CA  1 
HETATM 228  C  C   . MSE A 1 28  ? 19.628  4.063   10.522  1.00 31.59 ? 27  MSE A C   1 
HETATM 229  O  O   . MSE A 1 28  ? 18.485  4.301   10.142  1.00 30.29 ? 27  MSE A O   1 
HETATM 230  C  CB  A MSE A 1 28  ? 20.175  4.533   12.887  0.51 33.52 ? 27  MSE A CB  1 
HETATM 231  C  CB  B MSE A 1 28  ? 20.111  4.454   12.970  0.49 33.41 ? 27  MSE A CB  1 
HETATM 232  C  CG  A MSE A 1 28  ? 20.065  4.123   14.354  0.51 37.72 ? 27  MSE A CG  1 
HETATM 233  C  CG  B MSE A 1 28  ? 19.966  3.868   14.395  0.49 37.07 ? 27  MSE A CG  1 
HETATM 234  SE SE  A MSE A 1 28  ? 20.916  5.375   15.627  0.42 48.23 ? 27  MSE A SE  1 
HETATM 235  SE SE  B MSE A 1 28  ? 18.214  3.035   14.840  0.41 46.69 ? 27  MSE A SE  1 
HETATM 236  C  CE  A MSE A 1 28  ? 20.657  7.078   14.712  0.51 46.65 ? 27  MSE A CE  1 
HETATM 237  C  CE  B MSE A 1 28  ? 18.538  1.184   14.294  0.49 43.56 ? 27  MSE A CE  1 
ATOM   238  N  N   . ALA A 1 29  ? 20.705  4.308   9.777   1.00 30.12 ? 28  ALA A N   1 
ATOM   239  C  CA  . ALA A 1 29  ? 20.568  4.837   8.431   1.00 29.42 ? 28  ALA A CA  1 
ATOM   240  C  C   . ALA A 1 29  ? 19.869  3.803   7.521   1.00 28.86 ? 28  ALA A C   1 
ATOM   241  O  O   . ALA A 1 29  ? 19.049  4.171   6.694   1.00 27.37 ? 28  ALA A O   1 
ATOM   242  C  CB  . ALA A 1 29  ? 21.927  5.246   7.839   1.00 29.68 ? 28  ALA A CB  1 
ATOM   243  N  N   . LEU A 1 30  ? 20.209  2.527   7.678   1.00 27.72 ? 29  LEU A N   1 
ATOM   244  C  CA  . LEU A 1 30  ? 19.598  1.474   6.884   1.00 27.96 ? 29  LEU A CA  1 
ATOM   245  C  C   . LEU A 1 30  ? 18.102  1.351   7.235   1.00 28.42 ? 29  LEU A C   1 
ATOM   246  O  O   . LEU A 1 30  ? 17.311  1.073   6.369   1.00 28.28 ? 29  LEU A O   1 
ATOM   247  C  CB  . LEU A 1 30  ? 20.282  0.128   7.124   1.00 27.48 ? 29  LEU A CB  1 
ATOM   248  C  CG  . LEU A 1 30  ? 21.732  -0.006  6.657   1.00 28.28 ? 29  LEU A CG  1 
ATOM   249  C  CD1 . LEU A 1 30  ? 22.273  -1.330  7.100   1.00 26.76 ? 29  LEU A CD1 1 
ATOM   250  C  CD2 . LEU A 1 30  ? 21.853  0.173   5.121   1.00 28.67 ? 29  LEU A CD2 1 
ATOM   251  N  N   . LYS A 1 31  ? 17.739  1.553   8.504   1.00 29.30 ? 30  LYS A N   1 
ATOM   252  C  CA  . LYS A 1 31  ? 16.337  1.566   8.922   1.00 30.45 ? 30  LYS A CA  1 
ATOM   253  C  C   . LYS A 1 31  ? 15.572  2.686   8.213   1.00 30.32 ? 30  LYS A C   1 
ATOM   254  O  O   . LYS A 1 31  ? 14.464  2.460   7.718   1.00 30.30 ? 30  LYS A O   1 
ATOM   255  C  CB  . LYS A 1 31  ? 16.207  1.691   10.446  1.00 30.97 ? 30  LYS A CB  1 
ATOM   256  C  CG  . LYS A 1 31  ? 14.760  1.746   11.011  1.00 33.86 ? 30  LYS A CG  1 
ATOM   257  C  CD  . LYS A 1 31  ? 14.792  2.056   12.502  1.00 38.26 ? 30  LYS A CD  1 
ATOM   258  C  CE  . LYS A 1 31  ? 13.396  2.114   13.141  1.00 41.61 ? 30  LYS A CE  1 
ATOM   259  N  NZ  . LYS A 1 31  ? 12.733  0.778   13.242  1.00 43.29 ? 30  LYS A NZ  1 
ATOM   260  N  N   . LYS A 1 32  ? 16.176  3.866   8.124   1.00 29.91 ? 31  LYS A N   1 
ATOM   261  C  CA  . LYS A 1 32  ? 15.559  4.994   7.443   1.00 30.15 ? 31  LYS A CA  1 
ATOM   262  C  C   . LYS A 1 32  ? 15.369  4.741   5.955   1.00 29.21 ? 31  LYS A C   1 
ATOM   263  O  O   . LYS A 1 32  ? 14.338  5.123   5.403   1.00 28.90 ? 31  LYS A O   1 
ATOM   264  C  CB  . LYS A 1 32  ? 16.353  6.271   7.683   1.00 31.03 ? 31  LYS A CB  1 
ATOM   265  C  CG  . LYS A 1 32  ? 16.260  6.772   9.117   1.00 34.05 ? 31  LYS A CG  1 
ATOM   266  C  CD  . LYS A 1 32  ? 17.091  8.037   9.330   1.00 37.74 ? 31  LYS A CD  1 
ATOM   267  C  CE  . LYS A 1 32  ? 16.940  8.561   10.766  1.00 40.17 ? 31  LYS A CE  1 
ATOM   268  N  NZ  . LYS A 1 32  ? 18.011  9.512   11.188  1.00 41.70 ? 31  LYS A NZ  1 
ATOM   269  N  N   . THR A 1 33  ? 16.330  4.074   5.314   1.00 28.50 ? 32  THR A N   1 
ATOM   270  C  CA  . THR A 1 33  ? 16.177  3.655   3.923   1.00 28.93 ? 32  THR A CA  1 
ATOM   271  C  C   . THR A 1 33  ? 15.027  2.644   3.769   1.00 29.42 ? 32  THR A C   1 
ATOM   272  O  O   . THR A 1 33  ? 14.226  2.729   2.821   1.00 28.59 ? 32  THR A O   1 
ATOM   273  C  CB  . THR A 1 33  ? 17.488  3.074   3.371   1.00 29.07 ? 32  THR A CB  1 
ATOM   274  O  OG1 . THR A 1 33  ? 18.460  4.123   3.250   1.00 28.25 ? 32  THR A OG1 1 
ATOM   275  C  CG2 . THR A 1 33  ? 17.324  2.529   1.918   1.00 28.05 ? 32  THR A CG2 1 
ATOM   276  N  N   . GLY A 1 34  ? 14.963  1.698   4.699   1.00 29.39 ? 33  GLY A N   1 
ATOM   277  C  CA  . GLY A 1 34  ? 13.883  0.730   4.760   1.00 29.83 ? 33  GLY A CA  1 
ATOM   278  C  C   . GLY A 1 34  ? 12.531  1.401   4.864   1.00 29.95 ? 33  GLY A C   1 
ATOM   279  O  O   . GLY A 1 34  ? 11.607  0.983   4.211   1.00 30.19 ? 33  GLY A O   1 
ATOM   280  N  N   . GLU A 1 35  ? 12.423  2.449   5.664   1.00 31.04 ? 34  GLU A N   1 
ATOM   281  C  CA  . GLU A 1 35  ? 11.168  3.193   5.780   1.00 32.40 ? 34  GLU A CA  1 
ATOM   282  C  C   . GLU A 1 35  ? 10.757  3.832   4.457   1.00 32.11 ? 34  GLU A C   1 
ATOM   283  O  O   . GLU A 1 35  ? 9.575   3.868   4.140   1.00 31.28 ? 34  GLU A O   1 
ATOM   284  C  CB  . GLU A 1 35  ? 11.271  4.282   6.836   1.00 33.30 ? 34  GLU A CB  1 
ATOM   285  C  CG  . GLU A 1 35  ? 11.332  3.774   8.264   1.00 37.69 ? 34  GLU A CG  1 
ATOM   286  C  CD  . GLU A 1 35  ? 11.618  4.903   9.251   1.00 42.72 ? 34  GLU A CD  1 
ATOM   287  O  OE1 . GLU A 1 35  ? 11.793  6.072   8.818   1.00 47.19 ? 34  GLU A OE1 1 
ATOM   288  O  OE2 . GLU A 1 35  ? 11.662  4.623   10.465  1.00 47.36 ? 34  GLU A OE2 1 
ATOM   289  N  N   . GLN A 1 36  ? 11.737  4.316   3.686   1.00 31.58 ? 35  GLN A N   1 
ATOM   290  C  CA  . GLN A 1 36  ? 11.474  4.918   2.387   1.00 31.39 ? 35  GLN A CA  1 
ATOM   291  C  C   . GLN A 1 36  ? 10.939  3.874   1.432   1.00 31.02 ? 35  GLN A C   1 
ATOM   292  O  O   . GLN A 1 36  ? 10.041  4.169   0.648   1.00 30.01 ? 35  GLN A O   1 
ATOM   293  C  CB  . GLN A 1 36  ? 12.730  5.536   1.758   1.00 31.53 ? 35  GLN A CB  1 
ATOM   294  C  CG  . GLN A 1 36  ? 13.246  6.793   2.413   1.00 32.84 ? 35  GLN A CG  1 
ATOM   295  C  CD  . GLN A 1 36  ? 14.624  7.143   1.868   1.00 34.93 ? 35  GLN A CD  1 
ATOM   296  O  OE1 . GLN A 1 36  ? 15.630  6.869   2.509   1.00 35.95 ? 35  GLN A OE1 1 
ATOM   297  N  NE2 . GLN A 1 36  ? 14.664  7.690   0.660   1.00 34.76 ? 35  GLN A NE2 1 
ATOM   298  N  N   . LEU A 1 37  ? 11.492  2.664   1.479   1.00 30.73 ? 36  LEU A N   1 
ATOM   299  C  CA  . LEU A 1 37  ? 11.011  1.593   0.614   1.00 31.43 ? 36  LEU A CA  1 
ATOM   300  C  C   . LEU A 1 37  ? 9.577   1.207   0.983   1.00 31.32 ? 36  LEU A C   1 
ATOM   301  O  O   . LEU A 1 37  ? 8.796   0.895   0.100   1.00 31.26 ? 36  LEU A O   1 
ATOM   302  C  CB  . LEU A 1 37  ? 11.908  0.357   0.656   1.00 32.10 ? 36  LEU A CB  1 
ATOM   303  C  CG  . LEU A 1 37  ? 13.359  0.557   0.202   1.00 34.56 ? 36  LEU A CG  1 
ATOM   304  C  CD1 . LEU A 1 37  ? 14.250  -0.559  0.766   1.00 36.76 ? 36  LEU A CD1 1 
ATOM   305  C  CD2 . LEU A 1 37  ? 13.480  0.617   -1.325  1.00 36.73 ? 36  LEU A CD2 1 
ATOM   306  N  N   . GLY A 1 38  ? 9.254   1.231   2.274   1.00 31.18 ? 37  GLY A N   1 
ATOM   307  C  CA  . GLY A 1 38  ? 7.938   0.867   2.760   1.00 31.73 ? 37  GLY A CA  1 
ATOM   308  C  C   . GLY A 1 38  ? 6.903   1.890   2.318   1.00 31.92 ? 37  GLY A C   1 
ATOM   309  O  O   . GLY A 1 38  ? 5.820   1.532   1.837   1.00 31.38 ? 37  GLY A O   1 
ATOM   310  N  N   . TRP A 1 39  ? 7.246   3.164   2.494   1.00 31.86 ? 38  TRP A N   1 
ATOM   311  C  CA  . TRP A 1 39  ? 6.437   4.270   2.014   1.00 32.27 ? 38  TRP A CA  1 
ATOM   312  C  C   . TRP A 1 39  ? 6.198   4.177   0.503   1.00 32.21 ? 38  TRP A C   1 
ATOM   313  O  O   . TRP A 1 39  ? 5.096   4.433   0.043   1.00 32.62 ? 38  TRP A O   1 
ATOM   314  C  CB  . TRP A 1 39  ? 7.096   5.603   2.378   1.00 32.79 ? 38  TRP A CB  1 
ATOM   315  C  CG  . TRP A 1 39  ? 6.404   6.802   1.804   1.00 31.96 ? 38  TRP A CG  1 
ATOM   316  C  CD1 . TRP A 1 39  ? 5.347   7.488   2.349   1.00 32.19 ? 38  TRP A CD1 1 
ATOM   317  C  CD2 . TRP A 1 39  ? 6.700   7.443   0.563   1.00 30.40 ? 38  TRP A CD2 1 
ATOM   318  N  NE1 . TRP A 1 39  ? 4.984   8.523   1.518   1.00 30.41 ? 38  TRP A NE1 1 
ATOM   319  C  CE2 . TRP A 1 39  ? 5.798   8.512   0.415   1.00 30.97 ? 38  TRP A CE2 1 
ATOM   320  C  CE3 . TRP A 1 39  ? 7.645   7.220   -0.442  1.00 30.99 ? 38  TRP A CE3 1 
ATOM   321  C  CZ2 . TRP A 1 39  ? 5.815   9.361   -0.699  1.00 33.28 ? 38  TRP A CZ2 1 
ATOM   322  C  CZ3 . TRP A 1 39  ? 7.671   8.068   -1.539  1.00 33.53 ? 38  TRP A CZ3 1 
ATOM   323  C  CH2 . TRP A 1 39  ? 6.760   9.127   -1.656  1.00 33.40 ? 38  TRP A CH2 1 
ATOM   324  N  N   . ALA A 1 40  ? 7.205   3.782   -0.255  1.00 31.21 ? 39  ALA A N   1 
ATOM   325  C  CA  . ALA A 1 40  ? 7.050   3.586   -1.688  1.00 31.36 ? 39  ALA A CA  1 
ATOM   326  C  C   . ALA A 1 40  ? 6.030   2.479   -1.984  1.00 31.52 ? 39  ALA A C   1 
ATOM   327  O  O   . ALA A 1 40  ? 5.247   2.597   -2.930  1.00 31.71 ? 39  ALA A O   1 
ATOM   328  C  CB  . ALA A 1 40  ? 8.361   3.239   -2.334  1.00 31.03 ? 39  ALA A CB  1 
ATOM   329  N  N   . TYR A 1 41  ? 6.068   1.412   -1.191  1.00 30.95 ? 40  TYR A N   1 
ATOM   330  C  CA  . TYR A 1 41  ? 5.105   0.329   -1.298  1.00 30.79 ? 40  TYR A CA  1 
ATOM   331  C  C   . TYR A 1 41  ? 3.684   0.841   -1.012  1.00 30.12 ? 40  TYR A C   1 
ATOM   332  O  O   . TYR A 1 41  ? 2.792   0.531   -1.756  1.00 29.58 ? 40  TYR A O   1 
ATOM   333  C  CB  . TYR A 1 41  ? 5.445   -0.842  -0.355  1.00 31.06 ? 40  TYR A CB  1 
ATOM   334  C  CG  . TYR A 1 41  ? 4.341   -1.872  -0.298  1.00 30.32 ? 40  TYR A CG  1 
ATOM   335  C  CD1 . TYR A 1 41  ? 4.184   -2.798  -1.316  1.00 33.26 ? 40  TYR A CD1 1 
ATOM   336  C  CD2 . TYR A 1 41  ? 3.439   -1.888  0.757   1.00 31.33 ? 40  TYR A CD2 1 
ATOM   337  C  CE1 . TYR A 1 41  ? 3.140   -3.742  -1.281  1.00 34.96 ? 40  TYR A CE1 1 
ATOM   338  C  CE2 . TYR A 1 41  ? 2.396   -2.808  0.804   1.00 33.05 ? 40  TYR A CE2 1 
ATOM   339  C  CZ  . TYR A 1 41  ? 2.248   -3.725  -0.220  1.00 34.44 ? 40  TYR A CZ  1 
ATOM   340  O  OH  . TYR A 1 41  ? 1.227   -4.639  -0.169  1.00 37.20 ? 40  TYR A OH  1 
ATOM   341  N  N   . GLU A 1 42  ? 3.509   1.618   0.054   1.00 30.22 ? 41  GLU A N   1 
ATOM   342  C  CA  . GLU A 1 42  ? 2.216   2.196   0.433   1.00 30.62 ? 41  GLU A CA  1 
ATOM   343  C  C   . GLU A 1 42  ? 1.575   3.021   -0.658  1.00 30.76 ? 41  GLU A C   1 
ATOM   344  O  O   . GLU A 1 42  ? 0.356   2.913   -0.893  1.00 30.35 ? 41  GLU A O   1 
ATOM   345  C  CB  . GLU A 1 42  ? 2.346   3.116   1.636   1.00 30.89 ? 41  GLU A CB  1 
ATOM   346  C  CG  . GLU A 1 42  ? 2.523   2.426   2.963   1.00 31.98 ? 41  GLU A CG  1 
ATOM   347  C  CD  . GLU A 1 42  ? 2.895   3.418   4.058   1.00 35.59 ? 41  GLU A CD  1 
ATOM   348  O  OE1 . GLU A 1 42  ? 2.066   4.310   4.356   1.00 37.66 ? 41  GLU A OE1 1 
ATOM   349  O  OE2 . GLU A 1 42  ? 4.012   3.297   4.631   1.00 36.19 ? 41  GLU A OE2 1 
ATOM   350  N  N   . GLN A 1 43  ? 2.392   3.866   -1.292  1.00 30.06 ? 42  GLN A N   1 
ATOM   351  C  CA  . GLN A 1 43  ? 1.929   4.773   -2.323  1.00 30.09 ? 42  GLN A CA  1 
ATOM   352  C  C   . GLN A 1 43  ? 1.510   4.020   -3.586  1.00 29.54 ? 42  GLN A C   1 
ATOM   353  O  O   . GLN A 1 43  ? 0.493   4.363   -4.208  1.00 30.18 ? 42  GLN A O   1 
ATOM   354  C  CB  . GLN A 1 43  ? 3.013   5.812   -2.659  1.00 30.23 ? 42  GLN A CB  1 
ATOM   355  C  CG  . GLN A 1 43  ? 3.467   6.698   -1.502  1.00 32.22 ? 42  GLN A CG  1 
ATOM   356  C  CD  . GLN A 1 43  ? 2.332   7.210   -0.629  1.00 36.88 ? 42  GLN A CD  1 
ATOM   357  O  OE1 . GLN A 1 43  ? 1.421   7.867   -1.115  1.00 40.23 ? 42  GLN A OE1 1 
ATOM   358  N  NE2 . GLN A 1 43  ? 2.386   6.903   0.664   1.00 39.35 ? 42  GLN A NE2 1 
ATOM   359  N  N   . ALA A 1 44  ? 2.279   2.998   -3.953  1.00 28.57 ? 43  ALA A N   1 
ATOM   360  C  CA  . ALA A 1 44  ? 1.994   2.172   -5.133  1.00 28.33 ? 43  ALA A CA  1 
ATOM   361  C  C   . ALA A 1 44  ? 0.793   1.248   -4.921  1.00 28.04 ? 43  ALA A C   1 
ATOM   362  O  O   . ALA A 1 44  ? 0.077   0.912   -5.864  1.00 27.56 ? 43  ALA A O   1 
ATOM   363  C  CB  . ALA A 1 44  ? 3.203   1.322   -5.480  1.00 28.47 ? 43  ALA A CB  1 
ATOM   364  N  N   . ALA A 1 45  ? 0.615   0.801   -3.684  1.00 27.74 ? 44  ALA A N   1 
ATOM   365  C  CA  . ALA A 1 45  ? -0.425  -0.162  -3.351  1.00 28.50 ? 44  ALA A CA  1 
ATOM   366  C  C   . ALA A 1 45  ? -1.810  0.517   -3.255  1.00 28.79 ? 44  ALA A C   1 
ATOM   367  O  O   . ALA A 1 45  ? -2.821  -0.153  -3.375  1.00 29.52 ? 44  ALA A O   1 
ATOM   368  C  CB  . ALA A 1 45  ? -0.090  -0.853  -2.052  1.00 28.47 ? 44  ALA A CB  1 
ATOM   369  N  N   . PHE A 1 46  ? -1.842  1.831   -3.026  1.00 28.97 ? 45  PHE A N   1 
ATOM   370  C  CA  . PHE A 1 46  ? -3.096  2.609   -3.018  1.00 29.16 ? 45  PHE A CA  1 
ATOM   371  C  C   . PHE A 1 46  ? -2.937  3.908   -3.778  1.00 28.82 ? 45  PHE A C   1 
ATOM   372  O  O   . PHE A 1 46  ? -2.858  5.000   -3.181  1.00 29.65 ? 45  PHE A O   1 
ATOM   373  C  CB  . PHE A 1 46  ? -3.549  2.884   -1.594  1.00 29.28 ? 45  PHE A CB  1 
ATOM   374  C  CG  . PHE A 1 46  ? -4.984  3.299   -1.489  1.00 29.95 ? 45  PHE A CG  1 
ATOM   375  C  CD1 . PHE A 1 46  ? -5.998  2.362   -1.562  1.00 31.27 ? 45  PHE A CD1 1 
ATOM   376  C  CD2 . PHE A 1 46  ? -5.318  4.637   -1.303  1.00 32.00 ? 45  PHE A CD2 1 
ATOM   377  C  CE1 . PHE A 1 46  ? -7.354  2.758   -1.465  1.00 32.20 ? 45  PHE A CE1 1 
ATOM   378  C  CE2 . PHE A 1 46  ? -6.654  5.035   -1.201  1.00 32.27 ? 45  PHE A CE2 1 
ATOM   379  C  CZ  . PHE A 1 46  ? -7.668  4.091   -1.284  1.00 31.62 ? 45  PHE A CZ  1 
ATOM   380  N  N   . PRO A 1 47  ? -2.885  3.802   -5.094  1.00 28.67 ? 46  PRO A N   1 
ATOM   381  C  CA  . PRO A 1 47  ? -2.669  4.970   -5.956  1.00 29.26 ? 46  PRO A CA  1 
ATOM   382  C  C   . PRO A 1 47  ? -3.975  5.735   -6.244  1.00 29.71 ? 46  PRO A C   1 
ATOM   383  O  O   . PRO A 1 47  ? -4.316  5.989   -7.375  1.00 30.33 ? 46  PRO A O   1 
ATOM   384  C  CB  . PRO A 1 47  ? -2.118  4.340   -7.226  1.00 28.84 ? 46  PRO A CB  1 
ATOM   385  C  CG  . PRO A 1 47  ? -2.832  3.026   -7.295  1.00 28.53 ? 46  PRO A CG  1 
ATOM   386  C  CD  . PRO A 1 47  ? -3.032  2.559   -5.879  1.00 28.39 ? 46  PRO A CD  1 
ATOM   387  N  N   . TYR A 1 48  ? -4.698  6.094   -5.201  1.00 30.40 ? 47  TYR A N   1 
ATOM   388  C  CA  . TYR A 1 48  ? -5.966  6.777   -5.358  1.00 31.13 ? 47  TYR A CA  1 
ATOM   389  C  C   . TYR A 1 48  ? -6.085  7.904   -4.359  1.00 32.08 ? 47  TYR A C   1 
ATOM   390  O  O   . TYR A 1 48  ? -5.514  7.845   -3.285  1.00 31.73 ? 47  TYR A O   1 
ATOM   391  C  CB  . TYR A 1 48  ? -7.122  5.797   -5.144  1.00 30.42 ? 47  TYR A CB  1 
ATOM   392  C  CG  . TYR A 1 48  ? -7.130  4.653   -6.122  1.00 30.34 ? 47  TYR A CG  1 
ATOM   393  C  CD1 . TYR A 1 48  ? -7.559  4.838   -7.439  1.00 29.70 ? 47  TYR A CD1 1 
ATOM   394  C  CD2 . TYR A 1 48  ? -6.688  3.391   -5.747  1.00 28.45 ? 47  TYR A CD2 1 
ATOM   395  C  CE1 . TYR A 1 48  ? -7.559  3.786   -8.346  1.00 29.32 ? 47  TYR A CE1 1 
ATOM   396  C  CE2 . TYR A 1 48  ? -6.677  2.336   -6.656  1.00 28.36 ? 47  TYR A CE2 1 
ATOM   397  C  CZ  . TYR A 1 48  ? -7.122  2.538   -7.940  1.00 28.25 ? 47  TYR A CZ  1 
ATOM   398  O  OH  . TYR A 1 48  ? -7.114  1.504   -8.827  1.00 28.11 ? 47  TYR A OH  1 
ATOM   399  N  N   . THR A 1 49  ? -6.857  8.914   -4.734  1.00 34.00 ? 48  THR A N   1 
ATOM   400  C  CA  . THR A 1 49  ? -7.345  9.944   -3.825  1.00 35.21 ? 48  THR A CA  1 
ATOM   401  C  C   . THR A 1 49  ? -8.832  9.687   -3.598  1.00 35.18 ? 48  THR A C   1 
ATOM   402  O  O   . THR A 1 49  ? -9.553  9.442   -4.547  1.00 33.90 ? 48  THR A O   1 
ATOM   403  C  CB  . THR A 1 49  ? -7.171  11.325  -4.495  1.00 35.96 ? 48  THR A CB  1 
ATOM   404  O  OG1 . THR A 1 49  ? -5.785  11.554  -4.795  1.00 38.67 ? 48  THR A OG1 1 
ATOM   405  C  CG2 . THR A 1 49  ? -7.559  12.448  -3.539  1.00 37.44 ? 48  THR A CG2 1 
ATOM   406  N  N   . VAL A 1 50  ? -9.279  9.757   -2.347  1.00 36.45 ? 49  VAL A N   1 
ATOM   407  C  CA  . VAL A 1 50  ? -10.661 9.477   -1.975  1.00 37.72 ? 49  VAL A CA  1 
ATOM   408  C  C   . VAL A 1 50  ? -11.489 10.763  -1.790  1.00 39.66 ? 49  VAL A C   1 
ATOM   409  O  O   . VAL A 1 50  ? -11.096 11.669  -1.048  1.00 39.17 ? 49  VAL A O   1 
ATOM   410  C  CB  . VAL A 1 50  ? -10.714 8.666   -0.663  1.00 37.72 ? 49  VAL A CB  1 
ATOM   411  C  CG1 . VAL A 1 50  ? -12.158 8.409   -0.219  1.00 37.76 ? 49  VAL A CG1 1 
ATOM   412  C  CG2 . VAL A 1 50  ? -9.984  7.347   -0.821  1.00 38.08 ? 49  VAL A CG2 1 
ATOM   413  N  N   . ARG A 1 51  ? -12.640 10.827  -2.462  1.00 41.80 ? 50  ARG A N   1 
ATOM   414  C  CA  . ARG A 1 51  ? -13.662 11.840  -2.174  1.00 43.29 ? 50  ARG A CA  1 
ATOM   415  C  C   . ARG A 1 51  ? -15.056 11.198  -2.023  1.00 43.44 ? 50  ARG A C   1 
ATOM   416  O  O   . ARG A 1 51  ? -15.332 10.121  -2.559  1.00 42.90 ? 50  ARG A O   1 
ATOM   417  C  CB  A ARG A 1 51  ? -13.645 12.928  -3.259  0.50 43.74 ? 50  ARG A CB  1 
ATOM   418  C  CB  B ARG A 1 51  ? -13.669 12.935  -3.243  0.50 43.60 ? 50  ARG A CB  1 
ATOM   419  C  CG  A ARG A 1 51  ? -14.971 13.179  -3.992  0.50 46.71 ? 50  ARG A CG  1 
ATOM   420  C  CG  B ARG A 1 51  ? -13.960 12.459  -4.661  0.50 46.23 ? 50  ARG A CG  1 
ATOM   421  C  CD  A ARG A 1 51  ? -14.822 13.914  -5.324  0.50 50.60 ? 50  ARG A CD  1 
ATOM   422  C  CD  B ARG A 1 51  ? -14.135 13.599  -5.673  0.50 49.01 ? 50  ARG A CD  1 
ATOM   423  N  NE  A ARG A 1 51  ? -16.044 13.827  -6.135  0.50 54.19 ? 50  ARG A NE  1 
ATOM   424  N  NE  B ARG A 1 51  ? -14.646 13.124  -6.961  0.50 51.78 ? 50  ARG A NE  1 
ATOM   425  C  CZ  A ARG A 1 51  ? -16.131 13.291  -7.360  0.50 57.26 ? 50  ARG A CZ  1 
ATOM   426  C  CZ  B ARG A 1 51  ? -15.941 12.967  -7.275  0.50 54.04 ? 50  ARG A CZ  1 
ATOM   427  N  NH1 A ARG A 1 51  ? -15.070 12.757  -7.971  0.50 58.43 ? 50  ARG A NH1 1 
ATOM   428  N  NH1 B ARG A 1 51  ? -16.909 13.247  -6.400  0.50 54.81 ? 50  ARG A NH1 1 
ATOM   429  N  NH2 A ARG A 1 51  ? -17.306 13.283  -7.984  0.50 58.03 ? 50  ARG A NH2 1 
ATOM   430  N  NH2 B ARG A 1 51  ? -16.271 12.527  -8.488  0.50 54.36 ? 50  ARG A NH2 1 
ATOM   431  N  N   . ILE A 1 52  ? -15.918 11.864  -1.266  1.00 43.41 ? 51  ILE A N   1 
ATOM   432  C  CA  . ILE A 1 52  ? -17.292 11.429  -1.085  1.00 43.86 ? 51  ILE A CA  1 
ATOM   433  C  C   . ILE A 1 52  ? -18.237 12.445  -1.717  1.00 43.76 ? 51  ILE A C   1 
ATOM   434  O  O   . ILE A 1 52  ? -18.108 13.645  -1.480  1.00 44.13 ? 51  ILE A O   1 
ATOM   435  C  CB  . ILE A 1 52  ? -17.620 11.236  0.395   1.00 44.13 ? 51  ILE A CB  1 
ATOM   436  C  CG1 . ILE A 1 52  ? -19.023 10.660  0.541   1.00 44.12 ? 51  ILE A CG1 1 
ATOM   437  C  CG2 . ILE A 1 52  ? -17.518 12.568  1.168   1.00 46.30 ? 51  ILE A CG2 1 
ATOM   438  C  CD1 . ILE A 1 52  ? -19.332 10.225  1.910   1.00 45.92 ? 51  ILE A CD1 1 
ATOM   439  N  N   . HIS A 1 53  ? -19.163 11.953  -2.536  1.00 43.01 ? 52  HIS A N   1 
ATOM   440  C  CA  . HIS A 1 53  ? -20.201 12.769  -3.148  1.00 42.92 ? 52  HIS A CA  1 
ATOM   441  C  C   . HIS A 1 53  ? -21.511 11.977  -3.225  1.00 41.80 ? 52  HIS A C   1 
ATOM   442  O  O   . HIS A 1 53  ? -21.569 10.890  -3.844  1.00 41.04 ? 52  HIS A O   1 
ATOM   443  C  CB  . HIS A 1 53  ? -19.773 13.201  -4.539  1.00 43.50 ? 52  HIS A CB  1 
ATOM   444  C  CG  . HIS A 1 53  ? -20.802 14.013  -5.262  1.00 46.99 ? 52  HIS A CG  1 
ATOM   445  N  ND1 . HIS A 1 53  ? -21.193 15.267  -4.839  1.00 50.53 ? 52  HIS A ND1 1 
ATOM   446  C  CD2 . HIS A 1 53  ? -21.513 13.756  -6.387  1.00 49.75 ? 52  HIS A CD2 1 
ATOM   447  C  CE1 . HIS A 1 53  ? -22.103 15.743  -5.670  1.00 50.80 ? 52  HIS A CE1 1 
ATOM   448  N  NE2 . HIS A 1 53  ? -22.320 14.844  -6.613  1.00 50.72 ? 52  HIS A NE2 1 
ATOM   449  N  N   . GLU A 1 54  ? -22.543 12.521  -2.583  1.00 40.21 ? 53  GLU A N   1 
ATOM   450  C  CA  . GLU A 1 54  ? -23.864 11.897  -2.514  1.00 39.72 ? 53  GLU A CA  1 
ATOM   451  C  C   . GLU A 1 54  ? -23.810 10.443  -2.006  1.00 37.90 ? 53  GLU A C   1 
ATOM   452  O  O   . GLU A 1 54  ? -24.363 9.543   -2.627  1.00 37.32 ? 53  GLU A O   1 
ATOM   453  C  CB  . GLU A 1 54  ? -24.585 12.008  -3.868  1.00 40.36 ? 53  GLU A CB  1 
ATOM   454  C  CG  . GLU A 1 54  ? -24.661 13.448  -4.380  1.00 43.52 ? 53  GLU A CG  1 
ATOM   455  C  CD  . GLU A 1 54  ? -25.709 13.673  -5.459  1.00 47.41 ? 53  GLU A CD  1 
ATOM   456  O  OE1 . GLU A 1 54  ? -25.755 12.911  -6.454  1.00 50.92 ? 53  GLU A OE1 1 
ATOM   457  O  OE2 . GLU A 1 54  ? -26.483 14.635  -5.326  1.00 49.65 ? 53  GLU A OE2 1 
ATOM   458  N  N   . SER A 1 55  ? -23.130 10.250  -0.872  1.00 35.99 ? 54  SER A N   1 
ATOM   459  C  CA  . SER A 1 55  ? -23.003 8.953   -0.182  1.00 34.56 ? 54  SER A CA  1 
ATOM   460  C  C   . SER A 1 55  ? -22.340 7.822   -0.998  1.00 32.92 ? 54  SER A C   1 
ATOM   461  O  O   . SER A 1 55  ? -22.552 6.657   -0.711  1.00 32.40 ? 54  SER A O   1 
ATOM   462  C  CB  . SER A 1 55  ? -24.368 8.485   0.337   1.00 34.73 ? 54  SER A CB  1 
ATOM   463  O  OG  . SER A 1 55  ? -24.914 9.417   1.246   1.00 34.13 ? 54  SER A OG  1 
ATOM   464  N  N   . VAL A 1 56  ? -21.561 8.195   -2.006  1.00 31.81 ? 55  VAL A N   1 
ATOM   465  C  CA  . VAL A 1 56  ? -20.740 7.288   -2.795  1.00 31.29 ? 55  VAL A CA  1 
ATOM   466  C  C   . VAL A 1 56  ? -19.264 7.740   -2.657  1.00 31.32 ? 55  VAL A C   1 
ATOM   467  O  O   . VAL A 1 56  ? -18.937 8.938   -2.793  1.00 30.97 ? 55  VAL A O   1 
ATOM   468  C  CB  . VAL A 1 56  ? -21.142 7.327   -4.276  1.00 31.14 ? 55  VAL A CB  1 
ATOM   469  C  CG1 . VAL A 1 56  ? -20.230 6.466   -5.115  1.00 31.71 ? 55  VAL A CG1 1 
ATOM   470  C  CG2 . VAL A 1 56  ? -22.617 6.858   -4.464  1.00 32.02 ? 55  VAL A CG2 1 
ATOM   471  N  N   . LEU A 1 57  ? -18.375 6.794   -2.398  1.00 30.83 ? 56  LEU A N   1 
ATOM   472  C  CA  . LEU A 1 57  ? -16.933 7.093   -2.354  1.00 31.57 ? 56  LEU A CA  1 
ATOM   473  C  C   . LEU A 1 57  ? -16.299 6.956   -3.722  1.00 31.07 ? 56  LEU A C   1 
ATOM   474  O  O   . LEU A 1 57  ? -16.389 5.894   -4.326  1.00 31.84 ? 56  LEU A O   1 
ATOM   475  C  CB  . LEU A 1 57  ? -16.244 6.162   -1.363  1.00 31.47 ? 56  LEU A CB  1 
ATOM   476  C  CG  . LEU A 1 57  ? -16.572 6.456   0.099   1.00 33.31 ? 56  LEU A CG  1 
ATOM   477  C  CD1 . LEU A 1 57  ? -16.216 5.281   0.985   1.00 34.97 ? 56  LEU A CD1 1 
ATOM   478  C  CD2 . LEU A 1 57  ? -15.857 7.724   0.597   1.00 36.45 ? 56  LEU A CD2 1 
ATOM   479  N  N   . TYR A 1 58  ? -15.687 8.016   -4.233  1.00 30.74 ? 57  TYR A N   1 
ATOM   480  C  CA  . TYR A 1 58  ? -15.001 7.958   -5.512  1.00 31.89 ? 57  TYR A CA  1 
ATOM   481  C  C   . TYR A 1 58  ? -13.497 7.960   -5.303  1.00 32.38 ? 57  TYR A C   1 
ATOM   482  O  O   . TYR A 1 58  ? -12.948 8.840   -4.646  1.00 32.76 ? 57  TYR A O   1 
ATOM   483  C  CB  . TYR A 1 58  ? -15.395 9.114   -6.437  1.00 32.58 ? 57  TYR A CB  1 
ATOM   484  C  CG  . TYR A 1 58  ? -16.843 9.069   -6.834  1.00 34.25 ? 57  TYR A CG  1 
ATOM   485  C  CD1 . TYR A 1 58  ? -17.261 8.344   -7.943  1.00 36.54 ? 57  TYR A CD1 1 
ATOM   486  C  CD2 . TYR A 1 58  ? -17.804 9.715   -6.068  1.00 36.30 ? 57  TYR A CD2 1 
ATOM   487  C  CE1 . TYR A 1 58  ? -18.611 8.277   -8.291  1.00 38.34 ? 57  TYR A CE1 1 
ATOM   488  C  CE2 . TYR A 1 58  ? -19.148 9.667   -6.410  1.00 38.60 ? 57  TYR A CE2 1 
ATOM   489  C  CZ  . TYR A 1 58  ? -19.544 8.938   -7.507  1.00 38.64 ? 57  TYR A CZ  1 
ATOM   490  O  OH  . TYR A 1 58  ? -20.874 8.888   -7.810  1.00 41.91 ? 57  TYR A OH  1 
ATOM   491  N  N   . LEU A 1 59  ? -12.846 6.939   -5.839  1.00 32.64 ? 58  LEU A N   1 
ATOM   492  C  CA  . LEU A 1 59  ? -11.395 6.858   -5.864  1.00 33.09 ? 58  LEU A CA  1 
ATOM   493  C  C   . LEU A 1 59  ? -10.923 7.364   -7.217  1.00 34.10 ? 58  LEU A C   1 
ATOM   494  O  O   . LEU A 1 59  ? -11.337 6.845   -8.249  1.00 34.73 ? 58  LEU A O   1 
ATOM   495  C  CB  . LEU A 1 59  ? -10.925 5.417   -5.627  1.00 32.12 ? 58  LEU A CB  1 
ATOM   496  C  CG  . LEU A 1 59  ? -10.883 4.936   -4.170  1.00 31.77 ? 58  LEU A CG  1 
ATOM   497  C  CD1 . LEU A 1 59  ? -12.221 5.043   -3.501  1.00 32.24 ? 58  LEU A CD1 1 
ATOM   498  C  CD2 . LEU A 1 59  ? -10.374 3.493   -4.090  1.00 31.20 ? 58  LEU A CD2 1 
ATOM   499  N  N   . GLN A 1 60  ? -10.066 8.382   -7.209  1.00 35.36 ? 59  GLN A N   1 
ATOM   500  C  CA  . GLN A 1 60  ? -9.473  8.921   -8.427  1.00 36.74 ? 59  GLN A CA  1 
ATOM   501  C  C   . GLN A 1 60  ? -8.021  8.449   -8.539  1.00 36.47 ? 59  GLN A C   1 
ATOM   502  O  O   . GLN A 1 60  ? -7.212  8.659   -7.645  1.00 34.68 ? 59  GLN A O   1 
ATOM   503  C  CB  . GLN A 1 60  ? -9.547  10.463  -8.434  1.00 37.90 ? 59  GLN A CB  1 
ATOM   504  C  CG  . GLN A 1 60  ? -8.926  11.125  -9.688  1.00 42.76 ? 59  GLN A CG  1 
ATOM   505  C  CD  . GLN A 1 60  ? -8.919  12.664  -9.620  1.00 49.34 ? 59  GLN A CD  1 
ATOM   506  O  OE1 . GLN A 1 60  ? -8.149  13.256  -8.852  1.00 54.30 ? 59  GLN A OE1 1 
ATOM   507  N  NE2 . GLN A 1 60  ? -9.775  13.303  -10.418 1.00 51.93 ? 59  GLN A NE2 1 
ATOM   508  N  N   . GLY A 1 61  ? -7.697  7.826   -9.668  1.00 37.16 ? 60  GLY A N   1 
ATOM   509  C  CA  . GLY A 1 61  ? -6.413  7.186   -9.835  1.00 38.08 ? 60  GLY A CA  1 
ATOM   510  C  C   . GLY A 1 61  ? -5.284  8.144   -10.144 1.00 39.14 ? 60  GLY A C   1 
ATOM   511  O  O   . GLY A 1 61  ? -5.444  9.071   -10.939 1.00 38.82 ? 60  GLY A O   1 
ATOM   512  N  N   . ASP A 1 62  ? -4.128  7.894   -9.529  1.00 40.36 ? 61  ASP A N   1 
ATOM   513  C  CA  . ASP A 1 62  ? -2.912  8.654   -9.818  1.00 41.52 ? 61  ASP A CA  1 
ATOM   514  C  C   . ASP A 1 62  ? -2.343  8.245   -11.165 1.00 42.01 ? 61  ASP A C   1 
ATOM   515  O  O   . ASP A 1 62  ? -2.139  7.055   -11.421 1.00 42.47 ? 61  ASP A O   1 
ATOM   516  C  CB  . ASP A 1 62  ? -1.864  8.417   -8.730  1.00 41.79 ? 61  ASP A CB  1 
ATOM   517  C  CG  . ASP A 1 62  ? -2.313  8.914   -7.383  1.00 43.57 ? 61  ASP A CG  1 
ATOM   518  O  OD1 . ASP A 1 62  ? -2.970  9.977   -7.354  1.00 46.61 ? 61  ASP A OD1 1 
ATOM   519  O  OD2 . ASP A 1 62  ? -2.070  8.323   -6.300  1.00 45.59 ? 61  ASP A OD2 1 
ATOM   520  N  N   . GLY A 1 63  ? -2.106  9.227   -12.034 1.00 42.84 ? 62  GLY A N   1 
ATOM   521  C  CA  . GLY A 1 63  ? -1.399  8.991   -13.282 1.00 43.26 ? 62  GLY A CA  1 
ATOM   522  C  C   . GLY A 1 63  ? -2.199  8.241   -14.334 1.00 43.61 ? 62  GLY A C   1 
ATOM   523  O  O   . GLY A 1 63  ? -3.382  7.968   -14.160 1.00 44.07 ? 62  GLY A O   1 
ATOM   524  N  N   . ARG A 1 64  ? -1.538  7.893   -15.434 1.00 44.10 ? 63  ARG A N   1 
ATOM   525  C  CA  . ARG A 1 64  ? -2.214  7.298   -16.596 1.00 44.24 ? 63  ARG A CA  1 
ATOM   526  C  C   . ARG A 1 64  ? -2.632  5.834   -16.371 1.00 42.54 ? 63  ARG A C   1 
ATOM   527  O  O   . ARG A 1 64  ? -3.511  5.319   -17.068 1.00 42.78 ? 63  ARG A O   1 
ATOM   528  C  CB  . ARG A 1 64  ? -1.312  7.404   -17.845 1.00 45.19 ? 63  ARG A CB  1 
ATOM   529  C  CG  . ARG A 1 64  ? -0.159  6.376   -17.926 1.00 48.85 ? 63  ARG A CG  1 
ATOM   530  C  CD  . ARG A 1 64  ? 0.990   6.715   -18.934 1.00 52.91 ? 63  ARG A CD  1 
ATOM   531  N  NE  . ARG A 1 64  ? 2.291   6.144   -18.522 1.00 56.31 ? 63  ARG A NE  1 
ATOM   532  C  CZ  . ARG A 1 64  ? 3.029   6.584   -17.489 1.00 59.27 ? 63  ARG A CZ  1 
ATOM   533  N  NH1 . ARG A 1 64  ? 2.618   7.615   -16.752 1.00 60.65 ? 63  ARG A NH1 1 
ATOM   534  N  NH2 . ARG A 1 64  ? 4.187   5.987   -17.178 1.00 60.40 ? 63  ARG A NH2 1 
ATOM   535  N  N   . LEU A 1 65  ? -2.012  5.172   -15.400 1.00 40.12 ? 64  LEU A N   1 
ATOM   536  C  CA  . LEU A 1 65  ? -2.205  3.730   -15.219 1.00 38.66 ? 64  LEU A CA  1 
ATOM   537  C  C   . LEU A 1 65  ? -3.423  3.337   -14.383 1.00 37.25 ? 64  LEU A C   1 
ATOM   538  O  O   . LEU A 1 65  ? -3.802  2.163   -14.357 1.00 36.50 ? 64  LEU A O   1 
ATOM   539  C  CB  . LEU A 1 65  ? -0.939  3.109   -14.636 1.00 38.69 ? 64  LEU A CB  1 
ATOM   540  C  CG  . LEU A 1 65  ? 0.293   3.264   -15.540 1.00 38.95 ? 64  LEU A CG  1 
ATOM   541  C  CD1 . LEU A 1 65  ? 1.487   2.646   -14.910 1.00 39.71 ? 64  LEU A CD1 1 
ATOM   542  C  CD2 . LEU A 1 65  ? 0.038   2.642   -16.897 1.00 40.98 ? 64  LEU A CD2 1 
ATOM   543  N  N   . TYR A 1 66  ? -4.034  4.319   -13.727 1.00 36.01 ? 65  TYR A N   1 
ATOM   544  C  CA  . TYR A 1 66  ? -5.184  4.103   -12.859 1.00 35.14 ? 65  TYR A CA  1 
ATOM   545  C  C   . TYR A 1 66  ? -6.245  5.174   -13.119 1.00 35.73 ? 65  TYR A C   1 
ATOM   546  O  O   . TYR A 1 66  ? -5.972  6.362   -12.967 1.00 35.31 ? 65  TYR A O   1 
ATOM   547  C  CB  . TYR A 1 66  ? -4.750  4.168   -11.387 1.00 34.57 ? 65  TYR A CB  1 
ATOM   548  C  CG  . TYR A 1 66  ? -3.671  3.170   -11.020 1.00 32.92 ? 65  TYR A CG  1 
ATOM   549  C  CD1 . TYR A 1 66  ? -3.979  1.825   -10.856 1.00 32.07 ? 65  TYR A CD1 1 
ATOM   550  C  CD2 . TYR A 1 66  ? -2.342  3.560   -10.884 1.00 31.03 ? 65  TYR A CD2 1 
ATOM   551  C  CE1 . TYR A 1 66  ? -3.020  0.903   -10.549 1.00 30.58 ? 65  TYR A CE1 1 
ATOM   552  C  CE2 . TYR A 1 66  ? -1.351  2.627   -10.558 1.00 32.25 ? 65  TYR A CE2 1 
ATOM   553  C  CZ  . TYR A 1 66  ? -1.703  1.300   -10.399 1.00 30.49 ? 65  TYR A CZ  1 
ATOM   554  O  OH  . TYR A 1 66  ? -0.769  0.361   -10.089 1.00 31.52 ? 65  TYR A OH  1 
ATOM   555  N  N   . LYS A 1 67  ? -7.449  4.759   -13.508 1.00 35.82 ? 66  LYS A N   1 
ATOM   556  C  CA  . LYS A 1 67  ? -8.551  5.703   -13.684 1.00 36.31 ? 66  LYS A CA  1 
ATOM   557  C  C   . LYS A 1 67  ? -9.302  5.950   -12.384 1.00 35.09 ? 66  LYS A C   1 
ATOM   558  O  O   . LYS A 1 67  ? -9.421  7.096   -11.939 1.00 35.10 ? 66  LYS A O   1 
ATOM   559  C  CB  . LYS A 1 67  ? -9.522  5.220   -14.744 1.00 37.29 ? 66  LYS A CB  1 
ATOM   560  C  CG  . LYS A 1 67  ? -10.615 6.245   -15.035 1.00 41.92 ? 66  LYS A CG  1 
ATOM   561  C  CD  . LYS A 1 67  ? -11.273 6.014   -16.403 1.00 46.91 ? 66  LYS A CD  1 
ATOM   562  C  CE  . LYS A 1 67  ? -12.482 6.926   -16.602 1.00 49.01 ? 66  LYS A CE  1 
ATOM   563  N  NZ  . LYS A 1 67  ? -13.650 6.151   -17.098 1.00 52.57 ? 66  LYS A NZ  1 
ATOM   564  N  N   . GLY A 1 68  ? -9.815  4.876   -11.791 1.00 33.53 ? 67  GLY A N   1 
ATOM   565  C  CA  . GLY A 1 68  ? -10.538 4.955   -10.544 1.00 33.03 ? 67  GLY A CA  1 
ATOM   566  C  C   . GLY A 1 68  ? -11.650 3.923   -10.385 1.00 31.95 ? 67  GLY A C   1 
ATOM   567  O  O   . GLY A 1 68  ? -11.831 3.017   -11.207 1.00 31.20 ? 67  GLY A O   1 
HETATM 568  N  N   . MSE A 1 69  ? -12.392 4.076   -9.298  1.00 30.54 ? 68  MSE A N   1 
HETATM 569  C  CA  . MSE A 1 69  ? -13.556 3.247   -9.030  1.00 30.29 ? 68  MSE A CA  1 
HETATM 570  C  C   . MSE A 1 69  ? -14.484 3.959   -8.042  1.00 29.41 ? 68  MSE A C   1 
HETATM 571  O  O   . MSE A 1 69  ? -14.122 4.992   -7.470  1.00 28.18 ? 68  MSE A O   1 
HETATM 572  C  CB  . MSE A 1 69  ? -13.111 1.888   -8.451  1.00 30.94 ? 68  MSE A CB  1 
HETATM 573  C  CG  . MSE A 1 69  ? -12.564 1.947   -7.034  1.00 32.07 ? 68  MSE A CG  1 
HETATM 574  SE SE  . MSE A 1 69  ? -11.625 0.312   -6.446  0.84 38.92 ? 68  MSE A SE  1 
HETATM 575  C  CE  . MSE A 1 69  ? -9.962  0.537   -7.476  1.00 37.38 ? 68  MSE A CE  1 
ATOM   576  N  N   . ALA A 1 70  ? -15.650 3.367   -7.823  1.00 28.23 ? 69  ALA A N   1 
ATOM   577  C  CA  . ALA A 1 70  ? -16.698 3.957   -7.010  1.00 28.78 ? 69  ALA A CA  1 
ATOM   578  C  C   . ALA A 1 70  ? -17.209 2.916   -6.040  1.00 28.57 ? 69  ALA A C   1 
ATOM   579  O  O   . ALA A 1 70  ? -17.524 1.786   -6.446  1.00 28.86 ? 69  ALA A O   1 
ATOM   580  C  CB  . ALA A 1 70  ? -17.838 4.445   -7.928  1.00 29.36 ? 69  ALA A CB  1 
ATOM   581  N  N   . ILE A 1 71  ? -17.274 3.275   -4.767  1.00 27.76 ? 70  ILE A N   1 
ATOM   582  C  CA  . ILE A 1 71  ? -17.669 2.357   -3.719  1.00 27.96 ? 70  ILE A CA  1 
ATOM   583  C  C   . ILE A 1 71  ? -18.879 2.908   -2.992  1.00 28.08 ? 70  ILE A C   1 
ATOM   584  O  O   . ILE A 1 71  ? -18.881 4.059   -2.575  1.00 27.63 ? 70  ILE A O   1 
ATOM   585  C  CB  . ILE A 1 71  ? -16.489 2.133   -2.715  1.00 27.69 ? 70  ILE A CB  1 
ATOM   586  C  CG1 . ILE A 1 71  ? -15.209 1.760   -3.474  1.00 30.16 ? 70  ILE A CG1 1 
ATOM   587  C  CG2 . ILE A 1 71  ? -16.850 1.080   -1.712  1.00 28.26 ? 70  ILE A CG2 1 
ATOM   588  C  CD1 . ILE A 1 71  ? -13.992 1.496   -2.594  1.00 31.02 ? 70  ILE A CD1 1 
ATOM   589  N  N   . SER A 1 72  ? -19.893 2.064   -2.823  1.00 28.15 ? 71  SER A N   1 
ATOM   590  C  CA  . SER A 1 72  ? -21.144 2.451   -2.189  1.00 28.53 ? 71  SER A CA  1 
ATOM   591  C  C   . SER A 1 72  ? -21.732 1.319   -1.378  1.00 28.51 ? 71  SER A C   1 
ATOM   592  O  O   . SER A 1 72  ? -21.281 0.157   -1.463  1.00 28.05 ? 71  SER A O   1 
ATOM   593  C  CB  . SER A 1 72  ? -22.148 2.892   -3.260  1.00 28.95 ? 71  SER A CB  1 
ATOM   594  O  OG  . SER A 1 72  ? -22.298 1.911   -4.263  1.00 29.64 ? 71  SER A OG  1 
ATOM   595  N  N   . VAL A 1 73  ? -22.714 1.672   -0.552  1.00 27.91 ? 72  VAL A N   1 
ATOM   596  C  CA  . VAL A 1 73  ? -23.451 0.717   0.231   1.00 28.17 ? 72  VAL A CA  1 
ATOM   597  C  C   . VAL A 1 73  ? -24.825 0.521   -0.415  1.00 29.18 ? 72  VAL A C   1 
ATOM   598  O  O   . VAL A 1 73  ? -25.458 1.475   -0.829  1.00 28.48 ? 72  VAL A O   1 
ATOM   599  C  CB  . VAL A 1 73  ? -23.621 1.183   1.669   1.00 28.45 ? 72  VAL A CB  1 
ATOM   600  C  CG1 . VAL A 1 73  ? -24.421 0.175   2.478   1.00 28.73 ? 72  VAL A CG1 1 
ATOM   601  C  CG2 . VAL A 1 73  ? -22.261 1.451   2.302   1.00 29.89 ? 72  VAL A CG2 1 
ATOM   602  N  N   . ARG A 1 74  ? -25.260 -0.736  -0.495  1.00 29.89 ? 73  ARG A N   1 
ATOM   603  C  CA  . ARG A 1 74  ? -26.531 -1.105  -1.088  1.00 30.10 ? 73  ARG A CA  1 
ATOM   604  C  C   . ARG A 1 74  ? -27.297 -1.941  -0.076  1.00 30.32 ? 73  ARG A C   1 
ATOM   605  O  O   . ARG A 1 74  ? -26.702 -2.772  0.624   1.00 30.04 ? 73  ARG A O   1 
ATOM   606  C  CB  A ARG A 1 74  ? -26.284 -1.892  -2.370  0.59 30.57 ? 73  ARG A CB  1 
ATOM   607  C  CB  B ARG A 1 74  ? -26.274 -1.884  -2.382  0.41 30.15 ? 73  ARG A CB  1 
ATOM   608  C  CG  A ARG A 1 74  ? -27.528 -2.310  -3.136  0.59 32.28 ? 73  ARG A CG  1 
ATOM   609  C  CG  B ARG A 1 74  ? -27.442 -2.691  -2.972  0.41 30.24 ? 73  ARG A CG  1 
ATOM   610  C  CD  A ARG A 1 74  ? -27.202 -2.997  -4.443  0.59 35.18 ? 73  ARG A CD  1 
ATOM   611  C  CD  B ARG A 1 74  ? -27.156 -3.178  -4.393  0.41 30.81 ? 73  ARG A CD  1 
ATOM   612  N  NE  A ARG A 1 74  ? -27.415 -4.434  -4.342  0.59 38.07 ? 73  ARG A NE  1 
ATOM   613  N  NE  B ARG A 1 74  ? -26.010 -4.090  -4.442  0.41 29.77 ? 73  ARG A NE  1 
ATOM   614  C  CZ  A ARG A 1 74  ? -26.500 -5.379  -4.517  0.59 38.14 ? 73  ARG A CZ  1 
ATOM   615  C  CZ  B ARG A 1 74  ? -26.084 -5.416  -4.579  0.41 31.70 ? 73  ARG A CZ  1 
ATOM   616  N  NH1 A ARG A 1 74  ? -25.244 -5.085  -4.804  0.59 39.00 ? 73  ARG A NH1 1 
ATOM   617  N  NH1 B ARG A 1 74  ? -27.254 -6.036  -4.694  0.41 31.81 ? 73  ARG A NH1 1 
ATOM   618  N  NH2 A ARG A 1 74  ? -26.860 -6.646  -4.401  0.59 38.89 ? 73  ARG A NH2 1 
ATOM   619  N  NH2 B ARG A 1 74  ? -24.965 -6.135  -4.601  0.41 31.66 ? 73  ARG A NH2 1 
ATOM   620  N  N   . THR A 1 75  ? -28.594 -1.662  0.079   1.00 30.33 ? 74  THR A N   1 
ATOM   621  C  CA  . THR A 1 75  ? -29.486 -2.508  0.871   1.00 30.87 ? 74  THR A CA  1 
ATOM   622  C  C   . THR A 1 75  ? -30.622 -3.027  -0.027  1.00 31.23 ? 74  THR A C   1 
ATOM   623  O  O   . THR A 1 75  ? -31.099 -2.311  -0.916  1.00 31.26 ? 74  THR A O   1 
ATOM   624  C  CB  . THR A 1 75  ? -30.112 -1.737  2.048   1.00 31.45 ? 74  THR A CB  1 
ATOM   625  O  OG1 . THR A 1 75  ? -30.992 -0.720  1.536   1.00 33.83 ? 74  THR A OG1 1 
ATOM   626  C  CG2 . THR A 1 75  ? -29.057 -0.977  2.914   1.00 31.43 ? 74  THR A CG2 1 
ATOM   627  N  N   . ALA A 1 76  ? -31.032 -4.267  0.190   1.00 30.84 ? 75  ALA A N   1 
ATOM   628  C  CA  . ALA A 1 76  ? -32.176 -4.844  -0.506  1.00 31.47 ? 75  ALA A CA  1 
ATOM   629  C  C   . ALA A 1 76  ? -32.835 -5.793  0.482   1.00 31.69 ? 75  ALA A C   1 
ATOM   630  O  O   . ALA A 1 76  ? -32.218 -6.755  0.918   1.00 31.00 ? 75  ALA A O   1 
ATOM   631  C  CB  . ALA A 1 76  ? -31.730 -5.595  -1.775  1.00 31.30 ? 75  ALA A CB  1 
ATOM   632  N  N   . GLY A 1 77  ? -34.070 -5.498  0.874   1.00 32.52 ? 76  GLY A N   1 
ATOM   633  C  CA  . GLY A 1 77  ? -34.700 -6.220  1.963   1.00 33.27 ? 76  GLY A CA  1 
ATOM   634  C  C   . GLY A 1 77  ? -33.889 -6.040  3.245   1.00 33.64 ? 76  GLY A C   1 
ATOM   635  O  O   . GLY A 1 77  ? -33.540 -4.929  3.602   1.00 33.88 ? 76  GLY A O   1 
ATOM   636  N  N   . GLU A 1 78  ? -33.560 -7.135  3.916   1.00 34.35 ? 77  GLU A N   1 
ATOM   637  C  CA  . GLU A 1 78  ? -32.724 -7.060  5.119   1.00 35.61 ? 77  GLU A CA  1 
ATOM   638  C  C   . GLU A 1 78  ? -31.234 -7.381  4.827   1.00 35.10 ? 77  GLU A C   1 
ATOM   639  O  O   . GLU A 1 78  ? -30.447 -7.613  5.747   1.00 35.86 ? 77  GLU A O   1 
ATOM   640  C  CB  . GLU A 1 78  ? -33.295 -7.978  6.212   1.00 36.05 ? 77  GLU A CB  1 
ATOM   641  C  CG  . GLU A 1 78  ? -34.560 -7.395  6.852   1.00 40.23 ? 77  GLU A CG  1 
ATOM   642  C  CD  . GLU A 1 78  ? -35.413 -8.418  7.593   1.00 43.90 ? 77  GLU A CD  1 
ATOM   643  O  OE1 . GLU A 1 78  ? -34.889 -9.503  7.923   1.00 47.91 ? 77  GLU A OE1 1 
ATOM   644  O  OE2 . GLU A 1 78  ? -36.616 -8.135  7.838   1.00 46.28 ? 77  GLU A OE2 1 
ATOM   645  N  N   . GLU A 1 79  ? -30.853 -7.371  3.556   1.00 34.19 ? 78  GLU A N   1 
ATOM   646  C  CA  . GLU A 1 79  ? -29.475 -7.660  3.151   1.00 33.76 ? 78  GLU A CA  1 
ATOM   647  C  C   . GLU A 1 79  ? -28.739 -6.350  2.924   1.00 31.90 ? 78  GLU A C   1 
ATOM   648  O  O   . GLU A 1 79  ? -29.350 -5.343  2.531   1.00 30.08 ? 78  GLU A O   1 
ATOM   649  C  CB  . GLU A 1 79  ? -29.462 -8.496  1.880   1.00 34.29 ? 78  GLU A CB  1 
ATOM   650  C  CG  . GLU A 1 79  ? -30.204 -9.808  2.025   1.00 39.30 ? 78  GLU A CG  1 
ATOM   651  C  CD  . GLU A 1 79  ? -30.175 -10.651 0.757   1.00 45.81 ? 78  GLU A CD  1 
ATOM   652  O  OE1 . GLU A 1 79  ? -30.300 -10.082 -0.362  1.00 49.36 ? 78  GLU A OE1 1 
ATOM   653  O  OE2 . GLU A 1 79  ? -30.038 -11.896 0.887   1.00 51.34 ? 78  GLU A OE2 1 
ATOM   654  N  N   . THR A 1 80  ? -27.435 -6.365  3.190   1.00 29.59 ? 79  THR A N   1 
ATOM   655  C  CA  . THR A 1 80  ? -26.567 -5.208  2.994   1.00 29.06 ? 79  THR A CA  1 
ATOM   656  C  C   . THR A 1 80  ? -25.303 -5.639  2.253   1.00 28.15 ? 79  THR A C   1 
ATOM   657  O  O   . THR A 1 80  ? -24.737 -6.709  2.536   1.00 27.47 ? 79  THR A O   1 
ATOM   658  C  CB  . THR A 1 80  ? -26.207 -4.552  4.337   1.00 29.67 ? 79  THR A CB  1 
ATOM   659  O  OG1 . THR A 1 80  ? -27.407 -4.175  5.049   1.00 31.65 ? 79  THR A OG1 1 
ATOM   660  C  CG2 . THR A 1 80  ? -25.486 -3.223  4.145   1.00 28.75 ? 79  THR A CG2 1 
ATOM   661  N  N   . PHE A 1 81  ? -24.890 -4.795  1.318   1.00 26.90 ? 80  PHE A N   1 
ATOM   662  C  CA  . PHE A 1 81  ? -23.795 -5.060  0.417   1.00 27.02 ? 80  PHE A CA  1 
ATOM   663  C  C   . PHE A 1 81  ? -22.847 -3.874  0.354   1.00 27.16 ? 80  PHE A C   1 
ATOM   664  O  O   . PHE A 1 81  ? -23.283 -2.709  0.480   1.00 26.08 ? 80  PHE A O   1 
ATOM   665  C  CB  . PHE A 1 81  ? -24.303 -5.270  -1.013  1.00 27.09 ? 80  PHE A CB  1 
ATOM   666  C  CG  . PHE A 1 81  ? -25.317 -6.371  -1.156  1.00 27.32 ? 80  PHE A CG  1 
ATOM   667  C  CD1 . PHE A 1 81  ? -24.961 -7.605  -1.665  1.00 27.68 ? 80  PHE A CD1 1 
ATOM   668  C  CD2 . PHE A 1 81  ? -26.631 -6.154  -0.793  1.00 27.74 ? 80  PHE A CD2 1 
ATOM   669  C  CE1 . PHE A 1 81  ? -25.917 -8.599  -1.819  1.00 27.01 ? 80  PHE A CE1 1 
ATOM   670  C  CE2 . PHE A 1 81  ? -27.571 -7.147  -0.923  1.00 27.15 ? 80  PHE A CE2 1 
ATOM   671  C  CZ  . PHE A 1 81  ? -27.217 -8.362  -1.436  1.00 27.55 ? 80  PHE A CZ  1 
ATOM   672  N  N   . ILE A 1 82  ? -21.568 -4.159  0.103   1.00 26.67 ? 81  ILE A N   1 
ATOM   673  C  CA  . ILE A 1 82  ? -20.660 -3.121  -0.375  1.00 27.70 ? 81  ILE A CA  1 
ATOM   674  C  C   . ILE A 1 82  ? -20.377 -3.374  -1.840  1.00 27.27 ? 81  ILE A C   1 
ATOM   675  O  O   . ILE A 1 82  ? -19.986 -4.457  -2.195  1.00 26.86 ? 81  ILE A O   1 
ATOM   676  C  CB  . ILE A 1 82  ? -19.378 -3.075  0.459   1.00 27.85 ? 81  ILE A CB  1 
ATOM   677  C  CG1 . ILE A 1 82  ? -19.725 -2.760  1.903   1.00 29.54 ? 81  ILE A CG1 1 
ATOM   678  C  CG2 . ILE A 1 82  ? -18.433 -2.021  -0.107  1.00 29.03 ? 81  ILE A CG2 1 
ATOM   679  C  CD1 . ILE A 1 82  ? -18.525 -2.741  2.850   1.00 31.71 ? 81  ILE A CD1 1 
ATOM   680  N  N   . ASP A 1 83  ? -20.630 -2.379  -2.688  1.00 27.55 ? 82  ASP A N   1 
ATOM   681  C  CA  . ASP A 1 83  ? -20.461 -2.489  -4.124  1.00 27.76 ? 82  ASP A CA  1 
ATOM   682  C  C   . ASP A 1 83  ? -19.219 -1.722  -4.525  1.00 27.69 ? 82  ASP A C   1 
ATOM   683  O  O   . ASP A 1 83  ? -19.023 -0.603  -4.070  1.00 26.84 ? 82  ASP A O   1 
ATOM   684  C  CB  . ASP A 1 83  ? -21.625 -1.853  -4.898  1.00 28.37 ? 82  ASP A CB  1 
ATOM   685  C  CG  . ASP A 1 83  ? -22.886 -2.706  -4.921  1.00 32.84 ? 82  ASP A CG  1 
ATOM   686  O  OD1 . ASP A 1 83  ? -22.790 -3.947  -4.862  1.00 35.54 ? 82  ASP A OD1 1 
ATOM   687  O  OD2 . ASP A 1 83  ? -24.044 -2.206  -4.998  1.00 37.26 ? 82  ASP A OD2 1 
ATOM   688  N  N   . ILE A 1 84  ? -18.411 -2.317  -5.399  1.00 27.96 ? 83  ILE A N   1 
ATOM   689  C  CA  . ILE A 1 84  ? -17.283 -1.642  -6.026  1.00 29.34 ? 83  ILE A CA  1 
ATOM   690  C  C   . ILE A 1 84  ? -17.513 -1.671  -7.514  1.00 29.99 ? 83  ILE A C   1 
ATOM   691  O  O   . ILE A 1 84  ? -17.500 -2.739  -8.125  1.00 30.25 ? 83  ILE A O   1 
ATOM   692  C  CB  . ILE A 1 84  ? -15.954 -2.319  -5.661  1.00 29.59 ? 83  ILE A CB  1 
ATOM   693  C  CG1 . ILE A 1 84  ? -15.768 -2.280  -4.154  1.00 31.82 ? 83  ILE A CG1 1 
ATOM   694  C  CG2 . ILE A 1 84  ? -14.792 -1.626  -6.380  1.00 29.82 ? 83  ILE A CG2 1 
ATOM   695  C  CD1 . ILE A 1 84  ? -14.639 -3.124  -3.681  1.00 35.63 ? 83  ILE A CD1 1 
ATOM   696  N  N   . ALA A 1 85  ? -17.774 -0.498  -8.083  1.00 31.29 ? 84  ALA A N   1 
ATOM   697  C  CA  . ALA A 1 85  ? -18.034 -0.336  -9.502  1.00 32.41 ? 84  ALA A CA  1 
ATOM   698  C  C   . ALA A 1 85  ? -16.820 0.246   -10.217 1.00 33.46 ? 84  ALA A C   1 
ATOM   699  O  O   . ALA A 1 85  ? -16.311 1.303   -9.846  1.00 32.39 ? 84  ALA A O   1 
ATOM   700  C  CB  . ALA A 1 85  ? -19.256 0.594   -9.717  1.00 32.69 ? 84  ALA A CB  1 
ATOM   701  N  N   . LEU A 1 86  ? -16.364 -0.452  -11.248 1.00 35.10 ? 85  LEU A N   1 
ATOM   702  C  CA  . LEU A 1 86  ? -15.339 0.065   -12.132 1.00 36.66 ? 85  LEU A CA  1 
ATOM   703  C  C   . LEU A 1 86  ? -15.989 0.723   -13.344 1.00 38.72 ? 85  LEU A C   1 
ATOM   704  O  O   . LEU A 1 86  ? -16.846 0.123   -13.979 1.00 38.08 ? 85  LEU A O   1 
ATOM   705  C  CB  . LEU A 1 86  ? -14.437 -1.059  -12.617 1.00 36.57 ? 85  LEU A CB  1 
ATOM   706  C  CG  . LEU A 1 86  ? -13.576 -1.754  -11.573 1.00 36.90 ? 85  LEU A CG  1 
ATOM   707  C  CD1 . LEU A 1 86  ? -12.938 -2.967  -12.223 1.00 39.22 ? 85  LEU A CD1 1 
ATOM   708  C  CD2 . LEU A 1 86  ? -12.517 -0.817  -11.051 1.00 37.30 ? 85  LEU A CD2 1 
ATOM   709  N  N   . PRO A 1 87  ? -15.559 1.939   -13.675 1.00 41.26 ? 86  PRO A N   1 
ATOM   710  C  CA  . PRO A 1 87  ? -16.100 2.653   -14.832 1.00 42.74 ? 86  PRO A CA  1 
ATOM   711  C  C   . PRO A 1 87  ? -15.632 2.029   -16.147 1.00 44.20 ? 86  PRO A C   1 
ATOM   712  O  O   . PRO A 1 87  ? -14.700 1.211   -16.135 1.00 44.67 ? 86  PRO A O   1 
ATOM   713  C  CB  . PRO A 1 87  ? -15.536 4.064   -14.664 1.00 42.84 ? 86  PRO A CB  1 
ATOM   714  C  CG  . PRO A 1 87  ? -14.232 3.854   -13.939 1.00 42.65 ? 86  PRO A CG  1 
ATOM   715  C  CD  . PRO A 1 87  ? -14.511 2.719   -12.988 1.00 41.19 ? 86  PRO A CD  1 
ATOM   716  N  N   . PRO A 1 88  ? -16.301 2.365   -17.254 1.00 45.56 ? 87  PRO A N   1 
ATOM   717  C  CA  . PRO A 1 88  ? -15.963 1.820   -18.580 1.00 45.85 ? 87  PRO A CA  1 
ATOM   718  C  C   . PRO A 1 88  ? -14.486 1.907   -18.970 1.00 45.41 ? 87  PRO A C   1 
ATOM   719  O  O   . PRO A 1 88  ? -13.962 0.956   -19.559 1.00 45.69 ? 87  PRO A O   1 
ATOM   720  C  CB  . PRO A 1 88  ? -16.811 2.671   -19.531 1.00 46.20 ? 87  PRO A CB  1 
ATOM   721  C  CG  . PRO A 1 88  ? -18.007 3.015   -18.719 1.00 46.60 ? 87  PRO A CG  1 
ATOM   722  C  CD  . PRO A 1 88  ? -17.472 3.264   -17.320 1.00 46.18 ? 87  PRO A CD  1 
ATOM   723  N  N   . GLY A 1 89  ? -13.822 3.000   -18.626 1.00 44.59 ? 88  GLY A N   1 
ATOM   724  C  CA  . GLY A 1 89  ? -12.413 3.150   -18.976 1.00 44.33 ? 88  GLY A CA  1 
ATOM   725  C  C   . GLY A 1 89  ? -11.409 2.560   -17.984 1.00 43.26 ? 88  GLY A C   1 
ATOM   726  O  O   . GLY A 1 89  ? -10.221 2.846   -18.077 1.00 43.87 ? 88  GLY A O   1 
ATOM   727  N  N   . ALA A 1 90  ? -11.867 1.731   -17.047 1.00 41.85 ? 89  ALA A N   1 
ATOM   728  C  CA  . ALA A 1 90  ? -11.015 1.244   -15.962 1.00 40.04 ? 89  ALA A CA  1 
ATOM   729  C  C   . ALA A 1 90  ? -9.827  0.465   -16.517 1.00 38.76 ? 89  ALA A C   1 
ATOM   730  O  O   . ALA A 1 90  ? -9.969  -0.312  -17.453 1.00 39.13 ? 89  ALA A O   1 
ATOM   731  C  CB  . ALA A 1 90  ? -11.816 0.379   -15.017 1.00 39.90 ? 89  ALA A CB  1 
ATOM   732  N  N   . THR A 1 91  ? -8.657  0.657   -15.922 1.00 36.80 ? 90  THR A N   1 
ATOM   733  C  CA  . THR A 1 91  ? -7.442  0.022   -16.413 1.00 35.25 ? 90  THR A CA  1 
ATOM   734  C  C   . THR A 1 91  ? -7.215  -1.367  -15.831 1.00 34.09 ? 90  THR A C   1 
ATOM   735  O  O   . THR A 1 91  ? -7.860  -1.768  -14.867 1.00 33.54 ? 90  THR A O   1 
ATOM   736  C  CB  . THR A 1 91  ? -6.220  0.886   -16.063 1.00 35.29 ? 90  THR A CB  1 
ATOM   737  O  OG1 . THR A 1 91  ? -6.101  0.989   -14.643 1.00 34.18 ? 90  THR A OG1 1 
ATOM   738  C  CG2 . THR A 1 91  ? -6.399  2.321   -16.533 1.00 35.20 ? 90  THR A CG2 1 
ATOM   739  N  N   . HIS A 1 92  ? -6.265  -2.070  -16.431 1.00 33.01 ? 91  HIS A N   1 
ATOM   740  C  CA  . HIS A 1 92  ? -5.689  -3.289  -15.893 1.00 32.59 ? 91  HIS A CA  1 
ATOM   741  C  C   . HIS A 1 92  ? -5.347  -3.086  -14.424 1.00 31.81 ? 91  HIS A C   1 
ATOM   742  O  O   . HIS A 1 92  ? -5.679  -3.920  -13.594 1.00 30.92 ? 91  HIS A O   1 
ATOM   743  C  CB  . HIS A 1 92  ? -4.446  -3.675  -16.722 1.00 32.89 ? 91  HIS A CB  1 
ATOM   744  C  CG  . HIS A 1 92  ? -3.643  -4.807  -16.156 1.00 33.50 ? 91  HIS A CG  1 
ATOM   745  N  ND1 . HIS A 1 92  ? -3.991  -6.130  -16.325 1.00 35.59 ? 91  HIS A ND1 1 
ATOM   746  C  CD2 . HIS A 1 92  ? -2.494  -4.812  -15.439 1.00 34.59 ? 91  HIS A CD2 1 
ATOM   747  C  CE1 . HIS A 1 92  ? -3.101  -6.901  -15.722 1.00 34.49 ? 91  HIS A CE1 1 
ATOM   748  N  NE2 . HIS A 1 92  ? -2.175  -6.128  -15.188 1.00 35.01 ? 91  HIS A NE2 1 
ATOM   749  N  N   . GLY A 1 93  ? -4.715  -1.953  -14.113 1.00 30.98 ? 92  GLY A N   1 
ATOM   750  C  CA  . GLY A 1 93  ? -4.314  -1.636  -12.756 1.00 30.43 ? 92  GLY A CA  1 
ATOM   751  C  C   . GLY A 1 93  ? -5.484  -1.514  -11.794 1.00 29.65 ? 92  GLY A C   1 
ATOM   752  O  O   . GLY A 1 93  ? -5.448  -2.075  -10.704 1.00 29.05 ? 92  GLY A O   1 
ATOM   753  N  N   . ASP A 1 94  ? -6.516  -0.782  -12.204 1.00 29.55 ? 93  ASP A N   1 
ATOM   754  C  CA  . ASP A 1 94  ? -7.723  -0.589  -11.407 1.00 29.08 ? 93  ASP A CA  1 
ATOM   755  C  C   . ASP A 1 94  ? -8.374  -1.919  -11.052 1.00 29.14 ? 93  ASP A C   1 
ATOM   756  O  O   . ASP A 1 94  ? -8.840  -2.082  -9.943  1.00 29.08 ? 93  ASP A O   1 
ATOM   757  C  CB  . ASP A 1 94  ? -8.773  0.217   -12.176 1.00 29.45 ? 93  ASP A CB  1 
ATOM   758  C  CG  . ASP A 1 94  ? -8.414  1.682   -12.353 1.00 31.18 ? 93  ASP A CG  1 
ATOM   759  O  OD1 . ASP A 1 94  ? -7.783  2.310   -11.465 1.00 29.94 ? 93  ASP A OD1 1 
ATOM   760  O  OD2 . ASP A 1 94  ? -8.789  2.294   -13.375 1.00 34.53 ? 93  ASP A OD2 1 
ATOM   761  N  N   . LYS A 1 95  ? -8.429  -2.852  -12.004 1.00 29.06 ? 94  LYS A N   1 
ATOM   762  C  CA  . LYS A 1 95  ? -9.073  -4.131  -11.774 1.00 30.21 ? 94  LYS A CA  1 
ATOM   763  C  C   . LYS A 1 95  ? -8.348  -4.883  -10.661 1.00 29.35 ? 94  LYS A C   1 
ATOM   764  O  O   . LYS A 1 95  ? -8.978  -5.405  -9.750  1.00 29.34 ? 94  LYS A O   1 
ATOM   765  C  CB  . LYS A 1 95  ? -9.090  -4.995  -13.039 1.00 30.85 ? 94  LYS A CB  1 
ATOM   766  C  CG  . LYS A 1 95  ? -10.041 -4.490  -14.133 1.00 36.32 ? 94  LYS A CG  1 
ATOM   767  C  CD  . LYS A 1 95  ? -9.935  -5.372  -15.401 1.00 41.83 ? 94  LYS A CD  1 
ATOM   768  C  CE  . LYS A 1 95  ? -10.586 -4.751  -16.626 1.00 43.70 ? 94  LYS A CE  1 
ATOM   769  N  NZ  . LYS A 1 95  ? -10.224 -3.311  -16.789 1.00 48.47 ? 94  LYS A NZ  1 
ATOM   770  N  N   . GLY A 1 96  ? -7.026  -4.944  -10.761 1.00 28.04 ? 95  GLY A N   1 
ATOM   771  C  CA  . GLY A 1 96  ? -6.206  -5.561  -9.745  1.00 27.42 ? 95  GLY A CA  1 
ATOM   772  C  C   . GLY A 1 96  ? -6.375  -4.915  -8.384  1.00 27.15 ? 95  GLY A C   1 
ATOM   773  O  O   . GLY A 1 96  ? -6.540  -5.616  -7.384  1.00 26.67 ? 95  GLY A O   1 
ATOM   774  N  N   . LYS A 1 97  ? -6.370  -3.586  -8.328  1.00 26.56 ? 96  LYS A N   1 
ATOM   775  C  CA  . LYS A 1 97  ? -6.524  -2.915  -7.048  1.00 27.02 ? 96  LYS A CA  1 
ATOM   776  C  C   . LYS A 1 97  ? -7.899  -3.175  -6.447  1.00 26.78 ? 96  LYS A C   1 
ATOM   777  O  O   . LYS A 1 97  ? -8.008  -3.412  -5.246  1.00 26.43 ? 96  LYS A O   1 
ATOM   778  C  CB  . LYS A 1 97  ? -6.262  -1.421  -7.158  1.00 27.59 ? 96  LYS A CB  1 
ATOM   779  C  CG  . LYS A 1 97  ? -4.841  -1.079  -7.560  1.00 29.90 ? 96  LYS A CG  1 
ATOM   780  C  CD  . LYS A 1 97  ? -3.852  -1.458  -6.473  1.00 33.84 ? 96  LYS A CD  1 
ATOM   781  C  CE  . LYS A 1 97  ? -2.462  -1.047  -6.863  1.00 34.61 ? 96  LYS A CE  1 
ATOM   782  N  NZ  . LYS A 1 97  ? -1.866  -2.049  -7.696  1.00 37.74 ? 96  LYS A NZ  1 
ATOM   783  N  N   . ALA A 1 98  ? -8.935  -3.205  -7.281  1.00 26.50 ? 97  ALA A N   1 
ATOM   784  C  CA  . ALA A 1 98  ? -10.290 -3.461  -6.796  1.00 26.88 ? 97  ALA A CA  1 
ATOM   785  C  C   . ALA A 1 98  ? -10.352 -4.870  -6.252  1.00 27.14 ? 97  ALA A C   1 
ATOM   786  O  O   . ALA A 1 98  ? -10.952 -5.105  -5.219  1.00 27.35 ? 97  ALA A O   1 
ATOM   787  C  CB  . ALA A 1 98  ? -11.353 -3.275  -7.923  1.00 26.79 ? 97  ALA A CB  1 
ATOM   788  N  N   . ASN A 1 99  ? -9.730  -5.811  -6.951  1.00 27.76 ? 98  ASN A N   1 
ATOM   789  C  CA  . ASN A 1 99  ? -9.695  -7.192  -6.482  1.00 28.53 ? 98  ASN A CA  1 
ATOM   790  C  C   . ASN A 1 99  ? -9.003  -7.281  -5.117  1.00 27.81 ? 98  ASN A C   1 
ATOM   791  O  O   . ASN A 1 99  ? -9.513  -7.923  -4.212  1.00 25.93 ? 98  ASN A O   1 
ATOM   792  C  CB  . ASN A 1 99  ? -8.960  -8.090  -7.487  1.00 29.14 ? 98  ASN A CB  1 
ATOM   793  C  CG  . ASN A 1 99  ? -9.838  -8.540  -8.627  1.00 32.05 ? 98  ASN A CG  1 
ATOM   794  O  OD1 . ASN A 1 99  ? -11.068 -8.591  -8.506  1.00 34.39 ? 98  ASN A OD1 1 
ATOM   795  N  ND2 . ASN A 1 99  ? -9.207  -8.887  -9.755  1.00 34.02 ? 98  ASN A ND2 1 
ATOM   796  N  N   . GLU A 1 100 ? -7.867  -6.596  -4.972  1.00 27.74 ? 99  GLU A N   1 
ATOM   797  C  CA  . GLU A 1 100 ? -7.104  -6.595  -3.720  1.00 28.58 ? 99  GLU A CA  1 
ATOM   798  C  C   . GLU A 1 100 ? -7.917  -6.026  -2.546  1.00 28.21 ? 99  GLU A C   1 
ATOM   799  O  O   . GLU A 1 100 ? -7.977  -6.613  -1.480  1.00 28.48 ? 99  GLU A O   1 
ATOM   800  C  CB  . GLU A 1 100 ? -5.808  -5.785  -3.882  1.00 29.37 ? 99  GLU A CB  1 
ATOM   801  C  CG  . GLU A 1 100 ? -4.767  -6.494  -4.723  1.00 32.58 ? 99  GLU A CG  1 
ATOM   802  C  CD  . GLU A 1 100 ? -3.713  -5.565  -5.316  1.00 37.77 ? 99  GLU A CD  1 
ATOM   803  O  OE1 . GLU A 1 100 ? -3.386  -4.533  -4.695  1.00 40.17 ? 99  GLU A OE1 1 
ATOM   804  O  OE2 . GLU A 1 100 ? -3.189  -5.888  -6.408  1.00 42.32 ? 99  GLU A OE2 1 
ATOM   805  N  N   . PHE A 1 101 ? -8.528  -4.870  -2.743  1.00 27.78 ? 100 PHE A N   1 
ATOM   806  C  CA  . PHE A 1 101 ? -9.301  -4.250  -1.682  1.00 27.64 ? 100 PHE A CA  1 
ATOM   807  C  C   . PHE A 1 101 ? -10.553 -5.067  -1.336  1.00 26.39 ? 100 PHE A C   1 
ATOM   808  O  O   . PHE A 1 101 ? -10.923 -5.138  -0.178  1.00 26.03 ? 100 PHE A O   1 
ATOM   809  C  CB  . PHE A 1 101 ? -9.692  -2.814  -2.039  1.00 27.74 ? 100 PHE A CB  1 
ATOM   810  C  CG  . PHE A 1 101 ? -10.575 -2.186  -1.032  1.00 30.53 ? 100 PHE A CG  1 
ATOM   811  C  CD1 . PHE A 1 101 ? -10.097 -1.918  0.250   1.00 31.80 ? 100 PHE A CD1 1 
ATOM   812  C  CD2 . PHE A 1 101 ? -11.909 -1.916  -1.323  1.00 33.95 ? 100 PHE A CD2 1 
ATOM   813  C  CE1 . PHE A 1 101 ? -10.913 -1.370  1.199   1.00 32.76 ? 100 PHE A CE1 1 
ATOM   814  C  CE2 . PHE A 1 101 ? -12.733 -1.353  -0.365  1.00 33.71 ? 100 PHE A CE2 1 
ATOM   815  C  CZ  . PHE A 1 101 ? -12.239 -1.079  0.893   1.00 34.21 ? 100 PHE A CZ  1 
ATOM   816  N  N   . SER A 1 102 ? -11.183 -5.676  -2.333  1.00 25.38 ? 101 SER A N   1 
ATOM   817  C  CA  . SER A 1 102 ? -12.410 -6.422  -2.103  1.00 25.39 ? 101 SER A CA  1 
ATOM   818  C  C   . SER A 1 102 ? -12.127 -7.651  -1.236  1.00 25.20 ? 101 SER A C   1 
ATOM   819  O  O   . SER A 1 102 ? -12.869 -7.935  -0.285  1.00 24.93 ? 101 SER A O   1 
ATOM   820  C  CB  A SER A 1 102 ? -13.010 -6.919  -3.426  0.52 25.14 ? 101 SER A CB  1 
ATOM   821  C  CB  B SER A 1 102 ? -13.098 -6.793  -3.426  0.48 24.93 ? 101 SER A CB  1 
ATOM   822  O  OG  A SER A 1 102 ? -13.416 -5.868  -4.266  0.52 26.36 ? 101 SER A OG  1 
ATOM   823  O  OG  B SER A 1 102 ? -12.453 -7.870  -4.071  0.48 24.24 ? 101 SER A OG  1 
ATOM   824  N  N   . LYS A 1 103 ? -11.043 -8.360  -1.551  1.00 24.90 ? 102 LYS A N   1 
ATOM   825  C  CA  . LYS A 1 103 ? -10.650 -9.533  -0.771  1.00 25.62 ? 102 LYS A CA  1 
ATOM   826  C  C   . LYS A 1 103 ? -10.299 -9.152  0.659   1.00 25.08 ? 102 LYS A C   1 
ATOM   827  O  O   . LYS A 1 103 ? -10.731 -9.800  1.583   1.00 25.25 ? 102 LYS A O   1 
ATOM   828  C  CB  . LYS A 1 103 ? -9.490  -10.275 -1.440  1.00 25.69 ? 102 LYS A CB  1 
ATOM   829  C  CG  . LYS A 1 103 ? -9.945  -11.062 -2.642  1.00 28.36 ? 102 LYS A CG  1 
ATOM   830  C  CD  . LYS A 1 103 ? -8.785  -11.418 -3.563  1.00 31.58 ? 102 LYS A CD  1 
ATOM   831  C  CE  . LYS A 1 103 ? -9.267  -12.166 -4.806  1.00 32.36 ? 102 LYS A CE  1 
ATOM   832  N  NZ  . LYS A 1 103 ? -8.122  -12.361 -5.771  1.00 34.81 ? 102 LYS A NZ  1 
ATOM   833  N  N   . TRP A 1 104 ? -9.513  -8.100  0.845   1.00 24.82 ? 103 TRP A N   1 
ATOM   834  C  CA  . TRP A 1 104 ? -9.211  -7.627  2.203   1.00 24.94 ? 103 TRP A CA  1 
ATOM   835  C  C   . TRP A 1 104 ? -10.488 -7.269  2.970   1.00 25.22 ? 103 TRP A C   1 
ATOM   836  O  O   . TRP A 1 104 ? -10.659 -7.613  4.144   1.00 25.69 ? 103 TRP A O   1 
ATOM   837  C  CB  . TRP A 1 104 ? -8.309  -6.405  2.150   1.00 24.55 ? 103 TRP A CB  1 
ATOM   838  C  CG  . TRP A 1 104 ? -7.971  -5.888  3.477   1.00 26.06 ? 103 TRP A CG  1 
ATOM   839  C  CD1 . TRP A 1 104 ? -6.932  -6.295  4.304   1.00 26.34 ? 103 TRP A CD1 1 
ATOM   840  C  CD2 . TRP A 1 104 ? -8.662  -4.859  4.186   1.00 26.07 ? 103 TRP A CD2 1 
ATOM   841  N  NE1 . TRP A 1 104 ? -6.968  -5.579  5.473   1.00 26.71 ? 103 TRP A NE1 1 
ATOM   842  C  CE2 . TRP A 1 104 ? -8.011  -4.690  5.426   1.00 26.87 ? 103 TRP A CE2 1 
ATOM   843  C  CE3 . TRP A 1 104 ? -9.762  -4.042  3.886   1.00 27.42 ? 103 TRP A CE3 1 
ATOM   844  C  CZ2 . TRP A 1 104 ? -8.423  -3.745  6.363   1.00 29.80 ? 103 TRP A CZ2 1 
ATOM   845  C  CZ3 . TRP A 1 104 ? -10.183 -3.121  4.832   1.00 29.54 ? 103 TRP A CZ3 1 
ATOM   846  C  CH2 . TRP A 1 104 ? -9.519  -2.985  6.055   1.00 29.59 ? 103 TRP A CH2 1 
ATOM   847  N  N   . LEU A 1 105 ? -11.395 -6.587  2.289   1.00 25.40 ? 104 LEU A N   1 
ATOM   848  C  CA  . LEU A 1 105 ? -12.665 -6.211  2.886   1.00 26.27 ? 104 LEU A CA  1 
ATOM   849  C  C   . LEU A 1 105 ? -13.459 -7.440  3.338   1.00 25.07 ? 104 LEU A C   1 
ATOM   850  O  O   . LEU A 1 105 ? -13.976 -7.473  4.433   1.00 24.62 ? 104 LEU A O   1 
ATOM   851  C  CB  . LEU A 1 105 ? -13.456 -5.409  1.862   1.00 26.92 ? 104 LEU A CB  1 
ATOM   852  C  CG  . LEU A 1 105 ? -14.582 -4.539  2.340   1.00 30.23 ? 104 LEU A CG  1 
ATOM   853  C  CD1 . LEU A 1 105 ? -14.049 -3.369  3.207   1.00 31.37 ? 104 LEU A CD1 1 
ATOM   854  C  CD2 . LEU A 1 105 ? -15.330 -4.053  1.102   1.00 32.80 ? 104 LEU A CD2 1 
ATOM   855  N  N   . ALA A 1 106 ? -13.530 -8.452  2.493   1.00 25.45 ? 105 ALA A N   1 
ATOM   856  C  CA  . ALA A 1 106 ? -14.255 -9.674  2.794   1.00 25.72 ? 105 ALA A CA  1 
ATOM   857  C  C   . ALA A 1 106 ? -13.628 -10.434 3.979   1.00 26.99 ? 105 ALA A C   1 
ATOM   858  O  O   . ALA A 1 106 ? -14.331 -10.909 4.848   1.00 26.13 ? 105 ALA A O   1 
ATOM   859  C  CB  . ALA A 1 106 ? -14.301 -10.559 1.561   1.00 25.77 ? 105 ALA A CB  1 
ATOM   860  N  N   . LYS A 1 107 ? -12.301 -10.542 4.004   1.00 28.51 ? 106 LYS A N   1 
ATOM   861  C  CA  . LYS A 1 107 ? -11.591 -11.137 5.144   1.00 29.96 ? 106 LYS A CA  1 
ATOM   862  C  C   . LYS A 1 107 ? -11.843 -10.355 6.412   1.00 29.48 ? 106 LYS A C   1 
ATOM   863  O  O   . LYS A 1 107 ? -11.945 -10.933 7.476   1.00 29.50 ? 106 LYS A O   1 
ATOM   864  C  CB  . LYS A 1 107 ? -10.079 -11.204 4.890   1.00 30.36 ? 106 LYS A CB  1 
ATOM   865  C  CG  . LYS A 1 107 ? -9.722  -12.232 3.838   1.00 34.54 ? 106 LYS A CG  1 
ATOM   866  C  CD  . LYS A 1 107 ? -8.287  -12.059 3.274   1.00 39.30 ? 106 LYS A CD  1 
ATOM   867  C  CE  . LYS A 1 107 ? -8.138  -12.803 1.953   1.00 41.39 ? 106 LYS A CE  1 
ATOM   868  N  NZ  . LYS A 1 107 ? -6.813  -12.548 1.278   1.00 45.16 ? 106 LYS A NZ  1 
ATOM   869  N  N   . THR A 1 108 ? -11.973 -9.042  6.302   1.00 29.24 ? 107 THR A N   1 
ATOM   870  C  CA  . THR A 1 108 ? -12.103 -8.210  7.498   1.00 29.66 ? 107 THR A CA  1 
ATOM   871  C  C   . THR A 1 108 ? -13.528 -8.281  8.084   1.00 29.74 ? 107 THR A C   1 
ATOM   872  O  O   . THR A 1 108 ? -13.697 -8.399  9.294   1.00 29.40 ? 107 THR A O   1 
ATOM   873  C  CB  . THR A 1 108 ? -11.712 -6.754  7.159   1.00 30.16 ? 107 THR A CB  1 
ATOM   874  O  OG1 . THR A 1 108 ? -10.356 -6.715  6.688   1.00 29.66 ? 107 THR A OG1 1 
ATOM   875  C  CG2 . THR A 1 108 ? -11.694 -5.845  8.399   1.00 30.91 ? 107 THR A CG2 1 
ATOM   876  N  N   . LEU A 1 109 ? -14.539 -8.242  7.211   1.00 29.06 ? 108 LEU A N   1 
ATOM   877  C  CA  . LEU A 1 109 ? -15.938 -8.134  7.636   1.00 28.61 ? 108 LEU A CA  1 
ATOM   878  C  C   . LEU A 1 109 ? -16.669 -9.461  7.631   1.00 28.38 ? 108 LEU A C   1 
ATOM   879  O  O   . LEU A 1 109 ? -17.676 -9.595  8.282   1.00 28.86 ? 108 LEU A O   1 
ATOM   880  C  CB  . LEU A 1 109 ? -16.687 -7.179  6.697   1.00 28.25 ? 108 LEU A CB  1 
ATOM   881  C  CG  . LEU A 1 109 ? -16.194 -5.737  6.679   1.00 28.72 ? 108 LEU A CG  1 
ATOM   882  C  CD1 . LEU A 1 109 ? -16.870 -4.932  5.547   1.00 28.42 ? 108 LEU A CD1 1 
ATOM   883  C  CD2 . LEU A 1 109 ? -16.424 -5.097  8.032   1.00 30.73 ? 108 LEU A CD2 1 
ATOM   884  N  N   . GLY A 1 110 ? -16.188 -10.427 6.854   1.00 28.07 ? 109 GLY A N   1 
ATOM   885  C  CA  . GLY A 1 110 ? -16.943 -11.635 6.578   1.00 27.74 ? 109 GLY A CA  1 
ATOM   886  C  C   . GLY A 1 110 ? -18.012 -11.391 5.510   1.00 27.90 ? 109 GLY A C   1 
ATOM   887  O  O   . GLY A 1 110 ? -18.204 -10.275 5.010   1.00 28.24 ? 109 GLY A O   1 
ATOM   888  N  N   . GLY A 1 111 ? -18.715 -12.451 5.152   1.00 28.01 ? 110 GLY A N   1 
ATOM   889  C  CA  . GLY A 1 111 ? -19.796 -12.382 4.189   1.00 28.06 ? 110 GLY A CA  1 
ATOM   890  C  C   . GLY A 1 111 ? -19.465 -13.163 2.934   1.00 28.35 ? 110 GLY A C   1 
ATOM   891  O  O   . GLY A 1 111 ? -18.607 -14.051 2.939   1.00 28.69 ? 110 GLY A O   1 
ATOM   892  N  N   . GLU A 1 112 ? -20.142 -12.825 1.848   1.00 27.79 ? 111 GLU A N   1 
ATOM   893  C  CA  . GLU A 1 112 ? -20.005 -13.545 0.595   1.00 28.20 ? 111 GLU A CA  1 
ATOM   894  C  C   . GLU A 1 112 ? -19.566 -12.568 -0.496  1.00 26.98 ? 111 GLU A C   1 
ATOM   895  O  O   . GLU A 1 112 ? -20.275 -11.612 -0.795  1.00 25.66 ? 111 GLU A O   1 
ATOM   896  C  CB  . GLU A 1 112 ? -21.338 -14.199 0.256   1.00 28.96 ? 111 GLU A CB  1 
ATOM   897  C  CG  . GLU A 1 112 ? -21.302 -15.159 -0.914  1.00 33.53 ? 111 GLU A CG  1 
ATOM   898  C  CD  . GLU A 1 112 ? -22.613 -15.930 -1.066  1.00 39.11 ? 111 GLU A CD  1 
ATOM   899  O  OE1 . GLU A 1 112 ? -23.125 -16.462 -0.058  1.00 42.57 ? 111 GLU A OE1 1 
ATOM   900  O  OE2 . GLU A 1 112 ? -23.142 -15.982 -2.198  1.00 43.59 ? 111 GLU A OE2 1 
ATOM   901  N  N   . LEU A 1 113 ? -18.371 -12.784 -1.036  1.00 25.66 ? 112 LEU A N   1 
ATOM   902  C  CA  . LEU A 1 113 ? -17.790 -11.928 -2.057  1.00 26.06 ? 112 LEU A CA  1 
ATOM   903  C  C   . LEU A 1 113 ? -18.074 -12.458 -3.457  1.00 26.31 ? 112 LEU A C   1 
ATOM   904  O  O   . LEU A 1 113 ? -17.744 -13.588 -3.771  1.00 26.91 ? 112 LEU A O   1 
ATOM   905  C  CB  . LEU A 1 113 ? -16.271 -11.843 -1.863  1.00 25.66 ? 112 LEU A CB  1 
ATOM   906  C  CG  . LEU A 1 113 ? -15.512 -10.849 -2.741  1.00 25.34 ? 112 LEU A CG  1 
ATOM   907  C  CD1 . LEU A 1 113 ? -15.936 -9.423  -2.445  1.00 25.46 ? 112 LEU A CD1 1 
ATOM   908  C  CD2 . LEU A 1 113 ? -14.027 -10.996 -2.463  1.00 26.37 ? 112 LEU A CD2 1 
ATOM   909  N  N   . HIS A 1 114 ? -18.667 -11.627 -4.303  1.00 26.65 ? 113 HIS A N   1 
ATOM   910  C  CA  . HIS A 1 114 ? -18.893 -11.958 -5.699  1.00 27.45 ? 113 HIS A CA  1 
ATOM   911  C  C   . HIS A 1 114 ? -17.986 -11.070 -6.530  1.00 27.08 ? 113 HIS A C   1 
ATOM   912  O  O   . HIS A 1 114 ? -18.260 -9.886  -6.723  1.00 25.86 ? 113 HIS A O   1 
ATOM   913  C  CB  . HIS A 1 114 ? -20.361 -11.755 -6.073  1.00 28.23 ? 113 HIS A CB  1 
ATOM   914  C  CG  . HIS A 1 114 ? -21.321 -12.295 -5.055  1.00 31.77 ? 113 HIS A CG  1 
ATOM   915  N  ND1 . HIS A 1 114 ? -21.930 -11.498 -4.105  1.00 37.12 ? 113 HIS A ND1 1 
ATOM   916  C  CD2 . HIS A 1 114 ? -21.767 -13.553 -4.831  1.00 35.19 ? 113 HIS A CD2 1 
ATOM   917  C  CE1 . HIS A 1 114 ? -22.714 -12.243 -3.343  1.00 36.10 ? 113 HIS A CE1 1 
ATOM   918  N  NE2 . HIS A 1 114 ? -22.631 -13.494 -3.761  1.00 36.39 ? 113 HIS A NE2 1 
ATOM   919  N  N   . LEU A 1 115 ? -16.881 -11.652 -6.974  1.00 27.29 ? 114 LEU A N   1 
ATOM   920  C  CA  . LEU A 1 115 ? -15.879 -10.945 -7.754  1.00 29.01 ? 114 LEU A CA  1 
ATOM   921  C  C   . LEU A 1 115 ? -16.349 -10.773 -9.192  1.00 29.54 ? 114 LEU A C   1 
ATOM   922  O  O   . LEU A 1 115 ? -17.171 -11.550 -9.674  1.00 28.01 ? 114 LEU A O   1 
ATOM   923  C  CB  . LEU A 1 115 ? -14.580 -11.726 -7.725  1.00 29.23 ? 114 LEU A CB  1 
ATOM   924  C  CG  . LEU A 1 115 ? -13.920 -11.762 -6.337  1.00 31.39 ? 114 LEU A CG  1 
ATOM   925  C  CD1 . LEU A 1 115 ? -13.001 -12.951 -6.174  1.00 33.70 ? 114 LEU A CD1 1 
ATOM   926  C  CD2 . LEU A 1 115 ? -13.140 -10.500 -6.114  1.00 34.01 ? 114 LEU A CD2 1 
ATOM   927  N  N   . PHE A 1 116 ? -15.822 -9.782  -9.895  1.00 31.62 ? 115 PHE A N   1 
ATOM   928  C  CA  . PHE A 1 116 ? -16.330 -9.517  -11.244 1.00 33.59 ? 115 PHE A CA  1 
ATOM   929  C  C   . PHE A 1 116 ? -15.882 -10.602 -12.225 1.00 33.39 ? 115 PHE A C   1 
ATOM   930  O  O   . PHE A 1 116 ? -16.426 -10.707 -13.296 1.00 32.81 ? 115 PHE A O   1 
ATOM   931  C  CB  . PHE A 1 116 ? -16.002 -8.101  -11.767 1.00 34.99 ? 115 PHE A CB  1 
ATOM   932  C  CG  . PHE A 1 116 ? -14.557 -7.732  -11.676 1.00 37.47 ? 115 PHE A CG  1 
ATOM   933  C  CD1 . PHE A 1 116 ? -13.654 -8.145  -12.646 1.00 41.23 ? 115 PHE A CD1 1 
ATOM   934  C  CD2 . PHE A 1 116 ? -14.109 -6.968  -10.624 1.00 39.96 ? 115 PHE A CD2 1 
ATOM   935  C  CE1 . PHE A 1 116 ? -12.308 -7.792  -12.555 1.00 42.99 ? 115 PHE A CE1 1 
ATOM   936  C  CE2 . PHE A 1 116 ? -12.794 -6.627  -10.506 1.00 41.36 ? 115 PHE A CE2 1 
ATOM   937  C  CZ  . PHE A 1 116 ? -11.881 -7.031  -11.476 1.00 43.69 ? 115 PHE A CZ  1 
ATOM   938  N  N   . SER A 1 117 ? -14.910 -11.417 -11.835 1.00 33.14 ? 116 SER A N   1 
ATOM   939  C  CA  . SER A 1 117 ? -14.518 -12.581 -12.623 1.00 33.42 ? 116 SER A CA  1 
ATOM   940  C  C   . SER A 1 117 ? -15.561 -13.718 -12.630 1.00 33.18 ? 116 SER A C   1 
ATOM   941  O  O   . SER A 1 117 ? -15.369 -14.706 -13.325 1.00 33.04 ? 116 SER A O   1 
ATOM   942  C  CB  . SER A 1 117 ? -13.222 -13.155 -12.047 1.00 33.50 ? 116 SER A CB  1 
ATOM   943  O  OG  . SER A 1 117 ? -13.495 -13.829 -10.820 1.00 33.15 ? 116 SER A OG  1 
ATOM   944  N  N   . GLY A 1 118 ? -16.620 -13.601 -11.823 1.00 32.83 ? 117 GLY A N   1 
ATOM   945  C  CA  . GLY A 1 118 ? -17.603 -14.657 -11.644 1.00 32.49 ? 117 GLY A CA  1 
ATOM   946  C  C   . GLY A 1 118 ? -17.324 -15.599 -10.476 1.00 32.64 ? 117 GLY A C   1 
ATOM   947  O  O   . GLY A 1 118 ? -18.141 -16.424 -10.146 1.00 32.50 ? 117 GLY A O   1 
ATOM   948  N  N   . ARG A 1 119 ? -16.171 -15.462 -9.840  1.00 33.12 ? 118 ARG A N   1 
ATOM   949  C  CA  . ARG A 1 119 ? -15.812 -16.261 -8.671  1.00 32.95 ? 118 ARG A CA  1 
ATOM   950  C  C   . ARG A 1 119 ? -16.537 -15.757 -7.429  1.00 32.60 ? 118 ARG A C   1 
ATOM   951  O  O   . ARG A 1 119 ? -16.678 -14.572 -7.237  1.00 31.15 ? 118 ARG A O   1 
ATOM   952  C  CB  . ARG A 1 119 ? -14.308 -16.153 -8.462  1.00 33.39 ? 118 ARG A CB  1 
ATOM   953  C  CG  . ARG A 1 119 ? -13.711 -17.047 -7.418  1.00 36.37 ? 118 ARG A CG  1 
ATOM   954  C  CD  . ARG A 1 119 ? -12.183 -16.850 -7.290  1.00 39.31 ? 118 ARG A CD  1 
ATOM   955  N  NE  . ARG A 1 119 ? -11.633 -17.377 -6.036  1.00 40.53 ? 118 ARG A NE  1 
ATOM   956  C  CZ  . ARG A 1 119 ? -10.466 -17.006 -5.517  1.00 43.96 ? 118 ARG A CZ  1 
ATOM   957  N  NH1 . ARG A 1 119 ? -9.700  -16.103 -6.119  1.00 44.37 ? 118 ARG A NH1 1 
ATOM   958  N  NH2 . ARG A 1 119 ? -10.055 -17.542 -4.376  1.00 45.98 ? 118 ARG A NH2 1 
ATOM   959  N  N   . THR A 1 120 ? -16.992 -16.684 -6.598  1.00 32.60 ? 119 THR A N   1 
ATOM   960  C  CA  . THR A 1 120 ? -17.600 -16.386 -5.316  1.00 32.87 ? 119 THR A CA  1 
ATOM   961  C  C   . THR A 1 120 ? -16.702 -16.928 -4.193  1.00 32.69 ? 119 THR A C   1 
ATOM   962  O  O   . THR A 1 120 ? -16.294 -18.081 -4.234  1.00 32.43 ? 119 THR A O   1 
ATOM   963  C  CB  . THR A 1 120 ? -18.994 -17.034 -5.263  1.00 33.11 ? 119 THR A CB  1 
ATOM   964  O  OG1 . THR A 1 120 ? -19.875 -16.330 -6.148  1.00 34.66 ? 119 THR A OG1 1 
ATOM   965  C  CG2 . THR A 1 120 ? -19.644 -16.861 -3.901  1.00 33.11 ? 119 THR A CG2 1 
HETATM 966  N  N   . MSE A 1 121 ? -16.392 -16.102 -3.199  1.00 32.52 ? 120 MSE A N   1 
HETATM 967  C  CA  . MSE A 1 121 ? -15.630 -16.555 -2.027  1.00 32.62 ? 120 MSE A CA  1 
HETATM 968  C  C   . MSE A 1 121 ? -16.458 -16.322 -0.744  1.00 32.61 ? 120 MSE A C   1 
HETATM 969  O  O   . MSE A 1 121 ? -16.956 -15.221 -0.511  1.00 31.13 ? 120 MSE A O   1 
HETATM 970  C  CB  . MSE A 1 121 ? -14.300 -15.804 -1.928  1.00 32.72 ? 120 MSE A CB  1 
HETATM 971  C  CG  . MSE A 1 121 ? -13.443 -15.795 -3.190  1.00 34.41 ? 120 MSE A CG  1 
HETATM 972  SE SE  . MSE A 1 121 ? -11.821 -14.697 -2.937  0.81 42.68 ? 120 MSE A SE  1 
HETATM 973  C  CE  . MSE A 1 121 ? -11.083 -15.766 -1.501  1.00 38.63 ? 120 MSE A CE  1 
ATOM   974  N  N   . VAL A 1 122 ? -16.596 -17.349 0.089   1.00 32.82 ? 121 VAL A N   1 
ATOM   975  C  CA  . VAL A 1 122 ? -17.379 -17.253 1.327   1.00 33.96 ? 121 VAL A CA  1 
ATOM   976  C  C   . VAL A 1 122 ? -16.485 -17.175 2.569   1.00 34.64 ? 121 VAL A C   1 
ATOM   977  O  O   . VAL A 1 122 ? -15.648 -18.040 2.790   1.00 34.48 ? 121 VAL A O   1 
ATOM   978  C  CB  . VAL A 1 122 ? -18.368 -18.440 1.460   1.00 34.29 ? 121 VAL A CB  1 
ATOM   979  C  CG1 . VAL A 1 122 ? -19.127 -18.397 2.780   1.00 35.33 ? 121 VAL A CG1 1 
ATOM   980  C  CG2 . VAL A 1 122 ? -19.350 -18.451 0.287   1.00 34.90 ? 121 VAL A CG2 1 
ATOM   981  N  N   . PHE A 1 123 ? -16.677 -16.125 3.367   1.00 35.34 ? 122 PHE A N   1 
ATOM   982  C  CA  . PHE A 1 123 ? -15.980 -15.937 4.640   1.00 36.06 ? 122 PHE A CA  1 
ATOM   983  C  C   . PHE A 1 123 ? -16.946 -16.028 5.824   1.00 37.33 ? 122 PHE A C   1 
ATOM   984  O  O   . PHE A 1 123 ? -17.613 -15.052 6.158   1.00 38.49 ? 122 PHE A O   1 
ATOM   985  C  CB  . PHE A 1 123 ? -15.282 -14.582 4.639   1.00 35.34 ? 122 PHE A CB  1 
ATOM   986  C  CG  . PHE A 1 123 ? -14.254 -14.444 3.573   1.00 34.44 ? 122 PHE A CG  1 
ATOM   987  C  CD1 . PHE A 1 123 ? -12.919 -14.648 3.855   1.00 34.19 ? 122 PHE A CD1 1 
ATOM   988  C  CD2 . PHE A 1 123 ? -14.620 -14.117 2.271   1.00 35.04 ? 122 PHE A CD2 1 
ATOM   989  C  CE1 . PHE A 1 123 ? -11.954 -14.517 2.865   1.00 34.22 ? 122 PHE A CE1 1 
ATOM   990  C  CE2 . PHE A 1 123 ? -13.661 -13.994 1.277   1.00 34.69 ? 122 PHE A CE2 1 
ATOM   991  C  CZ  . PHE A 1 123 ? -12.331 -14.189 1.578   1.00 33.64 ? 122 PHE A CZ  1 
ATOM   992  N  N   . GLY A 1 124 ? -17.013 -17.199 6.458   1.00 38.58 ? 123 GLY A N   1 
ATOM   993  C  CA  . GLY A 1 124 ? -17.973 -17.487 7.531   1.00 39.46 ? 123 GLY A CA  1 
ATOM   994  C  C   A GLY A 1 124 ? -18.600 -18.730 6.916   0.51 39.51 ? 123 GLY A C   1 
ATOM   995  C  C   B GLY A 1 124 ? -17.696 -16.363 8.519   0.49 39.60 ? 123 GLY A C   1 
ATOM   996  O  O   A GLY A 1 124 ? -17.971 -19.791 6.850   0.51 39.83 ? 123 GLY A O   1 
ATOM   997  O  O   B GLY A 1 124 ? -16.590 -16.210 9.046   0.49 40.03 ? 123 GLY A O   1 
HETATM 998  N  N   . NO3 B 2 .   ? -10.494 -13.520 -8.715  1.00 45.24 ? 201 NO3 A N   1 
HETATM 999  O  O1  . NO3 B 2 .   ? -10.706 -12.186 -9.086  1.00 46.00 ? 201 NO3 A O1  1 
HETATM 1000 O  O2  . NO3 B 2 .   ? -9.443  -13.859 -7.845  1.00 44.94 ? 201 NO3 A O2  1 
HETATM 1001 O  O3  . NO3 B 2 .   ? -11.371 -14.485 -9.207  1.00 45.39 ? 201 NO3 A O3  1 
HETATM 1002 O  O   . HOH C 3 .   ? -23.691 4.441   -0.353  1.00 26.26 ? 202 HOH A O   1 
HETATM 1003 O  O   . HOH C 3 .   ? 18.834  -1.501  10.894  1.00 30.68 ? 203 HOH A O   1 
HETATM 1004 O  O   . HOH C 3 .   ? 43.277  -1.689  6.442   1.00 40.24 ? 204 HOH A O   1 
HETATM 1005 O  O   . HOH C 3 .   ? -5.484  8.608   -13.302 1.00 33.83 ? 205 HOH A O   1 
HETATM 1006 O  O   . HOH C 3 .   ? 5.366   1.410   5.545   1.00 28.98 ? 206 HOH A O   1 
HETATM 1007 O  O   . HOH C 3 .   ? -3.091  -0.104  -15.580 1.00 29.89 ? 207 HOH A O   1 
HETATM 1008 O  O   . HOH C 3 .   ? -3.121  -3.495  -9.614  1.00 32.98 ? 208 HOH A O   1 
HETATM 1009 O  O   . HOH C 3 .   ? -22.139 12.437  1.074   1.00 39.35 ? 209 HOH A O   1 
HETATM 1010 O  O   . HOH C 3 .   ? 6.059   6.818   -3.937  1.00 33.26 ? 210 HOH A O   1 
HETATM 1011 O  O   . HOH C 3 .   ? 16.881  5.291   12.749  1.00 43.58 ? 211 HOH A O   1 
HETATM 1012 O  O   . HOH C 3 .   ? 35.929  -1.662  1.641   1.00 43.12 ? 212 HOH A O   1 
HETATM 1013 O  O   . HOH C 3 .   ? -8.062  8.118   1.836   1.00 40.47 ? 213 HOH A O   1 
HETATM 1014 O  O   . HOH C 3 .   ? -14.654 -2.227  -16.506 1.00 40.98 ? 214 HOH A O   1 
HETATM 1015 O  O   . HOH C 3 .   ? 0.103   6.980   -4.682  1.00 29.93 ? 215 HOH A O   1 
HETATM 1016 O  O   . HOH C 3 .   ? -34.327 -9.718  2.908   1.00 35.14 ? 216 HOH A O   1 
HETATM 1017 O  O   . HOH C 3 .   ? -1.336  3.362   1.203   1.00 36.05 ? 217 HOH A O   1 
HETATM 1018 O  O   . HOH C 3 .   ? -26.532 -8.938  4.364   1.00 34.54 ? 218 HOH A O   1 
HETATM 1019 O  O   . HOH C 3 .   ? 40.756  1.551   20.548  1.00 45.34 ? 219 HOH A O   1 
HETATM 1020 O  O   . HOH C 3 .   ? -20.472 1.748   -6.140  1.00 36.70 ? 220 HOH A O   1 
HETATM 1021 O  O   . HOH C 3 .   ? -6.056  -8.238  -0.551  1.00 34.84 ? 221 HOH A O   1 
HETATM 1022 O  O   . HOH C 3 .   ? -12.327 -10.413 -10.264 1.00 36.16 ? 222 HOH A O   1 
HETATM 1023 O  O   . HOH C 3 .   ? -0.190  5.817   -13.045 1.00 49.41 ? 223 HOH A O   1 
HETATM 1024 O  O   . HOH C 3 .   ? -24.514 0.456   -4.530  1.00 49.27 ? 224 HOH A O   1 
HETATM 1025 O  O   . HOH C 3 .   ? -22.653 9.995   -6.132  1.00 46.60 ? 225 HOH A O   1 
HETATM 1026 O  O   . HOH C 3 .   ? -13.457 -19.756 -4.526  1.00 46.16 ? 226 HOH A O   1 
HETATM 1027 O  O   . HOH C 3 .   ? -0.469  8.401   -2.662  1.00 38.02 ? 227 HOH A O   1 
HETATM 1028 O  O   . HOH C 3 .   ? 42.808  16.484  7.383   1.00 41.83 ? 228 HOH A O   1 
HETATM 1029 O  O   . HOH C 3 .   ? -19.146 -13.274 -8.920  1.00 39.90 ? 229 HOH A O   1 
HETATM 1030 O  O   . HOH C 3 .   ? -6.316  -9.871  1.594   1.00 51.10 ? 230 HOH A O   1 
HETATM 1031 O  O   . HOH C 3 .   ? -6.233  -9.958  -5.618  1.00 41.22 ? 231 HOH A O   1 
HETATM 1032 O  O   . HOH C 3 .   ? 14.534  4.942   -1.535  1.00 46.88 ? 232 HOH A O   1 
HETATM 1033 O  O   . HOH C 3 .   ? -5.455  -1.001  -19.225 1.00 47.21 ? 233 HOH A O   1 
HETATM 1034 O  O   . HOH C 3 .   ? 21.103  0.907   15.770  1.00 48.22 ? 234 HOH A O   1 
HETATM 1035 O  O   . HOH C 3 .   ? -15.303 -20.625 2.389   1.00 35.85 ? 235 HOH A O   1 
HETATM 1036 O  O   . HOH C 3 .   ? 31.044  7.574   17.424  1.00 41.43 ? 236 HOH A O   1 
HETATM 1037 O  O   . HOH C 3 .   ? -27.846 -5.827  6.639   1.00 48.06 ? 237 HOH A O   1 
HETATM 1038 O  O   . HOH C 3 .   ? 32.920  9.590   16.018  1.00 45.12 ? 238 HOH A O   1 
HETATM 1039 O  O   . HOH C 3 .   ? -15.195 5.408   -18.369 1.00 60.12 ? 239 HOH A O   1 
HETATM 1040 O  O   . HOH C 3 .   ? 30.249  12.193  13.168  1.00 50.50 ? 240 HOH A O   1 
HETATM 1041 O  O   . HOH C 3 .   ? -6.282  -9.588  -9.545  1.00 45.28 ? 241 HOH A O   1 
HETATM 1042 O  O   . HOH C 3 .   ? -30.220 -5.965  -4.695  1.00 44.19 ? 242 HOH A O   1 
HETATM 1043 O  O   . HOH C 3 .   ? 44.145  -4.201  0.093   1.00 60.30 ? 243 HOH A O   1 
HETATM 1044 O  O   . HOH C 3 .   ? -15.242 -20.013 -0.635  1.00 44.98 ? 244 HOH A O   1 
HETATM 1045 O  O   . HOH C 3 .   ? 43.419  -6.240  -2.125  1.00 55.41 ? 245 HOH A O   1 
HETATM 1046 O  O   . HOH C 3 .   ? 22.330  4.316   3.954   1.00 57.23 ? 246 HOH A O   1 
HETATM 1047 O  O   . HOH C 3 .   ? 20.773  2.627   2.872   1.00 46.59 ? 247 HOH A O   1 
HETATM 1048 O  O   . HOH C 3 .   ? 43.589  -0.499  0.849   1.00 46.50 ? 248 HOH A O   1 
HETATM 1049 O  O   . HOH C 3 .   ? 1.094   0.935   -8.383  1.00 43.70 ? 249 HOH A O   1 
HETATM 1050 O  O   . HOH C 3 .   ? -7.394  10.310  -0.089  1.00 46.86 ? 250 HOH A O   1 
HETATM 1051 O  O   . HOH C 3 .   ? 17.960  6.214   1.296   1.00 38.29 ? 251 HOH A O   1 
HETATM 1052 O  O   . HOH C 3 .   ? -33.763 -9.933  0.169   1.00 49.58 ? 252 HOH A O   1 
HETATM 1053 O  O   . HOH C 3 .   ? 14.964  -0.735  13.399  1.00 59.38 ? 253 HOH A O   1 
HETATM 1054 O  O   . HOH C 3 .   ? 24.677  9.346   11.465  1.00 53.55 ? 254 HOH A O   1 
HETATM 1055 O  O   . HOH C 3 .   ? -6.843  -14.560 -1.170  1.00 54.41 ? 255 HOH A O   1 
HETATM 1056 O  O   . HOH C 3 .   ? -22.830 15.312  -1.316  1.00 51.46 ? 256 HOH A O   1 
HETATM 1057 O  O   . HOH C 3 .   ? -27.626 -1.419  6.361   1.00 52.17 ? 257 HOH A O   1 
HETATM 1058 O  O   . HOH C 3 .   ? -25.694 -8.974  -5.727  1.00 51.26 ? 258 HOH A O   1 
HETATM 1059 O  O   . HOH C 3 .   ? -33.689 -1.469  1.254   1.00 36.79 ? 259 HOH A O   1 
HETATM 1060 O  O   . HOH C 3 .   ? -1.883  6.887   -1.450  1.00 44.39 ? 260 HOH A O   1 
HETATM 1061 O  O   . HOH C 3 .   ? 35.041  10.255  17.686  1.00 52.11 ? 261 HOH A O   1 
HETATM 1062 O  O   . HOH C 3 .   ? 11.737  4.556   -1.804  1.00 47.41 ? 262 HOH A O   1 
HETATM 1063 O  O   . HOH C 3 .   ? -14.365 -15.073 -15.944 1.00 44.76 ? 263 HOH A O   1 
HETATM 1064 O  O   . HOH C 3 .   ? -15.608 6.014   -10.720 1.00 45.53 ? 264 HOH A O   1 
HETATM 1065 O  O   . HOH C 3 .   ? 45.418  -6.080  1.148   1.00 56.45 ? 265 HOH A O   1 
HETATM 1066 O  O   . HOH C 3 .   ? -3.894  -2.570  -3.139  1.00 44.04 ? 266 HOH A O   1 
HETATM 1067 O  O   . HOH C 3 .   ? -5.314  10.675  -7.305  1.00 44.86 ? 267 HOH A O   1 
HETATM 1068 O  O   . HOH C 3 .   ? -30.058 -5.931  7.993   1.00 55.19 ? 268 HOH A O   1 
HETATM 1069 O  O   . HOH C 3 .   ? -5.437  -8.626  -7.485  1.00 46.71 ? 269 HOH A O   1 
HETATM 1070 O  O   . HOH C 3 .   ? -2.835  -5.796  -8.566  1.00 44.29 ? 270 HOH A O   1 
HETATM 1071 O  O   . HOH C 3 .   ? -8.116  9.219   -13.180 1.00 50.65 ? 271 HOH A O   1 
HETATM 1072 O  O   . HOH C 3 .   ? -13.618 7.452   -9.664  1.00 43.82 ? 272 HOH A O   1 
HETATM 1073 O  O   . HOH C 3 .   ? -14.378 13.642  1.316   1.00 58.34 ? 273 HOH A O   1 
HETATM 1074 O  O   . HOH C 3 .   ? 2.160   11.600  0.206   1.00 50.26 ? 274 HOH A O   1 
HETATM 1075 O  O   . HOH C 3 .   ? 25.154  1.612   2.418   1.00 44.25 ? 275 HOH A O   1 
HETATM 1076 O  O   . HOH C 3 .   ? 0.620   -1.499  -7.781  1.00 58.24 ? 276 HOH A O   1 
HETATM 1077 O  O   . HOH C 3 .   ? 4.340   8.822   -4.539  1.00 38.78 ? 277 HOH A O   1 
HETATM 1078 O  O   . HOH C 3 .   ? -30.913 -3.999  4.455   1.00 40.80 ? 278 HOH A O   1 
HETATM 1079 O  O   . HOH C 3 .   ? -8.416  -6.439  8.720   1.00 44.41 ? 279 HOH A O   1 
HETATM 1080 O  O   . HOH C 3 .   ? -19.808 -16.058 10.767  1.00 65.39 ? 280 HOH A O   1 
HETATM 1081 O  O   . HOH C 3 .   ? -17.028 -11.830 10.306  1.00 54.29 ? 281 HOH A O   1 
HETATM 1082 O  O   . HOH C 3 .   ? -0.490  -4.031  -4.696  1.00 54.35 ? 282 HOH A O   1 
HETATM 1083 O  O   . HOH C 3 .   ? -16.904 15.837  -4.147  1.00 55.61 ? 283 HOH A O   1 
HETATM 1084 O  O   . HOH C 3 .   ? -15.195 -1.003  -20.513 1.00 58.53 ? 284 HOH A O   1 
HETATM 1085 O  O   . HOH C 3 .   ? 13.692  5.765   12.035  1.00 51.90 ? 285 HOH A O   1 
HETATM 1086 O  O   . HOH C 3 .   ? -1.182  9.941   -0.896  1.00 53.71 ? 286 HOH A O   1 
HETATM 1087 O  O   . HOH C 3 .   ? -2.640  8.885   -3.724  1.00 43.63 ? 287 HOH A O   1 
HETATM 1088 O  O   . HOH C 3 .   ? -4.393  8.635   -0.941  1.00 55.94 ? 288 HOH A O   1 
HETATM 1089 O  O   . HOH C 3 .   ? -7.640  -15.415 -3.420  1.00 55.12 ? 289 HOH A O   1 
HETATM 1090 O  O   . HOH C 3 .   ? -18.051 3.489   -11.593 1.00 52.88 ? 290 HOH A O   1 
HETATM 1091 O  O   . HOH C 3 .   ? 22.424  7.355   11.255  1.00 49.24 ? 291 HOH A O   1 
HETATM 1092 O  O   . HOH C 3 .   ? 1.427   6.652   2.905   1.00 47.32 ? 292 HOH A O   1 
HETATM 1093 O  O   . HOH C 3 .   ? -7.087  -4.831  -18.933 1.00 57.95 ? 293 HOH A O   1 
HETATM 1094 O  O   . HOH C 3 .   ? -0.068  -6.384  -9.717  1.00 53.82 ? 294 HOH A O   1 
HETATM 1095 O  O   . HOH C 3 .   ? 46.192  2.463   2.871   1.00 49.26 ? 295 HOH A O   1 
HETATM 1096 O  O   . HOH C 3 .   ? 45.699  -1.906  0.596   1.00 66.46 ? 296 HOH A O   1 
HETATM 1097 O  O   . HOH C 3 .   ? 27.270  13.935  14.671  1.00 53.00 ? 297 HOH A O   1 
HETATM 1098 O  O   A HOH C 3 .   ? -17.514 -15.682 9.771   0.51 53.91 ? 298 HOH A O   1 
HETATM 1099 O  O   B HOH C 3 .   ? -20.156 -19.802 6.423   0.49 50.93 ? 298 HOH A O   1 
HETATM 1100 O  O   . HOH C 3 .   ? 5.887   4.259   -5.276  0.50 31.99 ? 299 HOH A O   1 
HETATM 1101 O  O   . HOH C 3 .   ? -14.959 -22.647 -2.757  0.33 48.14 ? 300 HOH A O   1 
# 
